data_3EYE
# 
_entry.id   3EYE 
# 
_audit_conform.dict_name       mmcif_pdbx.dic 
_audit_conform.dict_version    5.383 
_audit_conform.dict_location   http://mmcif.pdb.org/dictionaries/ascii/mmcif_pdbx.dic 
# 
loop_
_database_2.database_id 
_database_2.database_code 
_database_2.pdbx_database_accession 
_database_2.pdbx_DOI 
PDB   3EYE         pdb_00003eye 10.2210/pdb3eye/pdb 
RCSB  RCSB049922   ?            ?                   
WWPDB D_1000049922 ?            ?                   
# 
loop_
_pdbx_audit_revision_history.ordinal 
_pdbx_audit_revision_history.data_content_type 
_pdbx_audit_revision_history.major_revision 
_pdbx_audit_revision_history.minor_revision 
_pdbx_audit_revision_history.revision_date 
1 'Structure model' 1 0 2008-11-04 
2 'Structure model' 1 1 2011-07-13 
3 'Structure model' 1 2 2017-10-25 
4 'Structure model' 1 3 2018-11-14 
5 'Structure model' 1 4 2021-02-10 
6 'Structure model' 1 5 2023-12-27 
# 
_pdbx_audit_revision_details.ordinal             1 
_pdbx_audit_revision_details.revision_ordinal    1 
_pdbx_audit_revision_details.data_content_type   'Structure model' 
_pdbx_audit_revision_details.provider            repository 
_pdbx_audit_revision_details.type                'Initial release' 
_pdbx_audit_revision_details.description         ? 
_pdbx_audit_revision_details.details             ? 
# 
loop_
_pdbx_audit_revision_group.ordinal 
_pdbx_audit_revision_group.revision_ordinal 
_pdbx_audit_revision_group.data_content_type 
_pdbx_audit_revision_group.group 
1 2 'Structure model' 'Version format compliance' 
2 3 'Structure model' 'Refinement description'    
3 4 'Structure model' 'Data collection'           
4 4 'Structure model' 'Structure summary'         
5 5 'Structure model' 'Database references'       
6 5 'Structure model' 'Structure summary'         
7 6 'Structure model' 'Data collection'           
8 6 'Structure model' 'Database references'       
# 
loop_
_pdbx_audit_revision_category.ordinal 
_pdbx_audit_revision_category.revision_ordinal 
_pdbx_audit_revision_category.data_content_type 
_pdbx_audit_revision_category.category 
1 3 'Structure model' software        
2 4 'Structure model' audit_author    
3 5 'Structure model' audit_author    
4 5 'Structure model' citation_author 
5 6 'Structure model' chem_comp_atom  
6 6 'Structure model' chem_comp_bond  
7 6 'Structure model' database_2      
# 
loop_
_pdbx_audit_revision_item.ordinal 
_pdbx_audit_revision_item.revision_ordinal 
_pdbx_audit_revision_item.data_content_type 
_pdbx_audit_revision_item.item 
1 4 'Structure model' '_audit_author.identifier_ORCID'      
2 5 'Structure model' '_audit_author.identifier_ORCID'      
3 5 'Structure model' '_citation_author.identifier_ORCID'   
4 6 'Structure model' '_database_2.pdbx_DOI'                
5 6 'Structure model' '_database_2.pdbx_database_accession' 
# 
_pdbx_database_status.entry_id                        3EYE 
_pdbx_database_status.deposit_site                    RCSB 
_pdbx_database_status.process_site                    RCSB 
_pdbx_database_status.recvd_initial_deposition_date   2008-10-20 
_pdbx_database_status.status_code                     REL 
_pdbx_database_status.status_code_sf                  REL 
_pdbx_database_status.status_code_mr                  ? 
_pdbx_database_status.SG_entry                        Y 
_pdbx_database_status.pdb_format_compatible           Y 
_pdbx_database_status.status_code_cs                  ? 
_pdbx_database_status.methods_development_category    ? 
_pdbx_database_status.status_code_nmr_data            ? 
# 
_pdbx_database_related.db_name        TargetDB 
_pdbx_database_related.db_id          NYSGXRC-13945a 
_pdbx_database_related.details        . 
_pdbx_database_related.content_type   unspecified 
# 
loop_
_audit_author.name 
_audit_author.pdbx_ordinal 
_audit_author.identifier_ORCID 
'Bonanno, J.B.'                                                  1  ?                   
'Dickey, M.'                                                     2  ?                   
'Bain, K.T.'                                                     3  ?                   
'Do, J.'                                                         4  ?                   
'Sampathkumar, P.'                                               5  ?                   
'Wasserman, S.'                                                  6  ?                   
'Sauder, J.M.'                                                   7  0000-0002-0254-4955 
'Burley, S.K.'                                                   8  0000-0002-2487-9713 
'Almo, S.C.'                                                     9  ?                   
'New York SGX Research Center for Structural Genomics (NYSGXRC)' 10 ?                   
# 
_citation.id                        primary 
_citation.title                     
'Crystal structure of PTS system N-acetylgalactosamine-specific IIB component 1 from Escherichia coli' 
_citation.journal_abbrev            'To be Published' 
_citation.journal_volume            ? 
_citation.page_first                ? 
_citation.page_last                 ? 
_citation.year                      ? 
_citation.journal_id_ASTM           ? 
_citation.country                   ? 
_citation.journal_id_ISSN           ? 
_citation.journal_id_CSD            0353 
_citation.book_publisher            ? 
_citation.pdbx_database_id_PubMed   ? 
_citation.pdbx_database_id_DOI      ? 
# 
loop_
_citation_author.citation_id 
_citation_author.name 
_citation_author.ordinal 
_citation_author.identifier_ORCID 
primary 'Bonanno, J.B.'    1 ?                   
primary 'Dickey, M.'       2 ?                   
primary 'Bain, K.T.'       3 ?                   
primary 'Do, J.'           4 ?                   
primary 'Sampathkumar, P.' 5 ?                   
primary 'Wasserman, S.'    6 ?                   
primary 'Sauder, J.M.'     7 ?                   
primary 'Burley, S.K.'     8 0000-0002-2487-9713 
primary 'Almo, S.C.'       9 ?                   
# 
loop_
_entity.id 
_entity.type 
_entity.src_method 
_entity.pdbx_description 
_entity.formula_weight 
_entity.pdbx_number_of_molecules 
_entity.pdbx_ec 
_entity.pdbx_mutation 
_entity.pdbx_fragment 
_entity.details 
1 polymer man 'PTS system N-acetylgalactosamine-specific IIB component 1' 18844.490 1   2.7.1.69 ? ? ? 
2 water   nat water                                                       18.015    171 ?        ? ? ? 
# 
_entity_name_com.entity_id   1 
_entity_name_com.name        'EIIB-AGA, Galactosamine-specific PTS system enzyme IIB' 
# 
_entity_poly.entity_id                      1 
_entity_poly.type                           'polypeptide(L)' 
_entity_poly.nstd_linkage                   no 
_entity_poly.nstd_monomer                   no 
_entity_poly.pdbx_seq_one_letter_code       
;MSLSSPNILLTRIDNRLVHGQVGVTWTSTIGANLLVVVDDVVANDDIQQKLMGITAETYGFGIRFFTIEKTINVIGKAAP
HQKIFLICRTPQTVRKLVEGGIDLKDVNVGNMHFSEGKKQISSKVYVDDQDLTDLRFIKQRGVNVFIQDVPGDQKEQIPD
EGHHHHHH
;
_entity_poly.pdbx_seq_one_letter_code_can   
;MSLSSPNILLTRIDNRLVHGQVGVTWTSTIGANLLVVVDDVVANDDIQQKLMGITAETYGFGIRFFTIEKTINVIGKAAP
HQKIFLICRTPQTVRKLVEGGIDLKDVNVGNMHFSEGKKQISSKVYVDDQDLTDLRFIKQRGVNVFIQDVPGDQKEQIPD
EGHHHHHH
;
_entity_poly.pdbx_strand_id                 A 
_entity_poly.pdbx_target_identifier         NYSGXRC-13945a 
# 
_pdbx_entity_nonpoly.entity_id   2 
_pdbx_entity_nonpoly.name        water 
_pdbx_entity_nonpoly.comp_id     HOH 
# 
loop_
_entity_poly_seq.entity_id 
_entity_poly_seq.num 
_entity_poly_seq.mon_id 
_entity_poly_seq.hetero 
1 1   MET n 
1 2   SER n 
1 3   LEU n 
1 4   SER n 
1 5   SER n 
1 6   PRO n 
1 7   ASN n 
1 8   ILE n 
1 9   LEU n 
1 10  LEU n 
1 11  THR n 
1 12  ARG n 
1 13  ILE n 
1 14  ASP n 
1 15  ASN n 
1 16  ARG n 
1 17  LEU n 
1 18  VAL n 
1 19  HIS n 
1 20  GLY n 
1 21  GLN n 
1 22  VAL n 
1 23  GLY n 
1 24  VAL n 
1 25  THR n 
1 26  TRP n 
1 27  THR n 
1 28  SER n 
1 29  THR n 
1 30  ILE n 
1 31  GLY n 
1 32  ALA n 
1 33  ASN n 
1 34  LEU n 
1 35  LEU n 
1 36  VAL n 
1 37  VAL n 
1 38  VAL n 
1 39  ASP n 
1 40  ASP n 
1 41  VAL n 
1 42  VAL n 
1 43  ALA n 
1 44  ASN n 
1 45  ASP n 
1 46  ASP n 
1 47  ILE n 
1 48  GLN n 
1 49  GLN n 
1 50  LYS n 
1 51  LEU n 
1 52  MET n 
1 53  GLY n 
1 54  ILE n 
1 55  THR n 
1 56  ALA n 
1 57  GLU n 
1 58  THR n 
1 59  TYR n 
1 60  GLY n 
1 61  PHE n 
1 62  GLY n 
1 63  ILE n 
1 64  ARG n 
1 65  PHE n 
1 66  PHE n 
1 67  THR n 
1 68  ILE n 
1 69  GLU n 
1 70  LYS n 
1 71  THR n 
1 72  ILE n 
1 73  ASN n 
1 74  VAL n 
1 75  ILE n 
1 76  GLY n 
1 77  LYS n 
1 78  ALA n 
1 79  ALA n 
1 80  PRO n 
1 81  HIS n 
1 82  GLN n 
1 83  LYS n 
1 84  ILE n 
1 85  PHE n 
1 86  LEU n 
1 87  ILE n 
1 88  CYS n 
1 89  ARG n 
1 90  THR n 
1 91  PRO n 
1 92  GLN n 
1 93  THR n 
1 94  VAL n 
1 95  ARG n 
1 96  LYS n 
1 97  LEU n 
1 98  VAL n 
1 99  GLU n 
1 100 GLY n 
1 101 GLY n 
1 102 ILE n 
1 103 ASP n 
1 104 LEU n 
1 105 LYS n 
1 106 ASP n 
1 107 VAL n 
1 108 ASN n 
1 109 VAL n 
1 110 GLY n 
1 111 ASN n 
1 112 MET n 
1 113 HIS n 
1 114 PHE n 
1 115 SER n 
1 116 GLU n 
1 117 GLY n 
1 118 LYS n 
1 119 LYS n 
1 120 GLN n 
1 121 ILE n 
1 122 SER n 
1 123 SER n 
1 124 LYS n 
1 125 VAL n 
1 126 TYR n 
1 127 VAL n 
1 128 ASP n 
1 129 ASP n 
1 130 GLN n 
1 131 ASP n 
1 132 LEU n 
1 133 THR n 
1 134 ASP n 
1 135 LEU n 
1 136 ARG n 
1 137 PHE n 
1 138 ILE n 
1 139 LYS n 
1 140 GLN n 
1 141 ARG n 
1 142 GLY n 
1 143 VAL n 
1 144 ASN n 
1 145 VAL n 
1 146 PHE n 
1 147 ILE n 
1 148 GLN n 
1 149 ASP n 
1 150 VAL n 
1 151 PRO n 
1 152 GLY n 
1 153 ASP n 
1 154 GLN n 
1 155 LYS n 
1 156 GLU n 
1 157 GLN n 
1 158 ILE n 
1 159 PRO n 
1 160 ASP n 
1 161 GLU n 
1 162 GLY n 
1 163 HIS n 
1 164 HIS n 
1 165 HIS n 
1 166 HIS n 
1 167 HIS n 
1 168 HIS n 
# 
_entity_src_gen.entity_id                          1 
_entity_src_gen.pdbx_src_id                        1 
_entity_src_gen.pdbx_alt_source_flag               sample 
_entity_src_gen.pdbx_seq_type                      ? 
_entity_src_gen.pdbx_beg_seq_num                   ? 
_entity_src_gen.pdbx_end_seq_num                   ? 
_entity_src_gen.gene_src_common_name               ? 
_entity_src_gen.gene_src_genus                     ? 
_entity_src_gen.pdbx_gene_src_gene                 'agaB, ECs4018, Z4492' 
_entity_src_gen.gene_src_species                   ? 
_entity_src_gen.gene_src_strain                    ? 
_entity_src_gen.gene_src_tissue                    ? 
_entity_src_gen.gene_src_tissue_fraction           ? 
_entity_src_gen.gene_src_details                   ? 
_entity_src_gen.pdbx_gene_src_fragment             ? 
_entity_src_gen.pdbx_gene_src_scientific_name      'Escherichia coli O157:H7' 
_entity_src_gen.pdbx_gene_src_ncbi_taxonomy_id     83334 
_entity_src_gen.pdbx_gene_src_variant              ? 
_entity_src_gen.pdbx_gene_src_cell_line            ? 
_entity_src_gen.pdbx_gene_src_atcc                 ? 
_entity_src_gen.pdbx_gene_src_organ                ? 
_entity_src_gen.pdbx_gene_src_organelle            ? 
_entity_src_gen.pdbx_gene_src_cell                 ? 
_entity_src_gen.pdbx_gene_src_cellular_location    ? 
_entity_src_gen.host_org_common_name               ? 
_entity_src_gen.pdbx_host_org_scientific_name      'Escherichia coli' 
_entity_src_gen.pdbx_host_org_ncbi_taxonomy_id     562 
_entity_src_gen.host_org_genus                     ? 
_entity_src_gen.pdbx_host_org_gene                 ? 
_entity_src_gen.pdbx_host_org_organ                ? 
_entity_src_gen.host_org_species                   ? 
_entity_src_gen.pdbx_host_org_tissue               ? 
_entity_src_gen.pdbx_host_org_tissue_fraction      ? 
_entity_src_gen.pdbx_host_org_strain               'BL21(DE3)' 
_entity_src_gen.pdbx_host_org_variant              ? 
_entity_src_gen.pdbx_host_org_cell_line            ? 
_entity_src_gen.pdbx_host_org_atcc                 ? 
_entity_src_gen.pdbx_host_org_culture_collection   ? 
_entity_src_gen.pdbx_host_org_cell                 ? 
_entity_src_gen.pdbx_host_org_organelle            ? 
_entity_src_gen.pdbx_host_org_cellular_location    ? 
_entity_src_gen.pdbx_host_org_vector_type          plasmid 
_entity_src_gen.pdbx_host_org_vector               ? 
_entity_src_gen.host_org_details                   ? 
_entity_src_gen.expression_system_id               ? 
_entity_src_gen.plasmid_name                       'modified pET26' 
_entity_src_gen.plasmid_details                    ? 
_entity_src_gen.pdbx_description                   ? 
# 
loop_
_chem_comp.id 
_chem_comp.type 
_chem_comp.mon_nstd_flag 
_chem_comp.name 
_chem_comp.pdbx_synonyms 
_chem_comp.formula 
_chem_comp.formula_weight 
ALA 'L-peptide linking' y ALANINE         ? 'C3 H7 N O2'     89.093  
ARG 'L-peptide linking' y ARGININE        ? 'C6 H15 N4 O2 1' 175.209 
ASN 'L-peptide linking' y ASPARAGINE      ? 'C4 H8 N2 O3'    132.118 
ASP 'L-peptide linking' y 'ASPARTIC ACID' ? 'C4 H7 N O4'     133.103 
CYS 'L-peptide linking' y CYSTEINE        ? 'C3 H7 N O2 S'   121.158 
GLN 'L-peptide linking' y GLUTAMINE       ? 'C5 H10 N2 O3'   146.144 
GLU 'L-peptide linking' y 'GLUTAMIC ACID' ? 'C5 H9 N O4'     147.129 
GLY 'peptide linking'   y GLYCINE         ? 'C2 H5 N O2'     75.067  
HIS 'L-peptide linking' y HISTIDINE       ? 'C6 H10 N3 O2 1' 156.162 
HOH non-polymer         . WATER           ? 'H2 O'           18.015  
ILE 'L-peptide linking' y ISOLEUCINE      ? 'C6 H13 N O2'    131.173 
LEU 'L-peptide linking' y LEUCINE         ? 'C6 H13 N O2'    131.173 
LYS 'L-peptide linking' y LYSINE          ? 'C6 H15 N2 O2 1' 147.195 
MET 'L-peptide linking' y METHIONINE      ? 'C5 H11 N O2 S'  149.211 
PHE 'L-peptide linking' y PHENYLALANINE   ? 'C9 H11 N O2'    165.189 
PRO 'L-peptide linking' y PROLINE         ? 'C5 H9 N O2'     115.130 
SER 'L-peptide linking' y SERINE          ? 'C3 H7 N O3'     105.093 
THR 'L-peptide linking' y THREONINE       ? 'C4 H9 N O3'     119.119 
TRP 'L-peptide linking' y TRYPTOPHAN      ? 'C11 H12 N2 O2'  204.225 
TYR 'L-peptide linking' y TYROSINE        ? 'C9 H11 N O3'    181.189 
VAL 'L-peptide linking' y VALINE          ? 'C5 H11 N O2'    117.146 
# 
loop_
_pdbx_poly_seq_scheme.asym_id 
_pdbx_poly_seq_scheme.entity_id 
_pdbx_poly_seq_scheme.seq_id 
_pdbx_poly_seq_scheme.mon_id 
_pdbx_poly_seq_scheme.ndb_seq_num 
_pdbx_poly_seq_scheme.pdb_seq_num 
_pdbx_poly_seq_scheme.auth_seq_num 
_pdbx_poly_seq_scheme.pdb_mon_id 
_pdbx_poly_seq_scheme.auth_mon_id 
_pdbx_poly_seq_scheme.pdb_strand_id 
_pdbx_poly_seq_scheme.pdb_ins_code 
_pdbx_poly_seq_scheme.hetero 
A 1 1   MET 1   -1  ?   ?   ?   A . n 
A 1 2   SER 2   0   ?   ?   ?   A . n 
A 1 3   LEU 3   1   ?   ?   ?   A . n 
A 1 4   SER 4   2   ?   ?   ?   A . n 
A 1 5   SER 5   3   ?   ?   ?   A . n 
A 1 6   PRO 6   4   ?   ?   ?   A . n 
A 1 7   ASN 7   5   5   ASN ASN A . n 
A 1 8   ILE 8   6   6   ILE ILE A . n 
A 1 9   LEU 9   7   7   LEU LEU A . n 
A 1 10  LEU 10  8   8   LEU LEU A . n 
A 1 11  THR 11  9   9   THR THR A . n 
A 1 12  ARG 12  10  10  ARG ARG A . n 
A 1 13  ILE 13  11  11  ILE ILE A . n 
A 1 14  ASP 14  12  12  ASP ASP A . n 
A 1 15  ASN 15  13  13  ASN ASN A . n 
A 1 16  ARG 16  14  14  ARG ARG A . n 
A 1 17  LEU 17  15  15  LEU LEU A . n 
A 1 18  VAL 18  16  16  VAL VAL A . n 
A 1 19  HIS 19  17  17  HIS HIS A . n 
A 1 20  GLY 20  18  18  GLY GLY A . n 
A 1 21  GLN 21  19  19  GLN GLN A . n 
A 1 22  VAL 22  20  20  VAL VAL A . n 
A 1 23  GLY 23  21  21  GLY GLY A . n 
A 1 24  VAL 24  22  22  VAL VAL A . n 
A 1 25  THR 25  23  23  THR THR A . n 
A 1 26  TRP 26  24  24  TRP TRP A . n 
A 1 27  THR 27  25  25  THR THR A . n 
A 1 28  SER 28  26  26  SER SER A . n 
A 1 29  THR 29  27  27  THR THR A . n 
A 1 30  ILE 30  28  28  ILE ILE A . n 
A 1 31  GLY 31  29  29  GLY GLY A . n 
A 1 32  ALA 32  30  30  ALA ALA A . n 
A 1 33  ASN 33  31  31  ASN ASN A . n 
A 1 34  LEU 34  32  32  LEU LEU A . n 
A 1 35  LEU 35  33  33  LEU LEU A . n 
A 1 36  VAL 36  34  34  VAL VAL A . n 
A 1 37  VAL 37  35  35  VAL VAL A . n 
A 1 38  VAL 38  36  36  VAL VAL A . n 
A 1 39  ASP 39  37  37  ASP ASP A . n 
A 1 40  ASP 40  38  38  ASP ASP A . n 
A 1 41  VAL 41  39  39  VAL VAL A . n 
A 1 42  VAL 42  40  40  VAL VAL A . n 
A 1 43  ALA 43  41  41  ALA ALA A . n 
A 1 44  ASN 44  42  42  ASN ASN A . n 
A 1 45  ASP 45  43  43  ASP ASP A . n 
A 1 46  ASP 46  44  44  ASP ASP A . n 
A 1 47  ILE 47  45  45  ILE ILE A . n 
A 1 48  GLN 48  46  46  GLN GLN A . n 
A 1 49  GLN 49  47  47  GLN GLN A . n 
A 1 50  LYS 50  48  48  LYS LYS A . n 
A 1 51  LEU 51  49  49  LEU LEU A . n 
A 1 52  MET 52  50  50  MET MET A . n 
A 1 53  GLY 53  51  51  GLY GLY A . n 
A 1 54  ILE 54  52  52  ILE ILE A . n 
A 1 55  THR 55  53  53  THR THR A . n 
A 1 56  ALA 56  54  54  ALA ALA A . n 
A 1 57  GLU 57  55  55  GLU GLU A . n 
A 1 58  THR 58  56  56  THR THR A . n 
A 1 59  TYR 59  57  57  TYR TYR A . n 
A 1 60  GLY 60  58  58  GLY GLY A . n 
A 1 61  PHE 61  59  59  PHE PHE A . n 
A 1 62  GLY 62  60  60  GLY GLY A . n 
A 1 63  ILE 63  61  61  ILE ILE A . n 
A 1 64  ARG 64  62  62  ARG ARG A . n 
A 1 65  PHE 65  63  63  PHE PHE A . n 
A 1 66  PHE 66  64  64  PHE PHE A . n 
A 1 67  THR 67  65  65  THR THR A . n 
A 1 68  ILE 68  66  66  ILE ILE A . n 
A 1 69  GLU 69  67  67  GLU GLU A . n 
A 1 70  LYS 70  68  68  LYS LYS A . n 
A 1 71  THR 71  69  69  THR THR A . n 
A 1 72  ILE 72  70  70  ILE ILE A . n 
A 1 73  ASN 73  71  71  ASN ASN A . n 
A 1 74  VAL 74  72  72  VAL VAL A . n 
A 1 75  ILE 75  73  73  ILE ILE A . n 
A 1 76  GLY 76  74  74  GLY GLY A . n 
A 1 77  LYS 77  75  75  LYS LYS A . n 
A 1 78  ALA 78  76  76  ALA ALA A . n 
A 1 79  ALA 79  77  77  ALA ALA A . n 
A 1 80  PRO 80  78  78  PRO PRO A . n 
A 1 81  HIS 81  79  79  HIS HIS A . n 
A 1 82  GLN 82  80  80  GLN GLN A . n 
A 1 83  LYS 83  81  81  LYS LYS A . n 
A 1 84  ILE 84  82  82  ILE ILE A . n 
A 1 85  PHE 85  83  83  PHE PHE A . n 
A 1 86  LEU 86  84  84  LEU LEU A . n 
A 1 87  ILE 87  85  85  ILE ILE A . n 
A 1 88  CYS 88  86  86  CYS CYS A . n 
A 1 89  ARG 89  87  87  ARG ARG A . n 
A 1 90  THR 90  88  88  THR THR A . n 
A 1 91  PRO 91  89  89  PRO PRO A . n 
A 1 92  GLN 92  90  90  GLN GLN A . n 
A 1 93  THR 93  91  91  THR THR A . n 
A 1 94  VAL 94  92  92  VAL VAL A . n 
A 1 95  ARG 95  93  93  ARG ARG A . n 
A 1 96  LYS 96  94  94  LYS LYS A . n 
A 1 97  LEU 97  95  95  LEU LEU A . n 
A 1 98  VAL 98  96  96  VAL VAL A . n 
A 1 99  GLU 99  97  97  GLU GLU A . n 
A 1 100 GLY 100 98  98  GLY GLY A . n 
A 1 101 GLY 101 99  99  GLY GLY A . n 
A 1 102 ILE 102 100 100 ILE ILE A . n 
A 1 103 ASP 103 101 101 ASP ASP A . n 
A 1 104 LEU 104 102 102 LEU LEU A . n 
A 1 105 LYS 105 103 103 LYS LYS A . n 
A 1 106 ASP 106 104 104 ASP ASP A . n 
A 1 107 VAL 107 105 105 VAL VAL A . n 
A 1 108 ASN 108 106 106 ASN ASN A . n 
A 1 109 VAL 109 107 107 VAL VAL A . n 
A 1 110 GLY 110 108 108 GLY GLY A . n 
A 1 111 ASN 111 109 109 ASN ASN A . n 
A 1 112 MET 112 110 110 MET MET A . n 
A 1 113 HIS 113 111 111 HIS HIS A . n 
A 1 114 PHE 114 112 112 PHE PHE A . n 
A 1 115 SER 115 113 113 SER SER A . n 
A 1 116 GLU 116 114 114 GLU GLU A . n 
A 1 117 GLY 117 115 115 GLY GLY A . n 
A 1 118 LYS 118 116 116 LYS LYS A . n 
A 1 119 LYS 119 117 117 LYS LYS A . n 
A 1 120 GLN 120 118 118 GLN GLN A . n 
A 1 121 ILE 121 119 119 ILE ILE A . n 
A 1 122 SER 122 120 120 SER SER A . n 
A 1 123 SER 123 121 121 SER SER A . n 
A 1 124 LYS 124 122 122 LYS LYS A . n 
A 1 125 VAL 125 123 123 VAL VAL A . n 
A 1 126 TYR 126 124 124 TYR TYR A . n 
A 1 127 VAL 127 125 125 VAL VAL A . n 
A 1 128 ASP 128 126 126 ASP ASP A . n 
A 1 129 ASP 129 127 127 ASP ASP A . n 
A 1 130 GLN 130 128 128 GLN GLN A . n 
A 1 131 ASP 131 129 129 ASP ASP A . n 
A 1 132 LEU 132 130 130 LEU LEU A . n 
A 1 133 THR 133 131 131 THR THR A . n 
A 1 134 ASP 134 132 132 ASP ASP A . n 
A 1 135 LEU 135 133 133 LEU LEU A . n 
A 1 136 ARG 136 134 134 ARG ARG A . n 
A 1 137 PHE 137 135 135 PHE PHE A . n 
A 1 138 ILE 138 136 136 ILE ILE A . n 
A 1 139 LYS 139 137 137 LYS LYS A . n 
A 1 140 GLN 140 138 138 GLN GLN A . n 
A 1 141 ARG 141 139 139 ARG ARG A . n 
A 1 142 GLY 142 140 140 GLY GLY A . n 
A 1 143 VAL 143 141 141 VAL VAL A . n 
A 1 144 ASN 144 142 142 ASN ASN A . n 
A 1 145 VAL 145 143 143 VAL VAL A . n 
A 1 146 PHE 146 144 144 PHE PHE A . n 
A 1 147 ILE 147 145 145 ILE ILE A . n 
A 1 148 GLN 148 146 146 GLN GLN A . n 
A 1 149 ASP 149 147 147 ASP ASP A . n 
A 1 150 VAL 150 148 148 VAL VAL A . n 
A 1 151 PRO 151 149 149 PRO PRO A . n 
A 1 152 GLY 152 150 150 GLY GLY A . n 
A 1 153 ASP 153 151 151 ASP ASP A . n 
A 1 154 GLN 154 152 152 GLN GLN A . n 
A 1 155 LYS 155 153 153 LYS LYS A . n 
A 1 156 GLU 156 154 154 GLU GLU A . n 
A 1 157 GLN 157 155 155 GLN GLN A . n 
A 1 158 ILE 158 156 156 ILE ILE A . n 
A 1 159 PRO 159 157 157 PRO PRO A . n 
A 1 160 ASP 160 158 ?   ?   ?   A . n 
A 1 161 GLU 161 159 ?   ?   ?   A . n 
A 1 162 GLY 162 160 ?   ?   ?   A . n 
A 1 163 HIS 163 161 ?   ?   ?   A . n 
A 1 164 HIS 164 162 ?   ?   ?   A . n 
A 1 165 HIS 165 163 ?   ?   ?   A . n 
A 1 166 HIS 166 164 ?   ?   ?   A . n 
A 1 167 HIS 167 165 ?   ?   ?   A . n 
A 1 168 HIS 168 166 ?   ?   ?   A . n 
# 
loop_
_pdbx_nonpoly_scheme.asym_id 
_pdbx_nonpoly_scheme.entity_id 
_pdbx_nonpoly_scheme.mon_id 
_pdbx_nonpoly_scheme.ndb_seq_num 
_pdbx_nonpoly_scheme.pdb_seq_num 
_pdbx_nonpoly_scheme.auth_seq_num 
_pdbx_nonpoly_scheme.pdb_mon_id 
_pdbx_nonpoly_scheme.auth_mon_id 
_pdbx_nonpoly_scheme.pdb_strand_id 
_pdbx_nonpoly_scheme.pdb_ins_code 
B 2 HOH 1   167 1   HOH HOH A . 
B 2 HOH 2   168 2   HOH HOH A . 
B 2 HOH 3   169 3   HOH HOH A . 
B 2 HOH 4   170 4   HOH HOH A . 
B 2 HOH 5   171 5   HOH HOH A . 
B 2 HOH 6   172 6   HOH HOH A . 
B 2 HOH 7   173 8   HOH HOH A . 
B 2 HOH 8   174 9   HOH HOH A . 
B 2 HOH 9   175 10  HOH HOH A . 
B 2 HOH 10  176 11  HOH HOH A . 
B 2 HOH 11  177 12  HOH HOH A . 
B 2 HOH 12  178 13  HOH HOH A . 
B 2 HOH 13  179 14  HOH HOH A . 
B 2 HOH 14  180 15  HOH HOH A . 
B 2 HOH 15  181 16  HOH HOH A . 
B 2 HOH 16  182 17  HOH HOH A . 
B 2 HOH 17  183 18  HOH HOH A . 
B 2 HOH 18  184 19  HOH HOH A . 
B 2 HOH 19  185 20  HOH HOH A . 
B 2 HOH 20  186 21  HOH HOH A . 
B 2 HOH 21  187 22  HOH HOH A . 
B 2 HOH 22  188 23  HOH HOH A . 
B 2 HOH 23  189 24  HOH HOH A . 
B 2 HOH 24  190 25  HOH HOH A . 
B 2 HOH 25  191 26  HOH HOH A . 
B 2 HOH 26  192 27  HOH HOH A . 
B 2 HOH 27  193 28  HOH HOH A . 
B 2 HOH 28  194 29  HOH HOH A . 
B 2 HOH 29  195 30  HOH HOH A . 
B 2 HOH 30  196 31  HOH HOH A . 
B 2 HOH 31  197 32  HOH HOH A . 
B 2 HOH 32  198 33  HOH HOH A . 
B 2 HOH 33  199 34  HOH HOH A . 
B 2 HOH 34  200 35  HOH HOH A . 
B 2 HOH 35  201 36  HOH HOH A . 
B 2 HOH 36  202 37  HOH HOH A . 
B 2 HOH 37  203 38  HOH HOH A . 
B 2 HOH 38  204 39  HOH HOH A . 
B 2 HOH 39  205 40  HOH HOH A . 
B 2 HOH 40  206 41  HOH HOH A . 
B 2 HOH 41  207 42  HOH HOH A . 
B 2 HOH 42  208 43  HOH HOH A . 
B 2 HOH 43  209 44  HOH HOH A . 
B 2 HOH 44  210 45  HOH HOH A . 
B 2 HOH 45  211 46  HOH HOH A . 
B 2 HOH 46  212 47  HOH HOH A . 
B 2 HOH 47  213 48  HOH HOH A . 
B 2 HOH 48  214 49  HOH HOH A . 
B 2 HOH 49  215 50  HOH HOH A . 
B 2 HOH 50  216 53  HOH HOH A . 
B 2 HOH 51  217 54  HOH HOH A . 
B 2 HOH 52  218 55  HOH HOH A . 
B 2 HOH 53  219 56  HOH HOH A . 
B 2 HOH 54  220 57  HOH HOH A . 
B 2 HOH 55  221 58  HOH HOH A . 
B 2 HOH 56  222 60  HOH HOH A . 
B 2 HOH 57  223 61  HOH HOH A . 
B 2 HOH 58  224 62  HOH HOH A . 
B 2 HOH 59  225 63  HOH HOH A . 
B 2 HOH 60  226 64  HOH HOH A . 
B 2 HOH 61  227 65  HOH HOH A . 
B 2 HOH 62  228 66  HOH HOH A . 
B 2 HOH 63  229 67  HOH HOH A . 
B 2 HOH 64  230 69  HOH HOH A . 
B 2 HOH 65  231 70  HOH HOH A . 
B 2 HOH 66  232 71  HOH HOH A . 
B 2 HOH 67  233 72  HOH HOH A . 
B 2 HOH 68  234 73  HOH HOH A . 
B 2 HOH 69  235 74  HOH HOH A . 
B 2 HOH 70  236 75  HOH HOH A . 
B 2 HOH 71  237 76  HOH HOH A . 
B 2 HOH 72  238 77  HOH HOH A . 
B 2 HOH 73  239 78  HOH HOH A . 
B 2 HOH 74  240 79  HOH HOH A . 
B 2 HOH 75  241 80  HOH HOH A . 
B 2 HOH 76  242 82  HOH HOH A . 
B 2 HOH 77  243 83  HOH HOH A . 
B 2 HOH 78  244 85  HOH HOH A . 
B 2 HOH 79  245 86  HOH HOH A . 
B 2 HOH 80  246 87  HOH HOH A . 
B 2 HOH 81  247 88  HOH HOH A . 
B 2 HOH 82  248 89  HOH HOH A . 
B 2 HOH 83  249 90  HOH HOH A . 
B 2 HOH 84  250 91  HOH HOH A . 
B 2 HOH 85  251 92  HOH HOH A . 
B 2 HOH 86  252 93  HOH HOH A . 
B 2 HOH 87  253 94  HOH HOH A . 
B 2 HOH 88  254 95  HOH HOH A . 
B 2 HOH 89  255 96  HOH HOH A . 
B 2 HOH 90  256 97  HOH HOH A . 
B 2 HOH 91  257 100 HOH HOH A . 
B 2 HOH 92  258 101 HOH HOH A . 
B 2 HOH 93  259 102 HOH HOH A . 
B 2 HOH 94  260 103 HOH HOH A . 
B 2 HOH 95  261 105 HOH HOH A . 
B 2 HOH 96  262 106 HOH HOH A . 
B 2 HOH 97  263 107 HOH HOH A . 
B 2 HOH 98  264 108 HOH HOH A . 
B 2 HOH 99  265 111 HOH HOH A . 
B 2 HOH 100 266 112 HOH HOH A . 
B 2 HOH 101 267 113 HOH HOH A . 
B 2 HOH 102 268 114 HOH HOH A . 
B 2 HOH 103 269 115 HOH HOH A . 
B 2 HOH 104 270 116 HOH HOH A . 
B 2 HOH 105 271 118 HOH HOH A . 
B 2 HOH 106 272 119 HOH HOH A . 
B 2 HOH 107 273 120 HOH HOH A . 
B 2 HOH 108 274 121 HOH HOH A . 
B 2 HOH 109 275 122 HOH HOH A . 
B 2 HOH 110 276 124 HOH HOH A . 
B 2 HOH 111 277 126 HOH HOH A . 
B 2 HOH 112 278 127 HOH HOH A . 
B 2 HOH 113 279 128 HOH HOH A . 
B 2 HOH 114 280 129 HOH HOH A . 
B 2 HOH 115 281 130 HOH HOH A . 
B 2 HOH 116 282 132 HOH HOH A . 
B 2 HOH 117 283 134 HOH HOH A . 
B 2 HOH 118 284 136 HOH HOH A . 
B 2 HOH 119 285 139 HOH HOH A . 
B 2 HOH 120 286 140 HOH HOH A . 
B 2 HOH 121 287 141 HOH HOH A . 
B 2 HOH 122 288 143 HOH HOH A . 
B 2 HOH 123 289 144 HOH HOH A . 
B 2 HOH 124 290 146 HOH HOH A . 
B 2 HOH 125 291 148 HOH HOH A . 
B 2 HOH 126 292 156 HOH HOH A . 
B 2 HOH 127 293 157 HOH HOH A . 
B 2 HOH 128 294 159 HOH HOH A . 
B 2 HOH 129 295 161 HOH HOH A . 
B 2 HOH 130 296 164 HOH HOH A . 
B 2 HOH 131 297 165 HOH HOH A . 
B 2 HOH 132 298 166 HOH HOH A . 
B 2 HOH 133 299 169 HOH HOH A . 
B 2 HOH 134 300 175 HOH HOH A . 
B 2 HOH 135 301 177 HOH HOH A . 
B 2 HOH 136 302 179 HOH HOH A . 
B 2 HOH 137 303 180 HOH HOH A . 
B 2 HOH 138 304 182 HOH HOH A . 
B 2 HOH 139 305 184 HOH HOH A . 
B 2 HOH 140 306 187 HOH HOH A . 
B 2 HOH 141 307 193 HOH HOH A . 
B 2 HOH 142 308 209 HOH HOH A . 
B 2 HOH 143 309 223 HOH HOH A . 
B 2 HOH 144 310 225 HOH HOH A . 
B 2 HOH 145 311 226 HOH HOH A . 
B 2 HOH 146 312 227 HOH HOH A . 
B 2 HOH 147 313 228 HOH HOH A . 
B 2 HOH 148 314 229 HOH HOH A . 
B 2 HOH 149 315 232 HOH HOH A . 
B 2 HOH 150 316 234 HOH HOH A . 
B 2 HOH 151 317 241 HOH HOH A . 
B 2 HOH 152 318 242 HOH HOH A . 
B 2 HOH 153 319 243 HOH HOH A . 
B 2 HOH 154 320 244 HOH HOH A . 
B 2 HOH 155 321 1   HOH HOH A . 
B 2 HOH 156 322 2   HOH HOH A . 
B 2 HOH 157 323 3   HOH HOH A . 
B 2 HOH 158 324 7   HOH HOH A . 
B 2 HOH 159 325 9   HOH HOH A . 
B 2 HOH 160 326 10  HOH HOH A . 
B 2 HOH 161 327 18  HOH HOH A . 
B 2 HOH 162 328 19  HOH HOH A . 
B 2 HOH 163 329 21  HOH HOH A . 
B 2 HOH 164 330 24  HOH HOH A . 
B 2 HOH 165 331 29  HOH HOH A . 
B 2 HOH 166 332 37  HOH HOH A . 
B 2 HOH 167 333 40  HOH HOH A . 
B 2 HOH 168 334 44  HOH HOH A . 
B 2 HOH 169 335 143 HOH HOH A . 
B 2 HOH 170 336 144 HOH HOH A . 
B 2 HOH 171 337 145 HOH HOH A . 
# 
loop_
_software.name 
_software.version 
_software.date 
_software.type 
_software.contact_author 
_software.contact_author_email 
_software.classification 
_software.location 
_software.language 
_software.citation_id 
_software.pdbx_ordinal 
SCALA       3.2.25 21/9/2006       other   'Phil R. Evans'      pre@mrc-lmb.cam.ac.uk 'data scaling'    
http://www.ccp4.ac.uk/dist/html/scala.html   Fortran_77 ? 1 
REFMAC      .      ?               program 'Garib N. Murshudov' garib@ysbl.york.ac.uk refinement        
http://www.ccp4.ac.uk/dist/html/refmac5.html Fortran_77 ? 2 
PDB_EXTRACT 3.006  'June 11, 2008' package PDB                  help@deposit.rcsb.org 'data extraction' 
http://sw-tools.pdb.org/apps/PDB_EXTRACT/    C++        ? 3 
MAR345      CCD    ?               ?       ?                    ?                     'data collection' ? ?          ? 4 
MOSFLM      .      ?               ?       ?                    ?                     'data reduction'  ? ?          ? 5 
SHELXCD     .      ?               ?       ?                    ?                     phasing           ? ?          ? 6 
SHELXE      .      ?               ?       ?                    ?                     'model building'  ? ?          ? 7 
# 
_cell.length_a           81.878 
_cell.length_b           31.413 
_cell.length_c           60.339 
_cell.angle_alpha        90.000 
_cell.angle_beta         103.830 
_cell.angle_gamma        90.000 
_cell.entry_id           3EYE 
_cell.pdbx_unique_axis   ? 
_cell.Z_PDB              4 
_cell.length_a_esd       ? 
_cell.length_b_esd       ? 
_cell.length_c_esd       ? 
_cell.angle_alpha_esd    ? 
_cell.angle_beta_esd     ? 
_cell.angle_gamma_esd    ? 
# 
_symmetry.space_group_name_H-M             'C 1 2 1' 
_symmetry.entry_id                         3EYE 
_symmetry.Int_Tables_number                5 
_symmetry.pdbx_full_space_group_name_H-M   ? 
_symmetry.cell_setting                     ? 
_symmetry.space_group_name_Hall            ? 
# 
_exptl.crystals_number   1 
_exptl.entry_id          3EYE 
_exptl.method            'X-RAY DIFFRACTION' 
# 
_exptl_crystal.id                    1 
_exptl_crystal.density_Matthews      2.00 
_exptl_crystal.density_meas          ? 
_exptl_crystal.density_percent_sol   38.47 
_exptl_crystal.description           ? 
_exptl_crystal.F_000                 ? 
_exptl_crystal.preparation           ? 
# 
_exptl_crystal_grow.crystal_id      1 
_exptl_crystal_grow.method          'VAPOR DIFFUSION' 
_exptl_crystal_grow.pH              7.0 
_exptl_crystal_grow.temp            294 
_exptl_crystal_grow.pdbx_details    '100mM Tris pH 7.0, 20% PEG 2K, Vapor diffusion, temperature 294K' 
_exptl_crystal_grow.temp_details    ? 
_exptl_crystal_grow.pdbx_pH_range   ? 
# 
_diffrn.id                     1 
_diffrn.ambient_temp           100 
_diffrn.ambient_temp_details   ? 
_diffrn.crystal_id             1 
# 
_diffrn_detector.diffrn_id              1 
_diffrn_detector.detector               CCD 
_diffrn_detector.type                   'MAR CCD 165 mm' 
_diffrn_detector.pdbx_collection_date   2008-10-18 
_diffrn_detector.details                ? 
# 
_diffrn_radiation.diffrn_id                        1 
_diffrn_radiation.pdbx_diffrn_protocol             'SINGLE WAVELENGTH' 
_diffrn_radiation.monochromator                    diamond 
_diffrn_radiation.wavelength_id                    1 
_diffrn_radiation.pdbx_monochromatic_or_laue_m_l   M 
_diffrn_radiation.pdbx_scattering_type             x-ray 
# 
_diffrn_radiation_wavelength.id           1 
_diffrn_radiation_wavelength.wavelength   0.97958 
_diffrn_radiation_wavelength.wt           1.0 
# 
_diffrn_source.diffrn_id                   1 
_diffrn_source.source                      SYNCHROTRON 
_diffrn_source.type                        'APS BEAMLINE 31-ID' 
_diffrn_source.pdbx_wavelength_list        0.97958 
_diffrn_source.pdbx_wavelength             ? 
_diffrn_source.pdbx_synchrotron_site       APS 
_diffrn_source.pdbx_synchrotron_beamline   31-ID 
# 
_reflns.entry_id                     3EYE 
_reflns.d_resolution_high            1.450 
_reflns.d_resolution_low             58.621 
_reflns.number_all                   26784 
_reflns.number_obs                   26422 
_reflns.pdbx_Rmerge_I_obs            0.099 
_reflns.pdbx_netI_over_sigmaI        10.6 
_reflns.pdbx_Rsym_value              0.099 
_reflns.pdbx_redundancy              6.500 
_reflns.percent_possible_obs         98.650 
_reflns.observed_criterion_sigma_F   0 
_reflns.observed_criterion_sigma_I   0 
_reflns.B_iso_Wilson_estimate        16.8 
_reflns.R_free_details               ? 
_reflns.limit_h_max                  ? 
_reflns.limit_h_min                  ? 
_reflns.limit_k_max                  ? 
_reflns.limit_k_min                  ? 
_reflns.limit_l_max                  ? 
_reflns.limit_l_min                  ? 
_reflns.observed_criterion_F_max     ? 
_reflns.observed_criterion_F_min     ? 
_reflns.pdbx_chi_squared             ? 
_reflns.pdbx_scaling_rejects         ? 
_reflns.pdbx_diffrn_id               1 
_reflns.pdbx_ordinal                 1 
# 
_reflns_shell.d_res_high             1.45 
_reflns_shell.d_res_low              1.53 
_reflns_shell.number_measured_obs    ? 
_reflns_shell.number_measured_all    25454 
_reflns_shell.number_unique_obs      ? 
_reflns_shell.Rmerge_I_obs           0.422 
_reflns_shell.meanI_over_sigI_obs    3.3 
_reflns_shell.pdbx_Rsym_value        0.422 
_reflns_shell.pdbx_chi_squared       ? 
_reflns_shell.pdbx_redundancy        6.60 
_reflns_shell.percent_possible_obs   ? 
_reflns_shell.number_unique_all      3833 
_reflns_shell.percent_possible_all   99.50 
_reflns_shell.pdbx_diffrn_id         ? 
_reflns_shell.pdbx_ordinal           1 
# 
_refine.entry_id                                 3EYE 
_refine.ls_d_res_high                            1.450 
_refine.ls_d_res_low                             20.000 
_refine.pdbx_ls_sigma_F                          0.00 
_refine.ls_percent_reflns_obs                    98.650 
_refine.ls_number_reflns_obs                     26409 
_refine.pdbx_ls_cross_valid_method               THROUGHOUT 
_refine.pdbx_R_Free_selection_details            RANDOM 
_refine.details                                  'HYDROGENS HAVE BEEN ADDED IN THE RIDING POSITIONS' 
_refine.ls_R_factor_obs                          0.192 
_refine.ls_R_factor_R_work                       0.190 
_refine.ls_wR_factor_R_work                      0.582 
_refine.ls_R_factor_R_free                       0.221 
_refine.ls_wR_factor_R_free                      0.244 
_refine.ls_percent_reflns_R_free                 5.000 
_refine.ls_number_reflns_R_free                  1327 
_refine.B_iso_mean                               21.295 
_refine.aniso_B[1][1]                            -0.510 
_refine.aniso_B[2][2]                            -0.820 
_refine.aniso_B[3][3]                            0.810 
_refine.aniso_B[1][2]                            0.000 
_refine.aniso_B[1][3]                            -1.080 
_refine.aniso_B[2][3]                            0.000 
_refine.correlation_coeff_Fo_to_Fc               0.960 
_refine.correlation_coeff_Fo_to_Fc_free          0.947 
_refine.overall_SU_R_Cruickshank_DPI             0.075 
_refine.overall_SU_R_free                        0.077 
_refine.pdbx_overall_ESU_R                       0.075 
_refine.pdbx_overall_ESU_R_Free                  0.077 
_refine.overall_SU_ML                            0.055 
_refine.overall_SU_B                             1.397 
_refine.solvent_model_details                    'BABINET MODEL WITH MASK' 
_refine.pdbx_solvent_vdw_probe_radii             1.200 
_refine.pdbx_solvent_ion_probe_radii             0.800 
_refine.pdbx_solvent_shrinkage_radii             0.800 
_refine.pdbx_method_to_determine_struct          SAD 
_refine.pdbx_stereochemistry_target_values       'MAXIMUM LIKELIHOOD' 
_refine.overall_FOM_work_R_set                   0.845 
_refine.B_iso_max                                52.72 
_refine.B_iso_min                                8.95 
_refine.occupancy_max                            1.00 
_refine.occupancy_min                            0.50 
_refine.pdbx_ls_sigma_I                          0 
_refine.ls_number_reflns_all                     26770 
_refine.ls_R_factor_all                          ? 
_refine.ls_redundancy_reflns_obs                 ? 
_refine.pdbx_data_cutoff_high_absF               ? 
_refine.pdbx_data_cutoff_low_absF                ? 
_refine.ls_number_parameters                     ? 
_refine.ls_number_restraints                     ? 
_refine.ls_R_factor_R_free_error                 ? 
_refine.ls_R_factor_R_free_error_details         ? 
_refine.pdbx_starting_model                      ? 
_refine.pdbx_stereochem_target_val_spec_case     ? 
_refine.solvent_model_param_bsol                 ? 
_refine.solvent_model_param_ksol                 ? 
_refine.pdbx_isotropic_thermal_model             ? 
_refine.pdbx_data_cutoff_high_rms_absF           ? 
_refine.overall_FOM_free_R_set                   ? 
_refine.pdbx_overall_phase_error                 ? 
_refine.pdbx_refine_id                           'X-RAY DIFFRACTION' 
_refine.pdbx_diffrn_id                           1 
_refine.pdbx_TLS_residual_ADP_flag               ? 
_refine.pdbx_overall_SU_R_free_Cruickshank_DPI   ? 
_refine.pdbx_overall_SU_R_Blow_DPI               ? 
_refine.pdbx_overall_SU_R_free_Blow_DPI          ? 
# 
_refine_hist.pdbx_refine_id                   'X-RAY DIFFRACTION' 
_refine_hist.cycle_id                         LAST 
_refine_hist.pdbx_number_atoms_protein        1216 
_refine_hist.pdbx_number_atoms_nucleic_acid   0 
_refine_hist.pdbx_number_atoms_ligand         0 
_refine_hist.number_atoms_solvent             171 
_refine_hist.number_atoms_total               1387 
_refine_hist.d_res_high                       1.450 
_refine_hist.d_res_low                        20.000 
# 
loop_
_refine_ls_restr.type 
_refine_ls_restr.number 
_refine_ls_restr.dev_ideal 
_refine_ls_restr.dev_ideal_target 
_refine_ls_restr.weight 
_refine_ls_restr.pdbx_refine_id 
_refine_ls_restr.pdbx_restraint_function 
r_bond_refined_d       1236 0.015  0.022  ? 'X-RAY DIFFRACTION' ? 
r_bond_other_d         832  0.002  0.020  ? 'X-RAY DIFFRACTION' ? 
r_angle_refined_deg    1676 1.555  1.951  ? 'X-RAY DIFFRACTION' ? 
r_angle_other_deg      2050 1.863  3.000  ? 'X-RAY DIFFRACTION' ? 
r_dihedral_angle_1_deg 158  6.202  5.000  ? 'X-RAY DIFFRACTION' ? 
r_dihedral_angle_2_deg 57   36.708 25.263 ? 'X-RAY DIFFRACTION' ? 
r_dihedral_angle_3_deg 231  13.819 15.000 ? 'X-RAY DIFFRACTION' ? 
r_dihedral_angle_4_deg 7    17.816 15.000 ? 'X-RAY DIFFRACTION' ? 
r_chiral_restr         200  0.098  0.200  ? 'X-RAY DIFFRACTION' ? 
r_gen_planes_refined   1365 0.007  0.020  ? 'X-RAY DIFFRACTION' ? 
r_gen_planes_other     233  0.002  0.020  ? 'X-RAY DIFFRACTION' ? 
r_mcbond_it            764  0.932  1.500  ? 'X-RAY DIFFRACTION' ? 
r_mcbond_other         317  0.294  1.500  ? 'X-RAY DIFFRACTION' ? 
r_mcangle_it           1253 1.572  2.000  ? 'X-RAY DIFFRACTION' ? 
r_scbond_it            472  2.540  3.000  ? 'X-RAY DIFFRACTION' ? 
r_scangle_it           420  3.968  4.500  ? 'X-RAY DIFFRACTION' ? 
# 
_refine_ls_shell.d_res_high                       1.450 
_refine_ls_shell.d_res_low                        1.487 
_refine_ls_shell.pdbx_total_number_of_bins_used   20 
_refine_ls_shell.percent_reflns_obs               99.380 
_refine_ls_shell.number_reflns_R_work             1832 
_refine_ls_shell.R_factor_all                     ? 
_refine_ls_shell.R_factor_R_work                  0.255 
_refine_ls_shell.R_factor_R_free                  0.283 
_refine_ls_shell.percent_reflns_R_free            ? 
_refine_ls_shell.number_reflns_R_free             98 
_refine_ls_shell.R_factor_R_free_error            ? 
_refine_ls_shell.number_reflns_all                1930 
_refine_ls_shell.number_reflns_obs                1832 
_refine_ls_shell.redundancy_reflns_obs            ? 
_refine_ls_shell.pdbx_refine_id                   'X-RAY DIFFRACTION' 
# 
_struct.entry_id                  3EYE 
_struct.title                     
'Crystal structure of PTS system N-acetylgalactosamine-specific IIB component 1 from Escherichia coli' 
_struct.pdbx_model_details        ? 
_struct.pdbx_CASP_flag            ? 
_struct.pdbx_model_type_details   ? 
# 
_struct_keywords.entry_id        3EYE 
_struct_keywords.text            
;STRUCTURAL GENOMICS, PHOSPHOTRANSFERASE, PSI-2, Protein Structure Initiative, New York SGX Research Center for Structural Genomics, NYSGXRC, TRANSFERASE
;
_struct_keywords.pdbx_keywords   TRANSFERASE 
# 
loop_
_struct_asym.id 
_struct_asym.pdbx_blank_PDB_chainid_flag 
_struct_asym.pdbx_modified 
_struct_asym.entity_id 
_struct_asym.details 
A N N 1 ? 
B N N 2 ? 
# 
_struct_ref.id                         1 
_struct_ref.db_name                    UNP 
_struct_ref.db_code                    Q8XAB8_ECO57 
_struct_ref.pdbx_db_accession          Q8XAB8 
_struct_ref.entity_id                  1 
_struct_ref.pdbx_seq_one_letter_code   
;SSPNILLTRIDNRLVHGQVGVTWTSTIGANLLVVVDDVVANDDIQQKLMGITAETYGFGIRFFTIEKTINVIGKAAPHQK
IFLICRTPQTVRKLVEGGIDLKDVNVGNMHFSEGKKQISSKVYVDDQDLTDLRFIKQRGVNVFIQDVPGDQKEQIPD
;
_struct_ref.pdbx_align_begin           2 
_struct_ref.pdbx_db_isoform            ? 
# 
_struct_ref_seq.align_id                      1 
_struct_ref_seq.ref_id                        1 
_struct_ref_seq.pdbx_PDB_id_code              3EYE 
_struct_ref_seq.pdbx_strand_id                A 
_struct_ref_seq.seq_align_beg                 4 
_struct_ref_seq.pdbx_seq_align_beg_ins_code   ? 
_struct_ref_seq.seq_align_end                 160 
_struct_ref_seq.pdbx_seq_align_end_ins_code   ? 
_struct_ref_seq.pdbx_db_accession             Q8XAB8 
_struct_ref_seq.db_align_beg                  2 
_struct_ref_seq.pdbx_db_align_beg_ins_code    ? 
_struct_ref_seq.db_align_end                  158 
_struct_ref_seq.pdbx_db_align_end_ins_code    ? 
_struct_ref_seq.pdbx_auth_seq_align_beg       2 
_struct_ref_seq.pdbx_auth_seq_align_end       158 
# 
loop_
_struct_ref_seq_dif.align_id 
_struct_ref_seq_dif.pdbx_pdb_id_code 
_struct_ref_seq_dif.mon_id 
_struct_ref_seq_dif.pdbx_pdb_strand_id 
_struct_ref_seq_dif.seq_num 
_struct_ref_seq_dif.pdbx_pdb_ins_code 
_struct_ref_seq_dif.pdbx_seq_db_name 
_struct_ref_seq_dif.pdbx_seq_db_accession_code 
_struct_ref_seq_dif.db_mon_id 
_struct_ref_seq_dif.pdbx_seq_db_seq_num 
_struct_ref_seq_dif.details 
_struct_ref_seq_dif.pdbx_auth_seq_num 
_struct_ref_seq_dif.pdbx_ordinal 
1 3EYE MET A 1   ? UNP Q8XAB8 ? ? 'expression tag' -1  1  
1 3EYE SER A 2   ? UNP Q8XAB8 ? ? 'expression tag' 0   2  
1 3EYE LEU A 3   ? UNP Q8XAB8 ? ? 'expression tag' 1   3  
1 3EYE GLU A 161 ? UNP Q8XAB8 ? ? 'expression tag' 159 4  
1 3EYE GLY A 162 ? UNP Q8XAB8 ? ? 'expression tag' 160 5  
1 3EYE HIS A 163 ? UNP Q8XAB8 ? ? 'expression tag' 161 6  
1 3EYE HIS A 164 ? UNP Q8XAB8 ? ? 'expression tag' 162 7  
1 3EYE HIS A 165 ? UNP Q8XAB8 ? ? 'expression tag' 163 8  
1 3EYE HIS A 166 ? UNP Q8XAB8 ? ? 'expression tag' 164 9  
1 3EYE HIS A 167 ? UNP Q8XAB8 ? ? 'expression tag' 165 10 
1 3EYE HIS A 168 ? UNP Q8XAB8 ? ? 'expression tag' 166 11 
# 
_pdbx_struct_assembly.id                   1 
_pdbx_struct_assembly.details              author_and_software_defined_assembly 
_pdbx_struct_assembly.method_details       PISA 
_pdbx_struct_assembly.oligomeric_details   monomeric 
_pdbx_struct_assembly.oligomeric_count     1 
# 
_pdbx_struct_assembly_gen.assembly_id       1 
_pdbx_struct_assembly_gen.oper_expression   1 
_pdbx_struct_assembly_gen.asym_id_list      A,B 
# 
_pdbx_struct_oper_list.id                   1 
_pdbx_struct_oper_list.type                 'identity operation' 
_pdbx_struct_oper_list.name                 1_555 
_pdbx_struct_oper_list.symmetry_operation   x,y,z 
_pdbx_struct_oper_list.matrix[1][1]         1.0000000000 
_pdbx_struct_oper_list.matrix[1][2]         0.0000000000 
_pdbx_struct_oper_list.matrix[1][3]         0.0000000000 
_pdbx_struct_oper_list.vector[1]            0.0000000000 
_pdbx_struct_oper_list.matrix[2][1]         0.0000000000 
_pdbx_struct_oper_list.matrix[2][2]         1.0000000000 
_pdbx_struct_oper_list.matrix[2][3]         0.0000000000 
_pdbx_struct_oper_list.vector[2]            0.0000000000 
_pdbx_struct_oper_list.matrix[3][1]         0.0000000000 
_pdbx_struct_oper_list.matrix[3][2]         0.0000000000 
_pdbx_struct_oper_list.matrix[3][3]         1.0000000000 
_pdbx_struct_oper_list.vector[3]            0.0000000000 
# 
loop_
_struct_conf.conf_type_id 
_struct_conf.id 
_struct_conf.pdbx_PDB_helix_id 
_struct_conf.beg_label_comp_id 
_struct_conf.beg_label_asym_id 
_struct_conf.beg_label_seq_id 
_struct_conf.pdbx_beg_PDB_ins_code 
_struct_conf.end_label_comp_id 
_struct_conf.end_label_asym_id 
_struct_conf.end_label_seq_id 
_struct_conf.pdbx_end_PDB_ins_code 
_struct_conf.beg_auth_comp_id 
_struct_conf.beg_auth_asym_id 
_struct_conf.beg_auth_seq_id 
_struct_conf.end_auth_comp_id 
_struct_conf.end_auth_asym_id 
_struct_conf.end_auth_seq_id 
_struct_conf.pdbx_PDB_helix_class 
_struct_conf.details 
_struct_conf.pdbx_PDB_helix_length 
HELX_P HELX_P1 1 GLY A 20  ? GLY A 31  ? GLY A 18  GLY A 29  1 ? 12 
HELX_P HELX_P2 2 ASP A 39  ? ASP A 45  ? ASP A 37  ASP A 43  1 ? 7  
HELX_P HELX_P3 3 ASP A 46  ? GLN A 48  ? ASP A 44  GLN A 46  5 ? 3  
HELX_P HELX_P4 4 GLN A 49  ? GLY A 60  ? GLN A 47  GLY A 58  1 ? 12 
HELX_P HELX_P5 5 THR A 67  ? ILE A 75  ? THR A 65  ILE A 73  1 ? 9  
HELX_P HELX_P6 6 GLY A 76  ? ALA A 78  ? GLY A 74  ALA A 76  5 ? 3  
HELX_P HELX_P7 7 THR A 90  ? GLY A 100 ? THR A 88  GLY A 98  1 ? 11 
HELX_P HELX_P8 8 ASP A 128 ? ARG A 141 ? ASP A 126 ARG A 139 1 ? 14 
# 
_struct_conf_type.id          HELX_P 
_struct_conf_type.criteria    ? 
_struct_conf_type.reference   ? 
# 
loop_
_struct_sheet.id 
_struct_sheet.type 
_struct_sheet.number_strands 
_struct_sheet.details 
A ? 6 ? 
B ? 2 ? 
# 
loop_
_struct_sheet_order.sheet_id 
_struct_sheet_order.range_id_1 
_struct_sheet_order.range_id_2 
_struct_sheet_order.offset 
_struct_sheet_order.sense 
A 1 2 ? parallel      
A 2 3 ? parallel      
A 3 4 ? parallel      
A 4 5 ? parallel      
A 5 6 ? parallel      
B 1 2 ? anti-parallel 
# 
loop_
_struct_sheet_range.sheet_id 
_struct_sheet_range.id 
_struct_sheet_range.beg_label_comp_id 
_struct_sheet_range.beg_label_asym_id 
_struct_sheet_range.beg_label_seq_id 
_struct_sheet_range.pdbx_beg_PDB_ins_code 
_struct_sheet_range.end_label_comp_id 
_struct_sheet_range.end_label_asym_id 
_struct_sheet_range.end_label_seq_id 
_struct_sheet_range.pdbx_end_PDB_ins_code 
_struct_sheet_range.beg_auth_comp_id 
_struct_sheet_range.beg_auth_asym_id 
_struct_sheet_range.beg_auth_seq_id 
_struct_sheet_range.end_auth_comp_id 
_struct_sheet_range.end_auth_asym_id 
_struct_sheet_range.end_auth_seq_id 
A 1 GLY A 62  ? PHE A 66  ? GLY A 60  PHE A 64  
A 2 LEU A 34  ? VAL A 38  ? LEU A 32  VAL A 36  
A 3 ILE A 84  ? CYS A 88  ? ILE A 82  CYS A 86  
A 4 ILE A 8   ? ILE A 13  ? ILE A 6   ILE A 11  
A 5 ASP A 106 ? VAL A 109 ? ASP A 104 VAL A 107 
A 6 ASN A 144 ? ILE A 147 ? ASN A 142 ILE A 145 
B 1 LYS A 119 ? SER A 122 ? LYS A 117 SER A 120 
B 2 VAL A 125 ? VAL A 127 ? VAL A 123 VAL A 125 
# 
loop_
_pdbx_struct_sheet_hbond.sheet_id 
_pdbx_struct_sheet_hbond.range_id_1 
_pdbx_struct_sheet_hbond.range_id_2 
_pdbx_struct_sheet_hbond.range_1_label_atom_id 
_pdbx_struct_sheet_hbond.range_1_label_comp_id 
_pdbx_struct_sheet_hbond.range_1_label_asym_id 
_pdbx_struct_sheet_hbond.range_1_label_seq_id 
_pdbx_struct_sheet_hbond.range_1_PDB_ins_code 
_pdbx_struct_sheet_hbond.range_1_auth_atom_id 
_pdbx_struct_sheet_hbond.range_1_auth_comp_id 
_pdbx_struct_sheet_hbond.range_1_auth_asym_id 
_pdbx_struct_sheet_hbond.range_1_auth_seq_id 
_pdbx_struct_sheet_hbond.range_2_label_atom_id 
_pdbx_struct_sheet_hbond.range_2_label_comp_id 
_pdbx_struct_sheet_hbond.range_2_label_asym_id 
_pdbx_struct_sheet_hbond.range_2_label_seq_id 
_pdbx_struct_sheet_hbond.range_2_PDB_ins_code 
_pdbx_struct_sheet_hbond.range_2_auth_atom_id 
_pdbx_struct_sheet_hbond.range_2_auth_comp_id 
_pdbx_struct_sheet_hbond.range_2_auth_asym_id 
_pdbx_struct_sheet_hbond.range_2_auth_seq_id 
A 1 2 O GLY A 62  ? O GLY A 60  N LEU A 35  ? N LEU A 33  
A 2 3 N VAL A 38  ? N VAL A 36  O ILE A 87  ? O ILE A 85  
A 3 4 O ILE A 84  ? O ILE A 82  N LEU A 9   ? N LEU A 7   
A 4 5 N THR A 11  ? N THR A 9   O ASN A 108 ? O ASN A 106 
A 5 6 N VAL A 109 ? N VAL A 107 O PHE A 146 ? O PHE A 144 
B 1 2 N ILE A 121 ? N ILE A 119 O VAL A 125 ? O VAL A 123 
# 
_pdbx_validate_torsion.id              1 
_pdbx_validate_torsion.PDB_model_num   1 
_pdbx_validate_torsion.auth_comp_id    LEU 
_pdbx_validate_torsion.auth_asym_id    A 
_pdbx_validate_torsion.auth_seq_id     15 
_pdbx_validate_torsion.PDB_ins_code    ? 
_pdbx_validate_torsion.label_alt_id    ? 
_pdbx_validate_torsion.phi             58.75 
_pdbx_validate_torsion.psi             -119.86 
# 
_pdbx_SG_project.id                    1 
_pdbx_SG_project.project_name          'PSI, Protein Structure Initiative' 
_pdbx_SG_project.full_name_of_center   'New York SGX Research Center for Structural Genomics' 
_pdbx_SG_project.initial_of_center     NYSGXRC 
# 
loop_
_pdbx_unobs_or_zero_occ_residues.id 
_pdbx_unobs_or_zero_occ_residues.PDB_model_num 
_pdbx_unobs_or_zero_occ_residues.polymer_flag 
_pdbx_unobs_or_zero_occ_residues.occupancy_flag 
_pdbx_unobs_or_zero_occ_residues.auth_asym_id 
_pdbx_unobs_or_zero_occ_residues.auth_comp_id 
_pdbx_unobs_or_zero_occ_residues.auth_seq_id 
_pdbx_unobs_or_zero_occ_residues.PDB_ins_code 
_pdbx_unobs_or_zero_occ_residues.label_asym_id 
_pdbx_unobs_or_zero_occ_residues.label_comp_id 
_pdbx_unobs_or_zero_occ_residues.label_seq_id 
1  1 Y 1 A MET -1  ? A MET 1   
2  1 Y 1 A SER 0   ? A SER 2   
3  1 Y 1 A LEU 1   ? A LEU 3   
4  1 Y 1 A SER 2   ? A SER 4   
5  1 Y 1 A SER 3   ? A SER 5   
6  1 Y 1 A PRO 4   ? A PRO 6   
7  1 Y 1 A ASP 158 ? A ASP 160 
8  1 Y 1 A GLU 159 ? A GLU 161 
9  1 Y 1 A GLY 160 ? A GLY 162 
10 1 Y 1 A HIS 161 ? A HIS 163 
11 1 Y 1 A HIS 162 ? A HIS 164 
12 1 Y 1 A HIS 163 ? A HIS 165 
13 1 Y 1 A HIS 164 ? A HIS 166 
14 1 Y 1 A HIS 165 ? A HIS 167 
15 1 Y 1 A HIS 166 ? A HIS 168 
# 
loop_
_chem_comp_atom.comp_id 
_chem_comp_atom.atom_id 
_chem_comp_atom.type_symbol 
_chem_comp_atom.pdbx_aromatic_flag 
_chem_comp_atom.pdbx_stereo_config 
_chem_comp_atom.pdbx_ordinal 
ALA N    N N N 1   
ALA CA   C N S 2   
ALA C    C N N 3   
ALA O    O N N 4   
ALA CB   C N N 5   
ALA OXT  O N N 6   
ALA H    H N N 7   
ALA H2   H N N 8   
ALA HA   H N N 9   
ALA HB1  H N N 10  
ALA HB2  H N N 11  
ALA HB3  H N N 12  
ALA HXT  H N N 13  
ARG N    N N N 14  
ARG CA   C N S 15  
ARG C    C N N 16  
ARG O    O N N 17  
ARG CB   C N N 18  
ARG CG   C N N 19  
ARG CD   C N N 20  
ARG NE   N N N 21  
ARG CZ   C N N 22  
ARG NH1  N N N 23  
ARG NH2  N N N 24  
ARG OXT  O N N 25  
ARG H    H N N 26  
ARG H2   H N N 27  
ARG HA   H N N 28  
ARG HB2  H N N 29  
ARG HB3  H N N 30  
ARG HG2  H N N 31  
ARG HG3  H N N 32  
ARG HD2  H N N 33  
ARG HD3  H N N 34  
ARG HE   H N N 35  
ARG HH11 H N N 36  
ARG HH12 H N N 37  
ARG HH21 H N N 38  
ARG HH22 H N N 39  
ARG HXT  H N N 40  
ASN N    N N N 41  
ASN CA   C N S 42  
ASN C    C N N 43  
ASN O    O N N 44  
ASN CB   C N N 45  
ASN CG   C N N 46  
ASN OD1  O N N 47  
ASN ND2  N N N 48  
ASN OXT  O N N 49  
ASN H    H N N 50  
ASN H2   H N N 51  
ASN HA   H N N 52  
ASN HB2  H N N 53  
ASN HB3  H N N 54  
ASN HD21 H N N 55  
ASN HD22 H N N 56  
ASN HXT  H N N 57  
ASP N    N N N 58  
ASP CA   C N S 59  
ASP C    C N N 60  
ASP O    O N N 61  
ASP CB   C N N 62  
ASP CG   C N N 63  
ASP OD1  O N N 64  
ASP OD2  O N N 65  
ASP OXT  O N N 66  
ASP H    H N N 67  
ASP H2   H N N 68  
ASP HA   H N N 69  
ASP HB2  H N N 70  
ASP HB3  H N N 71  
ASP HD2  H N N 72  
ASP HXT  H N N 73  
CYS N    N N N 74  
CYS CA   C N R 75  
CYS C    C N N 76  
CYS O    O N N 77  
CYS CB   C N N 78  
CYS SG   S N N 79  
CYS OXT  O N N 80  
CYS H    H N N 81  
CYS H2   H N N 82  
CYS HA   H N N 83  
CYS HB2  H N N 84  
CYS HB3  H N N 85  
CYS HG   H N N 86  
CYS HXT  H N N 87  
GLN N    N N N 88  
GLN CA   C N S 89  
GLN C    C N N 90  
GLN O    O N N 91  
GLN CB   C N N 92  
GLN CG   C N N 93  
GLN CD   C N N 94  
GLN OE1  O N N 95  
GLN NE2  N N N 96  
GLN OXT  O N N 97  
GLN H    H N N 98  
GLN H2   H N N 99  
GLN HA   H N N 100 
GLN HB2  H N N 101 
GLN HB3  H N N 102 
GLN HG2  H N N 103 
GLN HG3  H N N 104 
GLN HE21 H N N 105 
GLN HE22 H N N 106 
GLN HXT  H N N 107 
GLU N    N N N 108 
GLU CA   C N S 109 
GLU C    C N N 110 
GLU O    O N N 111 
GLU CB   C N N 112 
GLU CG   C N N 113 
GLU CD   C N N 114 
GLU OE1  O N N 115 
GLU OE2  O N N 116 
GLU OXT  O N N 117 
GLU H    H N N 118 
GLU H2   H N N 119 
GLU HA   H N N 120 
GLU HB2  H N N 121 
GLU HB3  H N N 122 
GLU HG2  H N N 123 
GLU HG3  H N N 124 
GLU HE2  H N N 125 
GLU HXT  H N N 126 
GLY N    N N N 127 
GLY CA   C N N 128 
GLY C    C N N 129 
GLY O    O N N 130 
GLY OXT  O N N 131 
GLY H    H N N 132 
GLY H2   H N N 133 
GLY HA2  H N N 134 
GLY HA3  H N N 135 
GLY HXT  H N N 136 
HIS N    N N N 137 
HIS CA   C N S 138 
HIS C    C N N 139 
HIS O    O N N 140 
HIS CB   C N N 141 
HIS CG   C Y N 142 
HIS ND1  N Y N 143 
HIS CD2  C Y N 144 
HIS CE1  C Y N 145 
HIS NE2  N Y N 146 
HIS OXT  O N N 147 
HIS H    H N N 148 
HIS H2   H N N 149 
HIS HA   H N N 150 
HIS HB2  H N N 151 
HIS HB3  H N N 152 
HIS HD1  H N N 153 
HIS HD2  H N N 154 
HIS HE1  H N N 155 
HIS HE2  H N N 156 
HIS HXT  H N N 157 
HOH O    O N N 158 
HOH H1   H N N 159 
HOH H2   H N N 160 
ILE N    N N N 161 
ILE CA   C N S 162 
ILE C    C N N 163 
ILE O    O N N 164 
ILE CB   C N S 165 
ILE CG1  C N N 166 
ILE CG2  C N N 167 
ILE CD1  C N N 168 
ILE OXT  O N N 169 
ILE H    H N N 170 
ILE H2   H N N 171 
ILE HA   H N N 172 
ILE HB   H N N 173 
ILE HG12 H N N 174 
ILE HG13 H N N 175 
ILE HG21 H N N 176 
ILE HG22 H N N 177 
ILE HG23 H N N 178 
ILE HD11 H N N 179 
ILE HD12 H N N 180 
ILE HD13 H N N 181 
ILE HXT  H N N 182 
LEU N    N N N 183 
LEU CA   C N S 184 
LEU C    C N N 185 
LEU O    O N N 186 
LEU CB   C N N 187 
LEU CG   C N N 188 
LEU CD1  C N N 189 
LEU CD2  C N N 190 
LEU OXT  O N N 191 
LEU H    H N N 192 
LEU H2   H N N 193 
LEU HA   H N N 194 
LEU HB2  H N N 195 
LEU HB3  H N N 196 
LEU HG   H N N 197 
LEU HD11 H N N 198 
LEU HD12 H N N 199 
LEU HD13 H N N 200 
LEU HD21 H N N 201 
LEU HD22 H N N 202 
LEU HD23 H N N 203 
LEU HXT  H N N 204 
LYS N    N N N 205 
LYS CA   C N S 206 
LYS C    C N N 207 
LYS O    O N N 208 
LYS CB   C N N 209 
LYS CG   C N N 210 
LYS CD   C N N 211 
LYS CE   C N N 212 
LYS NZ   N N N 213 
LYS OXT  O N N 214 
LYS H    H N N 215 
LYS H2   H N N 216 
LYS HA   H N N 217 
LYS HB2  H N N 218 
LYS HB3  H N N 219 
LYS HG2  H N N 220 
LYS HG3  H N N 221 
LYS HD2  H N N 222 
LYS HD3  H N N 223 
LYS HE2  H N N 224 
LYS HE3  H N N 225 
LYS HZ1  H N N 226 
LYS HZ2  H N N 227 
LYS HZ3  H N N 228 
LYS HXT  H N N 229 
MET N    N N N 230 
MET CA   C N S 231 
MET C    C N N 232 
MET O    O N N 233 
MET CB   C N N 234 
MET CG   C N N 235 
MET SD   S N N 236 
MET CE   C N N 237 
MET OXT  O N N 238 
MET H    H N N 239 
MET H2   H N N 240 
MET HA   H N N 241 
MET HB2  H N N 242 
MET HB3  H N N 243 
MET HG2  H N N 244 
MET HG3  H N N 245 
MET HE1  H N N 246 
MET HE2  H N N 247 
MET HE3  H N N 248 
MET HXT  H N N 249 
PHE N    N N N 250 
PHE CA   C N S 251 
PHE C    C N N 252 
PHE O    O N N 253 
PHE CB   C N N 254 
PHE CG   C Y N 255 
PHE CD1  C Y N 256 
PHE CD2  C Y N 257 
PHE CE1  C Y N 258 
PHE CE2  C Y N 259 
PHE CZ   C Y N 260 
PHE OXT  O N N 261 
PHE H    H N N 262 
PHE H2   H N N 263 
PHE HA   H N N 264 
PHE HB2  H N N 265 
PHE HB3  H N N 266 
PHE HD1  H N N 267 
PHE HD2  H N N 268 
PHE HE1  H N N 269 
PHE HE2  H N N 270 
PHE HZ   H N N 271 
PHE HXT  H N N 272 
PRO N    N N N 273 
PRO CA   C N S 274 
PRO C    C N N 275 
PRO O    O N N 276 
PRO CB   C N N 277 
PRO CG   C N N 278 
PRO CD   C N N 279 
PRO OXT  O N N 280 
PRO H    H N N 281 
PRO HA   H N N 282 
PRO HB2  H N N 283 
PRO HB3  H N N 284 
PRO HG2  H N N 285 
PRO HG3  H N N 286 
PRO HD2  H N N 287 
PRO HD3  H N N 288 
PRO HXT  H N N 289 
SER N    N N N 290 
SER CA   C N S 291 
SER C    C N N 292 
SER O    O N N 293 
SER CB   C N N 294 
SER OG   O N N 295 
SER OXT  O N N 296 
SER H    H N N 297 
SER H2   H N N 298 
SER HA   H N N 299 
SER HB2  H N N 300 
SER HB3  H N N 301 
SER HG   H N N 302 
SER HXT  H N N 303 
THR N    N N N 304 
THR CA   C N S 305 
THR C    C N N 306 
THR O    O N N 307 
THR CB   C N R 308 
THR OG1  O N N 309 
THR CG2  C N N 310 
THR OXT  O N N 311 
THR H    H N N 312 
THR H2   H N N 313 
THR HA   H N N 314 
THR HB   H N N 315 
THR HG1  H N N 316 
THR HG21 H N N 317 
THR HG22 H N N 318 
THR HG23 H N N 319 
THR HXT  H N N 320 
TRP N    N N N 321 
TRP CA   C N S 322 
TRP C    C N N 323 
TRP O    O N N 324 
TRP CB   C N N 325 
TRP CG   C Y N 326 
TRP CD1  C Y N 327 
TRP CD2  C Y N 328 
TRP NE1  N Y N 329 
TRP CE2  C Y N 330 
TRP CE3  C Y N 331 
TRP CZ2  C Y N 332 
TRP CZ3  C Y N 333 
TRP CH2  C Y N 334 
TRP OXT  O N N 335 
TRP H    H N N 336 
TRP H2   H N N 337 
TRP HA   H N N 338 
TRP HB2  H N N 339 
TRP HB3  H N N 340 
TRP HD1  H N N 341 
TRP HE1  H N N 342 
TRP HE3  H N N 343 
TRP HZ2  H N N 344 
TRP HZ3  H N N 345 
TRP HH2  H N N 346 
TRP HXT  H N N 347 
TYR N    N N N 348 
TYR CA   C N S 349 
TYR C    C N N 350 
TYR O    O N N 351 
TYR CB   C N N 352 
TYR CG   C Y N 353 
TYR CD1  C Y N 354 
TYR CD2  C Y N 355 
TYR CE1  C Y N 356 
TYR CE2  C Y N 357 
TYR CZ   C Y N 358 
TYR OH   O N N 359 
TYR OXT  O N N 360 
TYR H    H N N 361 
TYR H2   H N N 362 
TYR HA   H N N 363 
TYR HB2  H N N 364 
TYR HB3  H N N 365 
TYR HD1  H N N 366 
TYR HD2  H N N 367 
TYR HE1  H N N 368 
TYR HE2  H N N 369 
TYR HH   H N N 370 
TYR HXT  H N N 371 
VAL N    N N N 372 
VAL CA   C N S 373 
VAL C    C N N 374 
VAL O    O N N 375 
VAL CB   C N N 376 
VAL CG1  C N N 377 
VAL CG2  C N N 378 
VAL OXT  O N N 379 
VAL H    H N N 380 
VAL H2   H N N 381 
VAL HA   H N N 382 
VAL HB   H N N 383 
VAL HG11 H N N 384 
VAL HG12 H N N 385 
VAL HG13 H N N 386 
VAL HG21 H N N 387 
VAL HG22 H N N 388 
VAL HG23 H N N 389 
VAL HXT  H N N 390 
# 
loop_
_chem_comp_bond.comp_id 
_chem_comp_bond.atom_id_1 
_chem_comp_bond.atom_id_2 
_chem_comp_bond.value_order 
_chem_comp_bond.pdbx_aromatic_flag 
_chem_comp_bond.pdbx_stereo_config 
_chem_comp_bond.pdbx_ordinal 
ALA N   CA   sing N N 1   
ALA N   H    sing N N 2   
ALA N   H2   sing N N 3   
ALA CA  C    sing N N 4   
ALA CA  CB   sing N N 5   
ALA CA  HA   sing N N 6   
ALA C   O    doub N N 7   
ALA C   OXT  sing N N 8   
ALA CB  HB1  sing N N 9   
ALA CB  HB2  sing N N 10  
ALA CB  HB3  sing N N 11  
ALA OXT HXT  sing N N 12  
ARG N   CA   sing N N 13  
ARG N   H    sing N N 14  
ARG N   H2   sing N N 15  
ARG CA  C    sing N N 16  
ARG CA  CB   sing N N 17  
ARG CA  HA   sing N N 18  
ARG C   O    doub N N 19  
ARG C   OXT  sing N N 20  
ARG CB  CG   sing N N 21  
ARG CB  HB2  sing N N 22  
ARG CB  HB3  sing N N 23  
ARG CG  CD   sing N N 24  
ARG CG  HG2  sing N N 25  
ARG CG  HG3  sing N N 26  
ARG CD  NE   sing N N 27  
ARG CD  HD2  sing N N 28  
ARG CD  HD3  sing N N 29  
ARG NE  CZ   sing N N 30  
ARG NE  HE   sing N N 31  
ARG CZ  NH1  sing N N 32  
ARG CZ  NH2  doub N N 33  
ARG NH1 HH11 sing N N 34  
ARG NH1 HH12 sing N N 35  
ARG NH2 HH21 sing N N 36  
ARG NH2 HH22 sing N N 37  
ARG OXT HXT  sing N N 38  
ASN N   CA   sing N N 39  
ASN N   H    sing N N 40  
ASN N   H2   sing N N 41  
ASN CA  C    sing N N 42  
ASN CA  CB   sing N N 43  
ASN CA  HA   sing N N 44  
ASN C   O    doub N N 45  
ASN C   OXT  sing N N 46  
ASN CB  CG   sing N N 47  
ASN CB  HB2  sing N N 48  
ASN CB  HB3  sing N N 49  
ASN CG  OD1  doub N N 50  
ASN CG  ND2  sing N N 51  
ASN ND2 HD21 sing N N 52  
ASN ND2 HD22 sing N N 53  
ASN OXT HXT  sing N N 54  
ASP N   CA   sing N N 55  
ASP N   H    sing N N 56  
ASP N   H2   sing N N 57  
ASP CA  C    sing N N 58  
ASP CA  CB   sing N N 59  
ASP CA  HA   sing N N 60  
ASP C   O    doub N N 61  
ASP C   OXT  sing N N 62  
ASP CB  CG   sing N N 63  
ASP CB  HB2  sing N N 64  
ASP CB  HB3  sing N N 65  
ASP CG  OD1  doub N N 66  
ASP CG  OD2  sing N N 67  
ASP OD2 HD2  sing N N 68  
ASP OXT HXT  sing N N 69  
CYS N   CA   sing N N 70  
CYS N   H    sing N N 71  
CYS N   H2   sing N N 72  
CYS CA  C    sing N N 73  
CYS CA  CB   sing N N 74  
CYS CA  HA   sing N N 75  
CYS C   O    doub N N 76  
CYS C   OXT  sing N N 77  
CYS CB  SG   sing N N 78  
CYS CB  HB2  sing N N 79  
CYS CB  HB3  sing N N 80  
CYS SG  HG   sing N N 81  
CYS OXT HXT  sing N N 82  
GLN N   CA   sing N N 83  
GLN N   H    sing N N 84  
GLN N   H2   sing N N 85  
GLN CA  C    sing N N 86  
GLN CA  CB   sing N N 87  
GLN CA  HA   sing N N 88  
GLN C   O    doub N N 89  
GLN C   OXT  sing N N 90  
GLN CB  CG   sing N N 91  
GLN CB  HB2  sing N N 92  
GLN CB  HB3  sing N N 93  
GLN CG  CD   sing N N 94  
GLN CG  HG2  sing N N 95  
GLN CG  HG3  sing N N 96  
GLN CD  OE1  doub N N 97  
GLN CD  NE2  sing N N 98  
GLN NE2 HE21 sing N N 99  
GLN NE2 HE22 sing N N 100 
GLN OXT HXT  sing N N 101 
GLU N   CA   sing N N 102 
GLU N   H    sing N N 103 
GLU N   H2   sing N N 104 
GLU CA  C    sing N N 105 
GLU CA  CB   sing N N 106 
GLU CA  HA   sing N N 107 
GLU C   O    doub N N 108 
GLU C   OXT  sing N N 109 
GLU CB  CG   sing N N 110 
GLU CB  HB2  sing N N 111 
GLU CB  HB3  sing N N 112 
GLU CG  CD   sing N N 113 
GLU CG  HG2  sing N N 114 
GLU CG  HG3  sing N N 115 
GLU CD  OE1  doub N N 116 
GLU CD  OE2  sing N N 117 
GLU OE2 HE2  sing N N 118 
GLU OXT HXT  sing N N 119 
GLY N   CA   sing N N 120 
GLY N   H    sing N N 121 
GLY N   H2   sing N N 122 
GLY CA  C    sing N N 123 
GLY CA  HA2  sing N N 124 
GLY CA  HA3  sing N N 125 
GLY C   O    doub N N 126 
GLY C   OXT  sing N N 127 
GLY OXT HXT  sing N N 128 
HIS N   CA   sing N N 129 
HIS N   H    sing N N 130 
HIS N   H2   sing N N 131 
HIS CA  C    sing N N 132 
HIS CA  CB   sing N N 133 
HIS CA  HA   sing N N 134 
HIS C   O    doub N N 135 
HIS C   OXT  sing N N 136 
HIS CB  CG   sing N N 137 
HIS CB  HB2  sing N N 138 
HIS CB  HB3  sing N N 139 
HIS CG  ND1  sing Y N 140 
HIS CG  CD2  doub Y N 141 
HIS ND1 CE1  doub Y N 142 
HIS ND1 HD1  sing N N 143 
HIS CD2 NE2  sing Y N 144 
HIS CD2 HD2  sing N N 145 
HIS CE1 NE2  sing Y N 146 
HIS CE1 HE1  sing N N 147 
HIS NE2 HE2  sing N N 148 
HIS OXT HXT  sing N N 149 
HOH O   H1   sing N N 150 
HOH O   H2   sing N N 151 
ILE N   CA   sing N N 152 
ILE N   H    sing N N 153 
ILE N   H2   sing N N 154 
ILE CA  C    sing N N 155 
ILE CA  CB   sing N N 156 
ILE CA  HA   sing N N 157 
ILE C   O    doub N N 158 
ILE C   OXT  sing N N 159 
ILE CB  CG1  sing N N 160 
ILE CB  CG2  sing N N 161 
ILE CB  HB   sing N N 162 
ILE CG1 CD1  sing N N 163 
ILE CG1 HG12 sing N N 164 
ILE CG1 HG13 sing N N 165 
ILE CG2 HG21 sing N N 166 
ILE CG2 HG22 sing N N 167 
ILE CG2 HG23 sing N N 168 
ILE CD1 HD11 sing N N 169 
ILE CD1 HD12 sing N N 170 
ILE CD1 HD13 sing N N 171 
ILE OXT HXT  sing N N 172 
LEU N   CA   sing N N 173 
LEU N   H    sing N N 174 
LEU N   H2   sing N N 175 
LEU CA  C    sing N N 176 
LEU CA  CB   sing N N 177 
LEU CA  HA   sing N N 178 
LEU C   O    doub N N 179 
LEU C   OXT  sing N N 180 
LEU CB  CG   sing N N 181 
LEU CB  HB2  sing N N 182 
LEU CB  HB3  sing N N 183 
LEU CG  CD1  sing N N 184 
LEU CG  CD2  sing N N 185 
LEU CG  HG   sing N N 186 
LEU CD1 HD11 sing N N 187 
LEU CD1 HD12 sing N N 188 
LEU CD1 HD13 sing N N 189 
LEU CD2 HD21 sing N N 190 
LEU CD2 HD22 sing N N 191 
LEU CD2 HD23 sing N N 192 
LEU OXT HXT  sing N N 193 
LYS N   CA   sing N N 194 
LYS N   H    sing N N 195 
LYS N   H2   sing N N 196 
LYS CA  C    sing N N 197 
LYS CA  CB   sing N N 198 
LYS CA  HA   sing N N 199 
LYS C   O    doub N N 200 
LYS C   OXT  sing N N 201 
LYS CB  CG   sing N N 202 
LYS CB  HB2  sing N N 203 
LYS CB  HB3  sing N N 204 
LYS CG  CD   sing N N 205 
LYS CG  HG2  sing N N 206 
LYS CG  HG3  sing N N 207 
LYS CD  CE   sing N N 208 
LYS CD  HD2  sing N N 209 
LYS CD  HD3  sing N N 210 
LYS CE  NZ   sing N N 211 
LYS CE  HE2  sing N N 212 
LYS CE  HE3  sing N N 213 
LYS NZ  HZ1  sing N N 214 
LYS NZ  HZ2  sing N N 215 
LYS NZ  HZ3  sing N N 216 
LYS OXT HXT  sing N N 217 
MET N   CA   sing N N 218 
MET N   H    sing N N 219 
MET N   H2   sing N N 220 
MET CA  C    sing N N 221 
MET CA  CB   sing N N 222 
MET CA  HA   sing N N 223 
MET C   O    doub N N 224 
MET C   OXT  sing N N 225 
MET CB  CG   sing N N 226 
MET CB  HB2  sing N N 227 
MET CB  HB3  sing N N 228 
MET CG  SD   sing N N 229 
MET CG  HG2  sing N N 230 
MET CG  HG3  sing N N 231 
MET SD  CE   sing N N 232 
MET CE  HE1  sing N N 233 
MET CE  HE2  sing N N 234 
MET CE  HE3  sing N N 235 
MET OXT HXT  sing N N 236 
PHE N   CA   sing N N 237 
PHE N   H    sing N N 238 
PHE N   H2   sing N N 239 
PHE CA  C    sing N N 240 
PHE CA  CB   sing N N 241 
PHE CA  HA   sing N N 242 
PHE C   O    doub N N 243 
PHE C   OXT  sing N N 244 
PHE CB  CG   sing N N 245 
PHE CB  HB2  sing N N 246 
PHE CB  HB3  sing N N 247 
PHE CG  CD1  doub Y N 248 
PHE CG  CD2  sing Y N 249 
PHE CD1 CE1  sing Y N 250 
PHE CD1 HD1  sing N N 251 
PHE CD2 CE2  doub Y N 252 
PHE CD2 HD2  sing N N 253 
PHE CE1 CZ   doub Y N 254 
PHE CE1 HE1  sing N N 255 
PHE CE2 CZ   sing Y N 256 
PHE CE2 HE2  sing N N 257 
PHE CZ  HZ   sing N N 258 
PHE OXT HXT  sing N N 259 
PRO N   CA   sing N N 260 
PRO N   CD   sing N N 261 
PRO N   H    sing N N 262 
PRO CA  C    sing N N 263 
PRO CA  CB   sing N N 264 
PRO CA  HA   sing N N 265 
PRO C   O    doub N N 266 
PRO C   OXT  sing N N 267 
PRO CB  CG   sing N N 268 
PRO CB  HB2  sing N N 269 
PRO CB  HB3  sing N N 270 
PRO CG  CD   sing N N 271 
PRO CG  HG2  sing N N 272 
PRO CG  HG3  sing N N 273 
PRO CD  HD2  sing N N 274 
PRO CD  HD3  sing N N 275 
PRO OXT HXT  sing N N 276 
SER N   CA   sing N N 277 
SER N   H    sing N N 278 
SER N   H2   sing N N 279 
SER CA  C    sing N N 280 
SER CA  CB   sing N N 281 
SER CA  HA   sing N N 282 
SER C   O    doub N N 283 
SER C   OXT  sing N N 284 
SER CB  OG   sing N N 285 
SER CB  HB2  sing N N 286 
SER CB  HB3  sing N N 287 
SER OG  HG   sing N N 288 
SER OXT HXT  sing N N 289 
THR N   CA   sing N N 290 
THR N   H    sing N N 291 
THR N   H2   sing N N 292 
THR CA  C    sing N N 293 
THR CA  CB   sing N N 294 
THR CA  HA   sing N N 295 
THR C   O    doub N N 296 
THR C   OXT  sing N N 297 
THR CB  OG1  sing N N 298 
THR CB  CG2  sing N N 299 
THR CB  HB   sing N N 300 
THR OG1 HG1  sing N N 301 
THR CG2 HG21 sing N N 302 
THR CG2 HG22 sing N N 303 
THR CG2 HG23 sing N N 304 
THR OXT HXT  sing N N 305 
TRP N   CA   sing N N 306 
TRP N   H    sing N N 307 
TRP N   H2   sing N N 308 
TRP CA  C    sing N N 309 
TRP CA  CB   sing N N 310 
TRP CA  HA   sing N N 311 
TRP C   O    doub N N 312 
TRP C   OXT  sing N N 313 
TRP CB  CG   sing N N 314 
TRP CB  HB2  sing N N 315 
TRP CB  HB3  sing N N 316 
TRP CG  CD1  doub Y N 317 
TRP CG  CD2  sing Y N 318 
TRP CD1 NE1  sing Y N 319 
TRP CD1 HD1  sing N N 320 
TRP CD2 CE2  doub Y N 321 
TRP CD2 CE3  sing Y N 322 
TRP NE1 CE2  sing Y N 323 
TRP NE1 HE1  sing N N 324 
TRP CE2 CZ2  sing Y N 325 
TRP CE3 CZ3  doub Y N 326 
TRP CE3 HE3  sing N N 327 
TRP CZ2 CH2  doub Y N 328 
TRP CZ2 HZ2  sing N N 329 
TRP CZ3 CH2  sing Y N 330 
TRP CZ3 HZ3  sing N N 331 
TRP CH2 HH2  sing N N 332 
TRP OXT HXT  sing N N 333 
TYR N   CA   sing N N 334 
TYR N   H    sing N N 335 
TYR N   H2   sing N N 336 
TYR CA  C    sing N N 337 
TYR CA  CB   sing N N 338 
TYR CA  HA   sing N N 339 
TYR C   O    doub N N 340 
TYR C   OXT  sing N N 341 
TYR CB  CG   sing N N 342 
TYR CB  HB2  sing N N 343 
TYR CB  HB3  sing N N 344 
TYR CG  CD1  doub Y N 345 
TYR CG  CD2  sing Y N 346 
TYR CD1 CE1  sing Y N 347 
TYR CD1 HD1  sing N N 348 
TYR CD2 CE2  doub Y N 349 
TYR CD2 HD2  sing N N 350 
TYR CE1 CZ   doub Y N 351 
TYR CE1 HE1  sing N N 352 
TYR CE2 CZ   sing Y N 353 
TYR CE2 HE2  sing N N 354 
TYR CZ  OH   sing N N 355 
TYR OH  HH   sing N N 356 
TYR OXT HXT  sing N N 357 
VAL N   CA   sing N N 358 
VAL N   H    sing N N 359 
VAL N   H2   sing N N 360 
VAL CA  C    sing N N 361 
VAL CA  CB   sing N N 362 
VAL CA  HA   sing N N 363 
VAL C   O    doub N N 364 
VAL C   OXT  sing N N 365 
VAL CB  CG1  sing N N 366 
VAL CB  CG2  sing N N 367 
VAL CB  HB   sing N N 368 
VAL CG1 HG11 sing N N 369 
VAL CG1 HG12 sing N N 370 
VAL CG1 HG13 sing N N 371 
VAL CG2 HG21 sing N N 372 
VAL CG2 HG22 sing N N 373 
VAL CG2 HG23 sing N N 374 
VAL OXT HXT  sing N N 375 
# 
_atom_sites.entry_id                    3EYE 
_atom_sites.fract_transf_matrix[1][1]   -0.00067318 
_atom_sites.fract_transf_matrix[1][2]   0.00451955 
_atom_sites.fract_transf_matrix[1][3]   -0.01171810 
_atom_sites.fract_transf_matrix[2][1]   0.02838351 
_atom_sites.fract_transf_matrix[2][2]   0.01392127 
_atom_sites.fract_transf_matrix[2][3]   0.00373873 
_atom_sites.fract_transf_matrix[3][1]   0.00723313 
_atom_sites.fract_transf_matrix[3][2]   -0.01219659 
_atom_sites.fract_transf_matrix[3][3]   -0.00949776 
_atom_sites.fract_transf_vector[1]      0.134689 
_atom_sites.fract_transf_vector[2]      0.712435 
_atom_sites.fract_transf_vector[3]      0.295504 
# 
loop_
_atom_type.symbol 
C 
N 
O 
S 
# 
loop_
_atom_site.group_PDB 
_atom_site.id 
_atom_site.type_symbol 
_atom_site.label_atom_id 
_atom_site.label_alt_id 
_atom_site.label_comp_id 
_atom_site.label_asym_id 
_atom_site.label_entity_id 
_atom_site.label_seq_id 
_atom_site.pdbx_PDB_ins_code 
_atom_site.Cartn_x 
_atom_site.Cartn_y 
_atom_site.Cartn_z 
_atom_site.occupancy 
_atom_site.B_iso_or_equiv 
_atom_site.pdbx_formal_charge 
_atom_site.auth_seq_id 
_atom_site.auth_comp_id 
_atom_site.auth_asym_id 
_atom_site.auth_atom_id 
_atom_site.pdbx_PDB_model_num 
ATOM   1    N N   . ASN A 1 7   ? 6.973   -1.347  13.625  1.00 26.16 ? 5   ASN A N   1 
ATOM   2    C CA  . ASN A 1 7   ? 7.568   -2.108  12.519  1.00 24.12 ? 5   ASN A CA  1 
ATOM   3    C C   . ASN A 1 7   ? 7.119   -1.624  11.168  1.00 21.53 ? 5   ASN A C   1 
ATOM   4    O O   . ASN A 1 7   ? 7.839   -1.736  10.189  1.00 19.70 ? 5   ASN A O   1 
ATOM   5    C CB  . ASN A 1 7   ? 7.144   -3.563  12.623  1.00 25.46 ? 5   ASN A CB  1 
ATOM   6    C CG  . ASN A 1 7   ? 7.871   -4.297  13.686  1.00 27.23 ? 5   ASN A CG  1 
ATOM   7    O OD1 . ASN A 1 7   ? 7.464   -4.315  14.856  1.00 29.71 ? 5   ASN A OD1 1 
ATOM   8    N ND2 . ASN A 1 7   ? 8.965   -4.920  13.298  1.00 24.01 ? 5   ASN A ND2 1 
ATOM   9    N N   . ILE A 1 8   ? 5.878   -1.191  11.113  1.00 19.12 ? 6   ILE A N   1 
ATOM   10   C CA  . ILE A 1 8   ? 5.291   -0.744  9.841   1.00 18.21 ? 6   ILE A CA  1 
ATOM   11   C C   . ILE A 1 8   ? 5.666   0.723   9.640   1.00 17.89 ? 6   ILE A C   1 
ATOM   12   O O   . ILE A 1 8   ? 5.236   1.615   10.362  1.00 18.49 ? 6   ILE A O   1 
ATOM   13   C CB  . ILE A 1 8   ? 3.785   -0.930  9.815   1.00 18.55 ? 6   ILE A CB  1 
ATOM   14   C CG1 . ILE A 1 8   ? 3.378   -2.395  10.031  1.00 20.68 ? 6   ILE A CG1 1 
ATOM   15   C CG2 . ILE A 1 8   ? 3.240   -0.434  8.468   1.00 18.06 ? 6   ILE A CG2 1 
ATOM   16   C CD1 . ILE A 1 8   ? 1.831   -2.507  10.359  1.00 20.92 ? 6   ILE A CD1 1 
ATOM   17   N N   . LEU A 1 9   ? 6.478   0.958   8.640   1.00 16.80 ? 7   LEU A N   1 
ATOM   18   C CA  . LEU A 1 9   ? 7.000   2.283   8.328   1.00 17.11 ? 7   LEU A CA  1 
ATOM   19   C C   . LEU A 1 9   ? 6.031   3.118   7.480   1.00 15.88 ? 7   LEU A C   1 
ATOM   20   O O   . LEU A 1 9   ? 5.894   4.336   7.629   1.00 17.96 ? 7   LEU A O   1 
ATOM   21   C CB  . LEU A 1 9   ? 8.333   2.161   7.593   1.00 17.75 ? 7   LEU A CB  1 
ATOM   22   C CG  . LEU A 1 9   ? 9.493   1.608   8.422   1.00 18.36 ? 7   LEU A CG  1 
ATOM   23   C CD1 . LEU A 1 9   ? 10.730  1.506   7.521   1.00 20.32 ? 7   LEU A CD1 1 
ATOM   24   C CD2 . LEU A 1 9   ? 9.735   2.498   9.630   1.00 23.55 ? 7   LEU A CD2 1 
ATOM   25   N N   . LEU A 1 10  ? 5.328   2.401   6.619   1.00 15.58 ? 8   LEU A N   1 
ATOM   26   C CA  . LEU A 1 10  ? 4.403   3.035   5.664   1.00 15.16 ? 8   LEU A CA  1 
ATOM   27   C C   . LEU A 1 10  ? 3.509   1.999   4.997   1.00 13.21 ? 8   LEU A C   1 
ATOM   28   O O   . LEU A 1 10  ? 3.908   0.873   4.877   1.00 12.66 ? 8   LEU A O   1 
ATOM   29   C CB  . LEU A 1 10  ? 5.180   3.769   4.585   1.00 15.25 ? 8   LEU A CB  1 
ATOM   30   C CG  . LEU A 1 10  ? 4.347   4.646   3.624   1.00 15.29 ? 8   LEU A CG  1 
ATOM   31   C CD1 . LEU A 1 10  ? 3.576   5.743   4.343   1.00 17.25 ? 8   LEU A CD1 1 
ATOM   32   C CD2 . LEU A 1 10  ? 5.273   5.227   2.542   1.00 16.10 ? 8   LEU A CD2 1 
ATOM   33   N N   . THR A 1 11  ? 2.298   2.437   4.641   1.00 13.02 ? 9   THR A N   1 
ATOM   34   C CA  . THR A 1 11  ? 1.374   1.704   3.787   1.00 13.90 ? 9   THR A CA  1 
ATOM   35   C C   . THR A 1 11  ? 1.090   2.581   2.568   1.00 12.69 ? 9   THR A C   1 
ATOM   36   O O   . THR A 1 11  ? 0.733   3.742   2.708   1.00 14.50 ? 9   THR A O   1 
ATOM   37   C CB  . THR A 1 11  ? 0.051   1.437   4.516   1.00 14.06 ? 9   THR A CB  1 
ATOM   38   O OG1 . THR A 1 11  ? 0.337   0.659   5.683   1.00 16.91 ? 9   THR A OG1 1 
ATOM   39   C CG2 . THR A 1 11  ? -0.964  0.726   3.615   1.00 15.35 ? 9   THR A CG2 1 
ATOM   40   N N   . ARG A 1 12  ? 1.273   2.007   1.374   1.00 13.62 ? 10  ARG A N   1 
ATOM   41   C CA  . ARG A 1 12  ? 0.991   2.683   0.111   1.00 13.34 ? 10  ARG A CA  1 
ATOM   42   C C   . ARG A 1 12  ? -0.049  1.920   -0.655  1.00 13.26 ? 10  ARG A C   1 
ATOM   43   O O   . ARG A 1 12  ? 0.013   0.687   -0.767  1.00 14.39 ? 10  ARG A O   1 
ATOM   44   C CB  . ARG A 1 12  ? 2.272   2.771   -0.705  1.00 14.10 ? 10  ARG A CB  1 
ATOM   45   C CG  . ARG A 1 12  ? 2.075   3.333   -2.106  1.00 14.68 ? 10  ARG A CG  1 
ATOM   46   C CD  . ARG A 1 12  ? 3.401   3.584   -2.820  1.00 13.37 ? 10  ARG A CD  1 
ATOM   47   N NE  . ARG A 1 12  ? 3.231   3.898   -4.231  1.00 12.91 ? 10  ARG A NE  1 
ATOM   48   C CZ  . ARG A 1 12  ? 3.085   5.112   -4.741  1.00 13.52 ? 10  ARG A CZ  1 
ATOM   49   N NH1 . ARG A 1 12  ? 3.043   6.212   -3.996  1.00 14.43 ? 10  ARG A NH1 1 
ATOM   50   N NH2 . ARG A 1 12  ? 2.970   5.240   -6.049  1.00 15.07 ? 10  ARG A NH2 1 
ATOM   51   N N   . ILE A 1 13  ? -1.002  2.670   -1.163  1.00 12.75 ? 11  ILE A N   1 
ATOM   52   C CA  . ILE A 1 13  ? -2.013  2.173   -2.098  1.00 12.98 ? 11  ILE A CA  1 
ATOM   53   C C   . ILE A 1 13  ? -1.513  2.474   -3.486  1.00 12.68 ? 11  ILE A C   1 
ATOM   54   O O   . ILE A 1 13  ? -1.243  3.589   -3.839  1.00 13.44 ? 11  ILE A O   1 
ATOM   55   C CB  . ILE A 1 13  ? -3.352  2.908   -1.905  1.00 12.65 ? 11  ILE A CB  1 
ATOM   56   C CG1 . ILE A 1 13  ? -3.942  2.570   -0.542  1.00 13.24 ? 11  ILE A CG1 1 
ATOM   57   C CG2 . ILE A 1 13  ? -4.343  2.551   -3.002  1.00 14.12 ? 11  ILE A CG2 1 
ATOM   58   C CD1 . ILE A 1 13  ? -4.983  3.598   -0.118  1.00 13.80 ? 11  ILE A CD1 1 
ATOM   59   N N   . ASP A 1 14  ? -1.452  1.439   -4.290  1.00 12.09 ? 12  ASP A N   1 
ATOM   60   C CA  . ASP A 1 14  ? -0.992  1.543   -5.680  1.00 12.45 ? 12  ASP A CA  1 
ATOM   61   C C   . ASP A 1 14  ? -1.565  0.350   -6.467  1.00 12.06 ? 12  ASP A C   1 
ATOM   62   O O   . ASP A 1 14  ? -1.319  -0.797  -6.123  1.00 12.14 ? 12  ASP A O   1 
ATOM   63   C CB  . ASP A 1 14  ? 0.551   1.524   -5.713  1.00 12.18 ? 12  ASP A CB  1 
ATOM   64   C CG  . ASP A 1 14  ? 1.151   1.879   -7.074  1.00 16.02 ? 12  ASP A CG  1 
ATOM   65   O OD1 . ASP A 1 14  ? 0.569   1.548   -8.127  1.00 17.00 ? 12  ASP A OD1 1 
ATOM   66   O OD2 . ASP A 1 14  ? 2.257   2.499   -7.084  1.00 19.24 ? 12  ASP A OD2 1 
ATOM   67   N N   . ASN A 1 15  ? -2.382  0.651   -7.471  1.00 13.09 ? 13  ASN A N   1 
ATOM   68   C CA  . ASN A 1 15  ? -2.984  -0.389  -8.311  1.00 13.27 ? 13  ASN A CA  1 
ATOM   69   C C   . ASN A 1 15  ? -1.893  -1.280  -8.955  1.00 13.20 ? 13  ASN A C   1 
ATOM   70   O O   . ASN A 1 15  ? -2.142  -2.433  -9.269  1.00 16.21 ? 13  ASN A O   1 
ATOM   71   C CB  . ASN A 1 15  ? -3.816  0.198   -9.450  1.00 13.65 ? 13  ASN A CB  1 
ATOM   72   C CG  . ASN A 1 15  ? -5.144  0.806   -9.031  1.00 13.94 ? 13  ASN A CG  1 
ATOM   73   O OD1 . ASN A 1 15  ? -5.816  1.381   -9.910  1.00 15.97 ? 13  ASN A OD1 1 
ATOM   74   N ND2 . ASN A 1 15  ? -5.547  0.688   -7.780  1.00 14.59 ? 13  ASN A ND2 1 
ATOM   75   N N   . ARG A 1 16  ? -0.706  -0.700  -9.158  1.00 13.32 ? 14  ARG A N   1 
ATOM   76   C CA  . ARG A 1 16  ? 0.452   -1.464  -9.704  1.00 13.90 ? 14  ARG A CA  1 
ATOM   77   C C   . ARG A 1 16  ? 1.306   -2.185  -8.666  1.00 14.89 ? 14  ARG A C   1 
ATOM   78   O O   . ARG A 1 16  ? 2.340   -2.758  -8.951  1.00 15.92 ? 14  ARG A O   1 
ATOM   79   C CB  . ARG A 1 16  ? 1.336   -0.594  -10.594 1.00 15.71 ? 14  ARG A CB  1 
ATOM   80   C CG  . ARG A 1 16  ? 0.635   -0.215  -11.829 1.00 17.04 ? 14  ARG A CG  1 
ATOM   81   C CD  . ARG A 1 16  ? 1.363   0.759   -12.768 1.00 22.84 ? 14  ARG A CD  1 
ATOM   82   N NE  . ARG A 1 16  ? 2.483   0.176   -13.481 1.00 21.26 ? 14  ARG A NE  1 
ATOM   83   C CZ  . ARG A 1 16  ? 2.866   0.473   -14.733 1.00 22.50 ? 14  ARG A CZ  1 
ATOM   84   N NH1 . ARG A 1 16  ? 2.194   1.303   -15.488 1.00 22.63 ? 14  ARG A NH1 1 
ATOM   85   N NH2 . ARG A 1 16  ? 3.927   -0.108  -15.245 1.00 20.30 ? 14  ARG A NH2 1 
ATOM   86   N N   . LEU A 1 17  ? 0.845   -2.130  -7.428  1.00 13.60 ? 15  LEU A N   1 
ATOM   87   C CA  . LEU A 1 17  ? 1.466   -2.860  -6.299  1.00 13.74 ? 15  LEU A CA  1 
ATOM   88   C C   . LEU A 1 17  ? 2.945   -2.403  -6.157  1.00 13.82 ? 15  LEU A C   1 
ATOM   89   O O   . LEU A 1 17  ? 3.171   -1.221  -5.921  1.00 13.81 ? 15  LEU A O   1 
ATOM   90   C CB  . LEU A 1 17  ? 1.252   -4.367  -6.403  1.00 13.57 ? 15  LEU A CB  1 
ATOM   91   C CG  . LEU A 1 17  ? -0.252  -4.708  -6.165  1.00 15.14 ? 15  LEU A CG  1 
ATOM   92   C CD1 . LEU A 1 17  ? -0.469  -6.192  -6.383  1.00 16.99 ? 15  LEU A CD1 1 
ATOM   93   C CD2 . LEU A 1 17  ? -0.759  -4.294  -4.808  1.00 16.27 ? 15  LEU A CD2 1 
ATOM   94   N N   . VAL A 1 18  ? 3.916   -3.291  -6.278  1.00 14.72 ? 16  VAL A N   1 
ATOM   95   C CA  . VAL A 1 18  ? 5.347   -2.906  -6.128  1.00 13.62 ? 16  VAL A CA  1 
ATOM   96   C C   . VAL A 1 18  ? 5.715   -1.783  -7.115  1.00 13.63 ? 16  VAL A C   1 
ATOM   97   O O   . VAL A 1 18  ? 6.401   -0.822  -6.766  1.00 14.41 ? 16  VAL A O   1 
ATOM   98   C CB  . VAL A 1 18  ? 6.300   -4.100  -6.175  1.00 14.48 ? 16  VAL A CB  1 
ATOM   99   C CG1 . VAL A 1 18  ? 7.764   -3.621  -6.150  1.00 13.22 ? 16  VAL A CG1 1 
ATOM   100  C CG2 . VAL A 1 18  ? 5.958   -5.072  -4.999  1.00 14.62 ? 16  VAL A CG2 1 
ATOM   101  N N   . HIS A 1 19  ? 5.207   -1.899  -8.330  1.00 13.40 ? 17  HIS A N   1 
ATOM   102  C CA  . HIS A 1 19  ? 5.317   -0.793  -9.293  1.00 12.82 ? 17  HIS A CA  1 
ATOM   103  C C   . HIS A 1 19  ? 6.798   -0.488  -9.617  1.00 12.82 ? 17  HIS A C   1 
ATOM   104  O O   . HIS A 1 19  ? 7.188   0.665   -9.736  1.00 14.50 ? 17  HIS A O   1 
ATOM   105  C CB  . HIS A 1 19  ? 4.586   0.446   -8.765  1.00 12.91 ? 17  HIS A CB  1 
ATOM   106  C CG  . HIS A 1 19  ? 4.316   1.495   -9.791  1.00 13.59 ? 17  HIS A CG  1 
ATOM   107  N ND1 . HIS A 1 19  ? 3.436   2.525   -9.572  1.00 15.75 ? 17  HIS A ND1 1 
ATOM   108  C CD2 . HIS A 1 19  ? 4.764   1.647   -11.061 1.00 14.05 ? 17  HIS A CD2 1 
ATOM   109  C CE1 . HIS A 1 19  ? 3.387   3.305   -10.640 1.00 16.97 ? 17  HIS A CE1 1 
ATOM   110  N NE2 . HIS A 1 19  ? 4.170   2.786   -11.567 1.00 13.26 ? 17  HIS A NE2 1 
ATOM   111  N N   . GLY A 1 20  ? 7.603   -1.533  -9.759  1.00 12.81 ? 18  GLY A N   1 
ATOM   112  C CA  . GLY A 1 20  ? 8.965   -1.372  -10.359 1.00 12.65 ? 18  GLY A CA  1 
ATOM   113  C C   . GLY A 1 20  ? 9.762   -0.342  -9.596  1.00 13.24 ? 18  GLY A C   1 
ATOM   114  O O   . GLY A 1 20  ? 9.929   -0.417  -8.378  1.00 14.46 ? 18  GLY A O   1 
ATOM   115  N N   . GLN A 1 21  ? 10.296  0.625   -10.325 1.00 14.02 ? 19  GLN A N   1 
ATOM   116  C CA  . GLN A 1 21  ? 11.168  1.638   -9.768  1.00 14.16 ? 19  GLN A CA  1 
ATOM   117  C C   . GLN A 1 21  ? 10.476  2.473   -8.728  1.00 13.72 ? 19  GLN A C   1 
ATOM   118  O O   . GLN A 1 21  ? 11.136  3.081   -7.866  1.00 14.67 ? 19  GLN A O   1 
ATOM   119  C CB  . GLN A 1 21  ? 11.720  2.562   -10.860 1.00 15.36 ? 19  GLN A CB  1 
ATOM   120  C CG  . GLN A 1 21  ? 12.647  1.906   -11.798 1.00 18.89 ? 19  GLN A CG  1 
ATOM   121  C CD  . GLN A 1 21  ? 13.985  1.699   -11.159 1.00 24.74 ? 19  GLN A CD  1 
ATOM   122  O OE1 . GLN A 1 21  ? 14.337  0.577   -10.863 1.00 25.25 ? 19  GLN A OE1 1 
ATOM   123  N NE2 . GLN A 1 21  ? 14.734  2.792   -10.929 1.00 22.11 ? 19  GLN A NE2 1 
ATOM   124  N N   . VAL A 1 22  ? 9.155   2.539   -8.780  1.00 13.57 ? 20  VAL A N   1 
ATOM   125  C CA  . VAL A 1 22  ? 8.445   3.358   -7.796  1.00 13.62 ? 20  VAL A CA  1 
ATOM   126  C C   . VAL A 1 22  ? 8.521   2.689   -6.419  1.00 12.64 ? 20  VAL A C   1 
ATOM   127  O O   . VAL A 1 22  ? 8.895   3.296   -5.416  1.00 13.51 ? 20  VAL A O   1 
ATOM   128  C CB  . VAL A 1 22  ? 6.968   3.592   -8.210  1.00 12.37 ? 20  VAL A CB  1 
ATOM   129  C CG1 . VAL A 1 22  ? 6.177   4.236   -7.060  1.00 14.44 ? 20  VAL A CG1 1 
ATOM   130  C CG2 . VAL A 1 22  ? 6.929   4.454   -9.447  1.00 14.62 ? 20  VAL A CG2 1 
ATOM   131  N N   . GLY A 1 23  ? 8.269   1.399   -6.384  1.00 14.16 ? 21  GLY A N   1 
ATOM   132  C CA  . GLY A 1 23  ? 8.394   0.630   -5.147  1.00 13.78 ? 21  GLY A CA  1 
ATOM   133  C C   . GLY A 1 23  ? 9.814   0.634   -4.635  1.00 15.45 ? 21  GLY A C   1 
ATOM   134  O O   . GLY A 1 23  ? 10.053  0.756   -3.433  1.00 15.50 ? 21  GLY A O   1 
ATOM   135  N N   . VAL A 1 24  ? 10.749  0.629   -5.565  1.00 14.82 ? 22  VAL A N   1 
ATOM   136  C CA  . VAL A 1 24  ? 12.183  0.620   -5.229  1.00 16.15 ? 22  VAL A CA  1 
ATOM   137  C C   . VAL A 1 24  ? 12.522  1.910   -4.504  1.00 15.74 ? 22  VAL A C   1 
ATOM   138  O O   . VAL A 1 24  ? 13.172  1.906   -3.433  1.00 17.29 ? 22  VAL A O   1 
ATOM   139  C CB  . VAL A 1 24  ? 13.042  0.474   -6.480  1.00 15.97 ? 22  VAL A CB  1 
ATOM   140  C CG1 . VAL A 1 24  ? 14.463  0.939   -6.201  1.00 18.59 ? 22  VAL A CG1 1 
ATOM   141  C CG2 . VAL A 1 24  ? 12.970  -0.995  -6.989  1.00 17.33 ? 22  VAL A CG2 1 
ATOM   142  N N   . THR A 1 25  ? 12.088  3.030   -5.033  1.00 16.29 ? 23  THR A N   1 
ATOM   143  C CA  A THR A 1 25  ? 12.438  4.327   -4.463  0.50 16.85 ? 23  THR A CA  1 
ATOM   144  C CA  B THR A 1 25  ? 12.481  4.309   -4.447  0.50 16.58 ? 23  THR A CA  1 
ATOM   145  C C   . THR A 1 25  ? 11.790  4.551   -3.116  1.00 16.57 ? 23  THR A C   1 
ATOM   146  O O   . THR A 1 25  ? 12.382  5.106   -2.186  1.00 17.07 ? 23  THR A O   1 
ATOM   147  C CB  A THR A 1 25  ? 11.981  5.461   -5.398  0.50 17.67 ? 23  THR A CB  1 
ATOM   148  C CB  B THR A 1 25  ? 12.263  5.499   -5.393  0.50 17.27 ? 23  THR A CB  1 
ATOM   149  O OG1 A THR A 1 25  ? 12.603  5.291   -6.675  0.50 19.62 ? 23  THR A OG1 1 
ATOM   150  O OG1 B THR A 1 25  ? 13.013  6.625   -4.895  0.50 19.16 ? 23  THR A OG1 1 
ATOM   151  C CG2 A THR A 1 25  ? 12.316  6.854   -4.840  0.50 18.45 ? 23  THR A CG2 1 
ATOM   152  C CG2 B THR A 1 25  ? 10.759  5.845   -5.524  0.50 16.82 ? 23  THR A CG2 1 
ATOM   153  N N   . TRP A 1 26  ? 10.541  4.160   -3.000  1.00 15.41 ? 24  TRP A N   1 
ATOM   154  C CA  . TRP A 1 26  ? 9.853   4.285   -1.693  1.00 14.54 ? 24  TRP A CA  1 
ATOM   155  C C   . TRP A 1 26  ? 10.561  3.419   -0.645  1.00 15.13 ? 24  TRP A C   1 
ATOM   156  O O   . TRP A 1 26  ? 10.828  3.881   0.477   1.00 15.83 ? 24  TRP A O   1 
ATOM   157  C CB  . TRP A 1 26  ? 8.392   3.865   -1.800  1.00 13.12 ? 24  TRP A CB  1 
ATOM   158  C CG  . TRP A 1 26  ? 7.508   4.982   -2.316  1.00 13.38 ? 24  TRP A CG  1 
ATOM   159  C CD1 . TRP A 1 26  ? 7.027   5.170   -3.614  1.00 13.95 ? 24  TRP A CD1 1 
ATOM   160  C CD2 . TRP A 1 26  ? 7.054   6.106   -1.576  1.00 14.00 ? 24  TRP A CD2 1 
ATOM   161  N NE1 . TRP A 1 26  ? 6.296   6.322   -3.667  1.00 15.52 ? 24  TRP A NE1 1 
ATOM   162  C CE2 . TRP A 1 26  ? 6.295   6.916   -2.439  1.00 15.40 ? 24  TRP A CE2 1 
ATOM   163  C CE3 . TRP A 1 26  ? 7.186   6.486   -0.236  1.00 14.61 ? 24  TRP A CE3 1 
ATOM   164  C CZ2 . TRP A 1 26  ? 5.677   8.083   -2.013  1.00 17.30 ? 24  TRP A CZ2 1 
ATOM   165  C CZ3 . TRP A 1 26  ? 6.580   7.678   0.180   1.00 15.77 ? 24  TRP A CZ3 1 
ATOM   166  C CH2 . TRP A 1 26  ? 5.831   8.446   -0.698  1.00 18.56 ? 24  TRP A CH2 1 
ATOM   167  N N   . THR A 1 27  ? 10.890  2.197   -1.012  1.00 15.42 ? 25  THR A N   1 
ATOM   168  C CA  . THR A 1 27  ? 11.464  1.258   -0.063  1.00 16.39 ? 25  THR A CA  1 
ATOM   169  C C   . THR A 1 27  ? 12.809  1.802   0.443   1.00 17.52 ? 25  THR A C   1 
ATOM   170  O O   . THR A 1 27  ? 13.115  1.738   1.631   1.00 18.93 ? 25  THR A O   1 
ATOM   171  C CB  . THR A 1 27  ? 11.683  -0.131  -0.697  1.00 16.45 ? 25  THR A CB  1 
ATOM   172  O OG1 . THR A 1 27  ? 10.433  -0.716  -1.081  1.00 15.53 ? 25  THR A OG1 1 
ATOM   173  C CG2 . THR A 1 27  ? 12.409  -1.038  0.267   1.00 16.34 ? 25  THR A CG2 1 
ATOM   174  N N   . SER A 1 28  ? 13.561  2.404   -0.453  1.00 18.78 ? 26  SER A N   1 
ATOM   175  C CA  . SER A 1 28  ? 14.900  2.899   -0.143  1.00 19.61 ? 26  SER A CA  1 
ATOM   176  C C   . SER A 1 28  ? 14.786  4.153   0.703   1.00 19.96 ? 26  SER A C   1 
ATOM   177  O O   . SER A 1 28  ? 15.461  4.336   1.739   1.00 21.40 ? 26  SER A O   1 
ATOM   178  C CB  . SER A 1 28  ? 15.667  3.129   -1.446  1.00 19.90 ? 26  SER A CB  1 
ATOM   179  O OG  . SER A 1 28  ? 16.989  3.541   -1.190  1.00 24.26 ? 26  SER A OG  1 
ATOM   180  N N   . THR A 1 29  ? 13.884  5.017   0.315   1.00 19.19 ? 27  THR A N   1 
ATOM   181  C CA  . THR A 1 29  ? 13.702  6.286   1.012   1.00 19.71 ? 27  THR A CA  1 
ATOM   182  C C   . THR A 1 29  ? 13.279  6.104   2.462   1.00 19.36 ? 27  THR A C   1 
ATOM   183  O O   . THR A 1 29  ? 13.775  6.811   3.362   1.00 19.78 ? 27  THR A O   1 
ATOM   184  C CB  . THR A 1 29  ? 12.684  7.208   0.289   1.00 20.81 ? 27  THR A CB  1 
ATOM   185  O OG1 . THR A 1 29  ? 13.211  7.529   -1.006  1.00 22.77 ? 27  THR A OG1 1 
ATOM   186  C CG2 . THR A 1 29  ? 12.475  8.493   1.053   1.00 24.08 ? 27  THR A CG2 1 
ATOM   187  N N   . ILE A 1 30  ? 12.338  5.190   2.707   1.00 18.07 ? 28  ILE A N   1 
ATOM   188  C CA  . ILE A 1 30  ? 11.783  5.044   4.067   1.00 18.14 ? 28  ILE A CA  1 
ATOM   189  C C   . ILE A 1 30  ? 12.649  4.077   4.889   1.00 17.98 ? 28  ILE A C   1 
ATOM   190  O O   . ILE A 1 30  ? 12.484  3.953   6.101   1.00 20.45 ? 28  ILE A O   1 
ATOM   191  C CB  . ILE A 1 30  ? 10.289  4.624   4.081   1.00 18.06 ? 28  ILE A CB  1 
ATOM   192  C CG1 . ILE A 1 30  ? 10.113  3.176   3.671   1.00 18.51 ? 28  ILE A CG1 1 
ATOM   193  C CG2 . ILE A 1 30  ? 9.460   5.559   3.208   1.00 18.38 ? 28  ILE A CG2 1 
ATOM   194  C CD1 . ILE A 1 30  ? 8.700   2.724   3.511   1.00 18.88 ? 28  ILE A CD1 1 
ATOM   195  N N   . GLY A 1 31  ? 13.542  3.387   4.215   1.00 17.42 ? 29  GLY A N   1 
ATOM   196  C CA  . GLY A 1 31  ? 14.446  2.420   4.851   1.00 18.41 ? 29  GLY A CA  1 
ATOM   197  C C   . GLY A 1 31  ? 13.823  1.115   5.306   1.00 18.01 ? 29  GLY A C   1 
ATOM   198  O O   . GLY A 1 31  ? 14.172  0.552   6.333   1.00 19.59 ? 29  GLY A O   1 
ATOM   199  N N   . ALA A 1 32  ? 12.893  0.632   4.500   1.00 17.19 ? 30  ALA A N   1 
ATOM   200  C CA  . ALA A 1 32  ? 12.274  -0.651  4.731   1.00 16.52 ? 30  ALA A CA  1 
ATOM   201  C C   . ALA A 1 32  ? 13.176  -1.747  4.244   1.00 17.70 ? 30  ALA A C   1 
ATOM   202  O O   . ALA A 1 32  ? 13.919  -1.594  3.268   1.00 18.65 ? 30  ALA A O   1 
ATOM   203  C CB  . ALA A 1 32  ? 10.919  -0.754  4.005   1.00 16.60 ? 30  ALA A CB  1 
ATOM   204  N N   . ASN A 1 33  ? 13.084  -2.898  4.887   1.00 16.59 ? 31  ASN A N   1 
ATOM   205  C CA  . ASN A 1 33  ? 13.796  -4.112  4.432   1.00 16.98 ? 31  ASN A CA  1 
ATOM   206  C C   . ASN A 1 33  ? 12.897  -5.321  4.111   1.00 16.37 ? 31  ASN A C   1 
ATOM   207  O O   . ASN A 1 33  ? 13.375  -6.384  3.743   1.00 17.13 ? 31  ASN A O   1 
ATOM   208  C CB  . ASN A 1 33  ? 14.905  -4.523  5.420   1.00 17.08 ? 31  ASN A CB  1 
ATOM   209  C CG  . ASN A 1 33  ? 14.385  -4.929  6.794   1.00 19.46 ? 31  ASN A CG  1 
ATOM   210  O OD1 . ASN A 1 33  ? 13.197  -5.197  7.001   1.00 18.25 ? 31  ASN A OD1 1 
ATOM   211  N ND2 . ASN A 1 33  ? 15.296  -4.950  7.769   1.00 20.32 ? 31  ASN A ND2 1 
ATOM   212  N N   . LEU A 1 34  ? 11.594  -5.105  4.251   1.00 15.88 ? 32  LEU A N   1 
ATOM   213  C CA  . LEU A 1 34  ? 10.608  -6.136  3.979   1.00 15.63 ? 32  LEU A CA  1 
ATOM   214  C C   . LEU A 1 34  ? 9.325   -5.515  3.453   1.00 16.06 ? 32  LEU A C   1 
ATOM   215  O O   . LEU A 1 34  ? 8.676   -4.718  4.133   1.00 16.76 ? 32  LEU A O   1 
ATOM   216  C CB  . LEU A 1 34  ? 10.296  -6.907  5.251   1.00 15.84 ? 32  LEU A CB  1 
ATOM   217  C CG  . LEU A 1 34  ? 9.345   -8.098  5.092   1.00 17.44 ? 32  LEU A CG  1 
ATOM   218  C CD1 . LEU A 1 34  ? 9.868   -9.141  4.102   1.00 19.84 ? 32  LEU A CD1 1 
ATOM   219  C CD2 . LEU A 1 34  ? 9.057   -8.725  6.466   1.00 18.54 ? 32  LEU A CD2 1 
ATOM   220  N N   . LEU A 1 35  ? 9.022   -5.844  2.214   1.00 15.05 ? 33  LEU A N   1 
ATOM   221  C CA  . LEU A 1 35  ? 7.828   -5.345  1.541   1.00 15.80 ? 33  LEU A CA  1 
ATOM   222  C C   . LEU A 1 35  ? 6.782   -6.429  1.607   1.00 14.83 ? 33  LEU A C   1 
ATOM   223  O O   . LEU A 1 35  ? 7.079   -7.565  1.214   1.00 16.39 ? 33  LEU A O   1 
ATOM   224  C CB  . LEU A 1 35  ? 8.154   -4.988  0.091   1.00 16.23 ? 33  LEU A CB  1 
ATOM   225  C CG  . LEU A 1 35  ? 7.299   -3.997  -0.669  1.00 19.31 ? 33  LEU A CG  1 
ATOM   226  C CD1 . LEU A 1 35  ? 8.045   -3.361  -1.847  1.00 17.18 ? 33  LEU A CD1 1 
ATOM   227  C CD2 . LEU A 1 35  ? 6.099   -4.819  -1.124  1.00 21.51 ? 33  LEU A CD2 1 
ATOM   228  N N   . VAL A 1 36  ? 5.648   -6.123  2.235   1.00 14.80 ? 34  VAL A N   1 
ATOM   229  C CA  . VAL A 1 36  ? 4.495   -7.036  2.300   1.00 15.73 ? 34  VAL A CA  1 
ATOM   230  C C   . VAL A 1 36  ? 3.419   -6.580  1.342   1.00 14.28 ? 34  VAL A C   1 
ATOM   231  O O   . VAL A 1 36  ? 2.845   -5.536  1.545   1.00 13.33 ? 34  VAL A O   1 
ATOM   232  C CB  . VAL A 1 36  ? 3.932   -7.215  3.763   1.00 15.64 ? 34  VAL A CB  1 
ATOM   233  C CG1 . VAL A 1 36  ? 2.741   -8.194  3.761   1.00 16.82 ? 34  VAL A CG1 1 
ATOM   234  C CG2 . VAL A 1 36  ? 5.030   -7.746  4.679   1.00 17.38 ? 34  VAL A CG2 1 
ATOM   235  N N   . VAL A 1 37  ? 3.181   -7.348  0.295   1.00 14.22 ? 35  VAL A N   1 
ATOM   236  C CA  . VAL A 1 37  ? 2.128   -7.050  -0.681  1.00 14.75 ? 35  VAL A CA  1 
ATOM   237  C C   . VAL A 1 37  ? 0.863   -7.701  -0.172  1.00 14.60 ? 35  VAL A C   1 
ATOM   238  O O   . VAL A 1 37  ? 0.735   -8.901  -0.125  1.00 15.08 ? 35  VAL A O   1 
ATOM   239  C CB  . VAL A 1 37  ? 2.489   -7.620  -2.056  1.00 14.64 ? 35  VAL A CB  1 
ATOM   240  C CG1 . VAL A 1 37  ? 1.385   -7.309  -3.070  1.00 15.74 ? 35  VAL A CG1 1 
ATOM   241  C CG2 . VAL A 1 37  ? 3.866   -7.075  -2.509  1.00 16.57 ? 35  VAL A CG2 1 
ATOM   242  N N   . VAL A 1 38  ? -0.071  -6.875  0.268   1.00 13.55 ? 36  VAL A N   1 
ATOM   243  C CA  . VAL A 1 38  ? -1.325  -7.362  0.855   1.00 14.50 ? 36  VAL A CA  1 
ATOM   244  C C   . VAL A 1 38  ? -2.352  -7.310  -0.248  1.00 13.85 ? 36  VAL A C   1 
ATOM   245  O O   . VAL A 1 38  ? -2.842  -6.254  -0.660  1.00 13.79 ? 36  VAL A O   1 
ATOM   246  C CB  . VAL A 1 38  ? -1.786  -6.419  2.014   1.00 14.47 ? 36  VAL A CB  1 
ATOM   247  C CG1 . VAL A 1 38  ? -3.074  -6.922  2.684   1.00 15.19 ? 36  VAL A CG1 1 
ATOM   248  C CG2 . VAL A 1 38  ? -0.662  -6.226  3.053   1.00 15.58 ? 36  VAL A CG2 1 
ATOM   249  N N   . ASP A 1 39  ? -2.650  -8.486  -0.774  1.00 15.35 ? 37  ASP A N   1 
ATOM   250  C CA  . ASP A 1 39  ? -3.547  -8.609  -1.940  1.00 15.58 ? 37  ASP A CA  1 
ATOM   251  C C   . ASP A 1 39  ? -3.929  -10.057 -2.148  1.00 14.94 ? 37  ASP A C   1 
ATOM   252  O O   . ASP A 1 39  ? -3.070  -10.926 -2.328  1.00 15.28 ? 37  ASP A O   1 
ATOM   253  C CB  . ASP A 1 39  ? -2.873  -8.083  -3.210  1.00 15.69 ? 37  ASP A CB  1 
ATOM   254  C CG  . ASP A 1 39  ? -3.856  -7.955  -4.349  1.00 14.44 ? 37  ASP A CG  1 
ATOM   255  O OD1 . ASP A 1 39  ? -4.665  -6.994  -4.355  1.00 17.16 ? 37  ASP A OD1 1 
ATOM   256  O OD2 . ASP A 1 39  ? -3.798  -8.871  -5.216  1.00 17.34 ? 37  ASP A OD2 1 
ATOM   257  N N   . ASP A 1 40  ? -5.239  -10.298 -2.104  1.00 16.84 ? 38  ASP A N   1 
ATOM   258  C CA  . ASP A 1 40  ? -5.741  -11.678 -2.106  1.00 17.87 ? 38  ASP A CA  1 
ATOM   259  C C   . ASP A 1 40  ? -5.486  -12.346 -3.442  1.00 17.05 ? 38  ASP A C   1 
ATOM   260  O O   . ASP A 1 40  ? -5.009  -13.477 -3.491  1.00 17.55 ? 38  ASP A O   1 
ATOM   261  C CB  . ASP A 1 40  ? -7.220  -11.746 -1.737  1.00 18.89 ? 38  ASP A CB  1 
ATOM   262  C CG  . ASP A 1 40  ? -7.485  -11.426 -0.275  1.00 21.59 ? 38  ASP A CG  1 
ATOM   263  O OD1 . ASP A 1 40  ? -6.539  -11.083 0.471   1.00 22.10 ? 38  ASP A OD1 1 
ATOM   264  O OD2 . ASP A 1 40  ? -8.677  -11.478 0.128   1.00 26.88 ? 38  ASP A OD2 1 
ATOM   265  N N   . VAL A 1 41  ? -5.718  -11.602 -4.519  1.00 16.93 ? 39  VAL A N   1 
ATOM   266  C CA  . VAL A 1 41  ? -5.572  -12.193 -5.861  1.00 17.33 ? 39  VAL A CA  1 
ATOM   267  C C   . VAL A 1 41  ? -4.158  -12.707 -6.085  1.00 16.40 ? 39  VAL A C   1 
ATOM   268  O O   . VAL A 1 41  ? -3.903  -13.837 -6.507  1.00 17.95 ? 39  VAL A O   1 
ATOM   269  C CB  . VAL A 1 41  ? -6.033  -11.249 -6.985  1.00 17.40 ? 39  VAL A CB  1 
ATOM   270  C CG1 . VAL A 1 41  ? -5.547  -11.801 -8.320  1.00 20.44 ? 39  VAL A CG1 1 
ATOM   271  C CG2 . VAL A 1 41  ? -7.538  -11.114 -6.965  1.00 19.32 ? 39  VAL A CG2 1 
ATOM   272  N N   . VAL A 1 42  ? -3.203  -11.826 -5.813  1.00 16.19 ? 40  VAL A N   1 
ATOM   273  C CA  . VAL A 1 42  ? -1.802  -12.147 -6.007  1.00 16.01 ? 40  VAL A CA  1 
ATOM   274  C C   . VAL A 1 42  ? -1.308  -13.190 -5.004  1.00 16.37 ? 40  VAL A C   1 
ATOM   275  O O   . VAL A 1 42  ? -0.517  -14.086 -5.311  1.00 17.13 ? 40  VAL A O   1 
ATOM   276  C CB  . VAL A 1 42  ? -0.981  -10.854 -6.000  1.00 16.10 ? 40  VAL A CB  1 
ATOM   277  C CG1 . VAL A 1 42  ? 0.463   -11.148 -5.994  1.00 17.30 ? 40  VAL A CG1 1 
ATOM   278  C CG2 . VAL A 1 42  ? -1.390  -9.966  -7.225  1.00 16.61 ? 40  VAL A CG2 1 
ATOM   279  N N   . ALA A 1 43  ? -1.817  -13.077 -3.794  1.00 17.50 ? 41  ALA A N   1 
ATOM   280  C CA  . ALA A 1 43  ? -1.351  -13.974 -2.766  1.00 16.29 ? 41  ALA A CA  1 
ATOM   281  C C   . ALA A 1 43  ? -1.793  -15.392 -3.060  1.00 18.28 ? 41  ALA A C   1 
ATOM   282  O O   . ALA A 1 43  ? -1.069  -16.321 -2.795  1.00 19.18 ? 41  ALA A O   1 
ATOM   283  C CB  . ALA A 1 43  ? -1.870  -13.533 -1.353  1.00 16.23 ? 41  ALA A CB  1 
ATOM   284  N N   . ASN A 1 44  ? -2.973  -15.501 -3.659  1.00 17.65 ? 42  ASN A N   1 
ATOM   285  C CA  . ASN A 1 44  ? -3.658  -16.796 -3.889  1.00 19.01 ? 42  ASN A CA  1 
ATOM   286  C C   . ASN A 1 44  ? -3.385  -17.446 -5.231  1.00 19.27 ? 42  ASN A C   1 
ATOM   287  O O   . ASN A 1 44  ? -3.856  -18.538 -5.512  1.00 21.94 ? 42  ASN A O   1 
ATOM   288  C CB  . ASN A 1 44  ? -5.161  -16.645 -3.745  1.00 18.27 ? 42  ASN A CB  1 
ATOM   289  C CG  . ASN A 1 44  ? -5.610  -16.537 -2.312  1.00 20.03 ? 42  ASN A CG  1 
ATOM   290  O OD1 . ASN A 1 44  ? -4.945  -17.024 -1.399  1.00 23.03 ? 42  ASN A OD1 1 
ATOM   291  N ND2 . ASN A 1 44  ? -6.747  -15.892 -2.114  1.00 22.41 ? 42  ASN A ND2 1 
ATOM   292  N N   . ASP A 1 45  ? -2.675  -16.722 -6.077  1.00 18.26 ? 43  ASP A N   1 
ATOM   293  C CA  . ASP A 1 45  ? -2.311  -17.216 -7.425  1.00 17.86 ? 43  ASP A CA  1 
ATOM   294  C C   . ASP A 1 45  ? -0.839  -16.925 -7.579  1.00 18.79 ? 43  ASP A C   1 
ATOM   295  O O   . ASP A 1 45  ? -0.456  -15.885 -8.122  1.00 17.55 ? 43  ASP A O   1 
ATOM   296  C CB  . ASP A 1 45  ? -3.135  -16.478 -8.516  1.00 16.78 ? 43  ASP A CB  1 
ATOM   297  C CG  . ASP A 1 45  ? -2.955  -17.072 -9.895  1.00 17.99 ? 43  ASP A CG  1 
ATOM   298  O OD1 . ASP A 1 45  ? -2.492  -18.248 -10.004 1.00 20.57 ? 43  ASP A OD1 1 
ATOM   299  O OD2 . ASP A 1 45  ? -3.247  -16.326 -10.886 1.00 16.75 ? 43  ASP A OD2 1 
ATOM   300  N N   . ASP A 1 46  ? 0.010   -17.827 -7.112  1.00 19.81 ? 44  ASP A N   1 
ATOM   301  C CA  . ASP A 1 46  ? 1.389   -17.402 -6.895  1.00 20.88 ? 44  ASP A CA  1 
ATOM   302  C C   . ASP A 1 46  ? 2.178   -17.114 -8.143  1.00 20.06 ? 44  ASP A C   1 
ATOM   303  O O   . ASP A 1 46  ? 3.124   -16.380 -8.049  1.00 19.29 ? 44  ASP A O   1 
ATOM   304  C CB  . ASP A 1 46  ? 2.154   -18.273 -5.927  1.00 23.22 ? 44  ASP A CB  1 
ATOM   305  C CG  . ASP A 1 46  ? 2.080   -19.705 -6.253  1.00 26.33 ? 44  ASP A CG  1 
ATOM   306  O OD1 . ASP A 1 46  ? 1.989   -20.038 -7.448  1.00 32.11 ? 44  ASP A OD1 1 
ATOM   307  O OD2 . ASP A 1 46  ? 2.094   -20.508 -5.288  1.00 34.87 ? 44  ASP A OD2 1 
ATOM   308  N N   . ILE A 1 47  ? 1.766   -17.583 -9.309  1.00 18.85 ? 45  ILE A N   1 
ATOM   309  C CA  . ILE A 1 47  ? 2.502   -17.216 -10.494 1.00 19.20 ? 45  ILE A CA  1 
ATOM   310  C C   . ILE A 1 47  ? 2.473   -15.700 -10.687 1.00 18.53 ? 45  ILE A C   1 
ATOM   311  O O   . ILE A 1 47  ? 3.380   -15.128 -11.280 1.00 18.60 ? 45  ILE A O   1 
ATOM   312  C CB  . ILE A 1 47  ? 2.007   -17.949 -11.765 1.00 19.05 ? 45  ILE A CB  1 
ATOM   313  C CG1 . ILE A 1 47  ? 2.971   -17.678 -12.919 1.00 22.74 ? 45  ILE A CG1 1 
ATOM   314  C CG2 . ILE A 1 47  ? 0.577   -17.572 -12.065 1.00 20.49 ? 45  ILE A CG2 1 
ATOM   315  C CD1 . ILE A 1 47  ? 4.395   -18.206 -12.693 1.00 23.28 ? 45  ILE A CD1 1 
ATOM   316  N N   . GLN A 1 48  ? 1.457   -15.057 -10.141 1.00 16.19 ? 46  GLN A N   1 
ATOM   317  C CA  . GLN A 1 48  ? 1.319   -13.596 -10.312 1.00 16.16 ? 46  GLN A CA  1 
ATOM   318  C C   . GLN A 1 48  ? 2.333   -12.842 -9.487  1.00 16.48 ? 46  GLN A C   1 
ATOM   319  O O   . GLN A 1 48  ? 2.366   -11.632 -9.483  1.00 18.41 ? 46  GLN A O   1 
ATOM   320  C CB  . GLN A 1 48  ? -0.081  -13.095 -9.972  1.00 15.55 ? 46  GLN A CB  1 
ATOM   321  C CG  . GLN A 1 48  ? -1.134  -13.664 -10.893 1.00 16.48 ? 46  GLN A CG  1 
ATOM   322  C CD  . GLN A 1 48  ? -2.403  -12.841 -10.957 1.00 13.76 ? 46  GLN A CD  1 
ATOM   323  O OE1 . GLN A 1 48  ? -2.364  -11.610 -11.064 1.00 14.21 ? 46  GLN A OE1 1 
ATOM   324  N NE2 . GLN A 1 48  ? -3.564  -13.518 -10.894 1.00 15.07 ? 46  GLN A NE2 1 
ATOM   325  N N   . GLN A 1 49  ? 3.108   -13.593 -8.733  1.00 17.20 ? 47  GLN A N   1 
ATOM   326  C CA  . GLN A 1 49  ? 4.126   -12.996 -7.846  1.00 17.53 ? 47  GLN A CA  1 
ATOM   327  C C   . GLN A 1 49  ? 5.488   -12.809 -8.480  1.00 18.17 ? 47  GLN A C   1 
ATOM   328  O O   . GLN A 1 49  ? 6.354   -12.122 -7.944  1.00 17.90 ? 47  GLN A O   1 
ATOM   329  C CB  . GLN A 1 49  ? 4.277   -13.829 -6.563  1.00 17.75 ? 47  GLN A CB  1 
ATOM   330  C CG  . GLN A 1 49  ? 2.979   -13.931 -5.744  1.00 19.68 ? 47  GLN A CG  1 
ATOM   331  C CD  . GLN A 1 49  ? 3.006   -15.039 -4.692  1.00 19.63 ? 47  GLN A CD  1 
ATOM   332  O OE1 . GLN A 1 49  ? 4.068   -15.501 -4.313  1.00 21.44 ? 47  GLN A OE1 1 
ATOM   333  N NE2 . GLN A 1 49  ? 1.834   -15.416 -4.191  1.00 20.09 ? 47  GLN A NE2 1 
ATOM   334  N N   . LYS A 1 50  ? 5.688   -13.425 -9.623  1.00 18.56 ? 48  LYS A N   1 
ATOM   335  C CA  . LYS A 1 50  ? 7.043   -13.651 -10.108 1.00 19.84 ? 48  LYS A CA  1 
ATOM   336  C C   . LYS A 1 50  ? 7.781   -12.363 -10.413 1.00 19.75 ? 48  LYS A C   1 
ATOM   337  O O   . LYS A 1 50  ? 8.941   -12.180 -10.049 1.00 18.84 ? 48  LYS A O   1 
ATOM   338  C CB  . LYS A 1 50  ? 7.047   -14.582 -11.330 1.00 20.34 ? 48  LYS A CB  1 
ATOM   339  C CG  . LYS A 1 50  ? 8.431   -14.922 -11.777 1.00 23.46 ? 48  LYS A CG  1 
ATOM   340  C CD  . LYS A 1 50  ? 8.396   -15.747 -13.044 1.00 27.27 ? 48  LYS A CD  1 
ATOM   341  C CE  . LYS A 1 50  ? 9.407   -16.836 -12.945 1.00 28.07 ? 48  LYS A CE  1 
ATOM   342  N NZ  . LYS A 1 50  ? 9.438   -17.639 -14.190 1.00 27.11 ? 48  LYS A NZ  1 
ATOM   343  N N   . LEU A 1 51  ? 7.108   -11.464 -11.094 1.00 20.20 ? 49  LEU A N   1 
ATOM   344  C CA  . LEU A 1 51  ? 7.758   -10.210 -11.527 1.00 20.96 ? 49  LEU A CA  1 
ATOM   345  C C   . LEU A 1 51  ? 8.174   -9.354  -10.363 1.00 18.99 ? 49  LEU A C   1 
ATOM   346  O O   . LEU A 1 51  ? 9.276   -8.801  -10.315 1.00 18.76 ? 49  LEU A O   1 
ATOM   347  C CB  . LEU A 1 51  ? 6.857   -9.360  -12.448 1.00 22.56 ? 49  LEU A CB  1 
ATOM   348  C CG  . LEU A 1 51  ? 6.901   -9.341  -13.970 1.00 27.68 ? 49  LEU A CG  1 
ATOM   349  C CD1 . LEU A 1 51  ? 7.397   -10.646 -14.544 1.00 29.97 ? 49  LEU A CD1 1 
ATOM   350  C CD2 . LEU A 1 51  ? 5.494   -8.993  -14.467 1.00 28.13 ? 49  LEU A CD2 1 
ATOM   351  N N   . MET A 1 52  ? 7.241   -9.201  -9.442  1.00 16.99 ? 50  MET A N   1 
ATOM   352  C CA  . MET A 1 52  ? 7.505   -8.411  -8.234  1.00 16.14 ? 50  MET A CA  1 
ATOM   353  C C   . MET A 1 52  ? 8.617   -9.072  -7.402  1.00 16.68 ? 50  MET A C   1 
ATOM   354  O O   . MET A 1 52  ? 9.431   -8.391  -6.795  1.00 16.05 ? 50  MET A O   1 
ATOM   355  C CB  . MET A 1 52  ? 6.214   -8.189  -7.412  1.00 15.67 ? 50  MET A CB  1 
ATOM   356  C CG  . MET A 1 52  ? 5.140   -7.329  -8.122  1.00 16.44 ? 50  MET A CG  1 
ATOM   357  S SD  . MET A 1 52  ? 3.596   -7.089  -7.162  1.00 13.79 ? 50  MET A SD  1 
ATOM   358  C CE  . MET A 1 52  ? 2.399   -7.367  -8.470  1.00 24.53 ? 50  MET A CE  1 
ATOM   359  N N   . GLY A 1 53  ? 8.658   -10.393 -7.402  1.00 16.22 ? 51  GLY A N   1 
ATOM   360  C CA  . GLY A 1 53  ? 9.715   -11.098 -6.711  1.00 16.16 ? 51  GLY A CA  1 
ATOM   361  C C   . GLY A 1 53  ? 11.081  -10.763 -7.289  1.00 17.23 ? 51  GLY A C   1 
ATOM   362  O O   . GLY A 1 53  ? 12.070  -10.644 -6.589  1.00 16.22 ? 51  GLY A O   1 
ATOM   363  N N   . ILE A 1 54  ? 11.129  -10.612 -8.607  1.00 17.54 ? 52  ILE A N   1 
ATOM   364  C CA  . ILE A 1 54  ? 12.380  -10.271 -9.298  1.00 17.58 ? 52  ILE A CA  1 
ATOM   365  C C   . ILE A 1 54  ? 12.813  -8.886  -8.889  1.00 17.17 ? 52  ILE A C   1 
ATOM   366  O O   . ILE A 1 54  ? 13.987  -8.619  -8.709  1.00 16.39 ? 52  ILE A O   1 
ATOM   367  C CB  . ILE A 1 54  ? 12.237  -10.310 -10.817 1.00 17.83 ? 52  ILE A CB  1 
ATOM   368  C CG1 . ILE A 1 54  ? 12.229  -11.763 -11.261 1.00 17.61 ? 52  ILE A CG1 1 
ATOM   369  C CG2 . ILE A 1 54  ? 13.422  -9.624  -11.478 1.00 18.50 ? 52  ILE A CG2 1 
ATOM   370  C CD1 . ILE A 1 54  ? 11.717  -11.968 -12.681 1.00 19.32 ? 52  ILE A CD1 1 
ATOM   371  N N   . THR A 1 55  ? 11.855  -7.982  -8.727  1.00 17.28 ? 53  THR A N   1 
ATOM   372  C CA  . THR A 1 55  ? 12.212  -6.595  -8.310  1.00 17.27 ? 53  THR A CA  1 
ATOM   373  C C   . THR A 1 55  ? 12.878  -6.639  -6.921  1.00 16.18 ? 53  THR A C   1 
ATOM   374  O O   . THR A 1 55  ? 13.933  -6.058  -6.682  1.00 16.30 ? 53  THR A O   1 
ATOM   375  C CB  . THR A 1 55  ? 11.012  -5.691  -8.290  1.00 18.18 ? 53  THR A CB  1 
ATOM   376  O OG1 . THR A 1 55  ? 10.465  -5.656  -9.614  1.00 19.62 ? 53  THR A OG1 1 
ATOM   377  C CG2 . THR A 1 55  ? 11.412  -4.298  -7.808  1.00 18.53 ? 53  THR A CG2 1 
ATOM   378  N N   . ALA A 1 56  ? 12.267  -7.385  -6.007  1.00 16.19 ? 54  ALA A N   1 
ATOM   379  C CA  . ALA A 1 56  ? 12.815  -7.553  -4.635  1.00 16.33 ? 54  ALA A CA  1 
ATOM   380  C C   . ALA A 1 56  ? 14.208  -8.161  -4.669  1.00 15.61 ? 54  ALA A C   1 
ATOM   381  O O   . ALA A 1 56  ? 15.130  -7.732  -3.973  1.00 16.92 ? 54  ALA A O   1 
ATOM   382  C CB  . ALA A 1 56  ? 11.879  -8.417  -3.792  1.00 17.68 ? 54  ALA A CB  1 
ATOM   383  N N   . GLU A 1 57  ? 14.348  -9.179  -5.501  1.00 15.95 ? 55  GLU A N   1 
ATOM   384  C CA  . GLU A 1 57  ? 15.631  -9.905  -5.640  1.00 16.78 ? 55  GLU A CA  1 
ATOM   385  C C   . GLU A 1 57  ? 16.701  -8.960  -6.173  1.00 16.83 ? 55  GLU A C   1 
ATOM   386  O O   . GLU A 1 57  ? 17.830  -8.939  -5.712  1.00 17.80 ? 55  GLU A O   1 
ATOM   387  C CB  . GLU A 1 57  ? 15.493  -11.073 -6.603  1.00 16.28 ? 55  GLU A CB  1 
ATOM   388  C CG  . GLU A 1 57  ? 16.793  -11.822 -6.881  1.00 17.20 ? 55  GLU A CG  1 
ATOM   389  C CD  . GLU A 1 57  ? 17.278  -12.691 -5.731  1.00 21.96 ? 55  GLU A CD  1 
ATOM   390  O OE1 . GLU A 1 57  ? 16.489  -13.048 -4.831  1.00 23.89 ? 55  GLU A OE1 1 
ATOM   391  O OE2 . GLU A 1 57  ? 18.468  -13.013 -5.727  1.00 22.49 ? 55  GLU A OE2 1 
ATOM   392  N N   . THR A 1 58  ? 16.309  -8.180  -7.156  1.00 17.07 ? 56  THR A N   1 
ATOM   393  C CA  . THR A 1 58  ? 17.233  -7.284  -7.860  1.00 17.44 ? 56  THR A CA  1 
ATOM   394  C C   . THR A 1 58  ? 17.809  -6.257  -6.917  1.00 18.48 ? 56  THR A C   1 
ATOM   395  O O   . THR A 1 58  ? 18.993  -5.982  -6.915  1.00 19.75 ? 56  THR A O   1 
ATOM   396  C CB  . THR A 1 58  ? 16.568  -6.616  -9.045  1.00 18.92 ? 56  THR A CB  1 
ATOM   397  O OG1 . THR A 1 58  ? 16.176  -7.644  -9.953  1.00 18.43 ? 56  THR A OG1 1 
ATOM   398  C CG2 . THR A 1 58  ? 17.516  -5.651  -9.719  1.00 17.91 ? 56  THR A CG2 1 
ATOM   399  N N   . TYR A 1 59  ? 16.951  -5.701  -6.099  1.00 18.68 ? 57  TYR A N   1 
ATOM   400  C CA  . TYR A 1 59  ? 17.305  -4.544  -5.237  1.00 19.81 ? 57  TYR A CA  1 
ATOM   401  C C   . TYR A 1 59  ? 17.660  -4.863  -3.804  1.00 20.76 ? 57  TYR A C   1 
ATOM   402  O O   . TYR A 1 59  ? 18.052  -3.997  -3.034  1.00 23.37 ? 57  TYR A O   1 
ATOM   403  C CB  . TYR A 1 59  ? 16.251  -3.472  -5.333  1.00 19.58 ? 57  TYR A CB  1 
ATOM   404  C CG  . TYR A 1 59  ? 16.346  -2.808  -6.680  1.00 16.35 ? 57  TYR A CG  1 
ATOM   405  C CD1 . TYR A 1 59  ? 15.546  -3.182  -7.722  1.00 16.91 ? 57  TYR A CD1 1 
ATOM   406  C CD2 . TYR A 1 59  ? 17.358  -1.878  -6.941  1.00 18.17 ? 57  TYR A CD2 1 
ATOM   407  C CE1 . TYR A 1 59  ? 15.663  -2.605  -8.966  1.00 19.03 ? 57  TYR A CE1 1 
ATOM   408  C CE2 . TYR A 1 59  ? 17.460  -1.265  -8.174  1.00 17.52 ? 57  TYR A CE2 1 
ATOM   409  C CZ  . TYR A 1 59  ? 16.628  -1.632  -9.190  1.00 17.67 ? 57  TYR A CZ  1 
ATOM   410  O OH  . TYR A 1 59  ? 16.768  -1.083  -10.439 1.00 22.25 ? 57  TYR A OH  1 
ATOM   411  N N   . GLY A 1 60  ? 17.474  -6.121  -3.460  1.00 20.20 ? 58  GLY A N   1 
ATOM   412  C CA  . GLY A 1 60  ? 17.937  -6.687  -2.203  1.00 20.39 ? 58  GLY A CA  1 
ATOM   413  C C   . GLY A 1 60  ? 17.084  -6.490  -0.986  1.00 21.04 ? 58  GLY A C   1 
ATOM   414  O O   . GLY A 1 60  ? 17.594  -6.335  0.115   1.00 23.02 ? 58  GLY A O   1 
ATOM   415  N N   . PHE A 1 61  ? 15.777  -6.426  -1.186  1.00 20.36 ? 59  PHE A N   1 
ATOM   416  C CA  . PHE A 1 61  ? 14.853  -6.384  -0.037  1.00 19.70 ? 59  PHE A CA  1 
ATOM   417  C C   . PHE A 1 61  ? 13.991  -7.621  -0.013  1.00 19.08 ? 59  PHE A C   1 
ATOM   418  O O   . PHE A 1 61  ? 13.799  -8.289  -1.026  1.00 19.27 ? 59  PHE A O   1 
ATOM   419  C CB  . PHE A 1 61  ? 14.026  -5.116  0.007   1.00 20.10 ? 59  PHE A CB  1 
ATOM   420  C CG  . PHE A 1 61  ? 13.248  -4.830  -1.228  1.00 19.16 ? 59  PHE A CG  1 
ATOM   421  C CD1 . PHE A 1 61  ? 13.756  -3.928  -2.151  1.00 17.88 ? 59  PHE A CD1 1 
ATOM   422  C CD2 . PHE A 1 61  ? 11.988  -5.373  -1.459  1.00 18.15 ? 59  PHE A CD2 1 
ATOM   423  C CE1 . PHE A 1 61  ? 13.045  -3.603  -3.299  1.00 20.81 ? 59  PHE A CE1 1 
ATOM   424  C CE2 . PHE A 1 61  ? 11.252  -5.031  -2.622  1.00 17.50 ? 59  PHE A CE2 1 
ATOM   425  C CZ  . PHE A 1 61  ? 11.801  -4.164  -3.539  1.00 19.15 ? 59  PHE A CZ  1 
ATOM   426  N N   . GLY A 1 62  ? 13.494  -7.938  1.161   1.00 18.27 ? 60  GLY A N   1 
ATOM   427  C CA  . GLY A 1 62  ? 12.613  -9.076  1.307   1.00 18.03 ? 60  GLY A CA  1 
ATOM   428  C C   . GLY A 1 62  ? 11.215  -8.726  0.840   1.00 16.88 ? 60  GLY A C   1 
ATOM   429  O O   . GLY A 1 62  ? 10.776  -7.583  0.864   1.00 17.84 ? 60  GLY A O   1 
ATOM   430  N N   . ILE A 1 63  ? 10.509  -9.791  0.479   1.00 17.16 ? 61  ILE A N   1 
ATOM   431  C CA  . ILE A 1 63  ? 9.126   -9.643  0.026   1.00 16.61 ? 61  ILE A CA  1 
ATOM   432  C C   . ILE A 1 63  ? 8.238   -10.778 0.496   1.00 17.21 ? 61  ILE A C   1 
ATOM   433  O O   . ILE A 1 63  ? 8.672   -11.916 0.575   1.00 19.04 ? 61  ILE A O   1 
ATOM   434  C CB  . ILE A 1 63  ? 9.041   -9.383  -1.501  1.00 16.24 ? 61  ILE A CB  1 
ATOM   435  C CG1 . ILE A 1 63  ? 7.651   -8.862  -1.857  1.00 17.09 ? 61  ILE A CG1 1 
ATOM   436  C CG2 . ILE A 1 63  ? 9.509   -10.600 -2.287  1.00 14.58 ? 61  ILE A CG2 1 
ATOM   437  C CD1 . ILE A 1 63  ? 7.661   -8.158  -3.209  1.00 17.74 ? 61  ILE A CD1 1 
ATOM   438  N N   . ARG A 1 64  ? 6.995   -10.421 0.788   1.00 17.03 ? 62  ARG A N   1 
ATOM   439  C CA  . ARG A 1 64  ? 5.960   -11.411 1.077   1.00 16.80 ? 62  ARG A CA  1 
ATOM   440  C C   . ARG A 1 64  ? 4.683   -11.055 0.351   1.00 16.73 ? 62  ARG A C   1 
ATOM   441  O O   . ARG A 1 64  ? 4.442   -9.929  0.046   1.00 16.56 ? 62  ARG A O   1 
ATOM   442  C CB  . ARG A 1 64  ? 5.616   -11.428 2.557   1.00 17.19 ? 62  ARG A CB  1 
ATOM   443  C CG  . ARG A 1 64  ? 6.756   -11.650 3.509   1.00 20.16 ? 62  ARG A CG  1 
ATOM   444  C CD  . ARG A 1 64  ? 7.219   -13.061 3.497   1.00 21.84 ? 62  ARG A CD  1 
ATOM   445  N NE  . ARG A 1 64  ? 8.195   -13.222 4.566   1.00 24.49 ? 62  ARG A NE  1 
ATOM   446  C CZ  . ARG A 1 64  ? 9.478   -12.923 4.443   1.00 26.53 ? 62  ARG A CZ  1 
ATOM   447  N NH1 . ARG A 1 64  ? 9.970   -12.488 3.289   1.00 27.58 ? 62  ARG A NH1 1 
ATOM   448  N NH2 . ARG A 1 64  ? 10.272  -13.073 5.481   1.00 29.52 ? 62  ARG A NH2 1 
ATOM   449  N N   . PHE A 1 65  ? 3.896   -12.069 0.053   1.00 15.36 ? 63  PHE A N   1 
ATOM   450  C CA  . PHE A 1 65  ? 2.621   -11.901 -0.640  1.00 15.71 ? 63  PHE A CA  1 
ATOM   451  C C   . PHE A 1 65  ? 1.561   -12.566 0.199   1.00 15.80 ? 63  PHE A C   1 
ATOM   452  O O   . PHE A 1 65  ? 1.461   -13.778 0.230   1.00 16.61 ? 63  PHE A O   1 
ATOM   453  C CB  . PHE A 1 65  ? 2.667   -12.529 -2.042  1.00 15.51 ? 63  PHE A CB  1 
ATOM   454  C CG  . PHE A 1 65  ? 3.758   -11.987 -2.927  1.00 14.89 ? 63  PHE A CG  1 
ATOM   455  C CD1 . PHE A 1 65  ? 3.538   -10.895 -3.715  1.00 16.62 ? 63  PHE A CD1 1 
ATOM   456  C CD2 . PHE A 1 65  ? 5.019   -12.546 -2.946  1.00 14.45 ? 63  PHE A CD2 1 
ATOM   457  C CE1 . PHE A 1 65  ? 4.524   -10.413 -4.551  1.00 16.01 ? 63  PHE A CE1 1 
ATOM   458  C CE2 . PHE A 1 65  ? 6.014   -12.022 -3.757  1.00 16.22 ? 63  PHE A CE2 1 
ATOM   459  C CZ  . PHE A 1 65  ? 5.755   -10.947 -4.528  1.00 18.03 ? 63  PHE A CZ  1 
ATOM   460  N N   . PHE A 1 66  ? 0.806   -11.757 0.920   1.00 14.40 ? 64  PHE A N   1 
ATOM   461  C CA  . PHE A 1 66  ? -0.140  -12.245 1.902   1.00 14.43 ? 64  PHE A CA  1 
ATOM   462  C C   . PHE A 1 66  ? -1.569  -11.824 1.555   1.00 15.55 ? 64  PHE A C   1 
ATOM   463  O O   . PHE A 1 66  ? -1.815  -10.742 1.015   1.00 13.90 ? 64  PHE A O   1 
ATOM   464  C CB  . PHE A 1 66  ? 0.139   -11.659 3.293   1.00 15.51 ? 64  PHE A CB  1 
ATOM   465  C CG  . PHE A 1 66  ? 1.376   -12.197 3.973   1.00 16.12 ? 64  PHE A CG  1 
ATOM   466  C CD1 . PHE A 1 66  ? 2.033   -13.324 3.511   1.00 19.21 ? 64  PHE A CD1 1 
ATOM   467  C CD2 . PHE A 1 66  ? 1.852   -11.571 5.113   1.00 19.50 ? 64  PHE A CD2 1 
ATOM   468  C CE1 . PHE A 1 66  ? 3.159   -13.803 4.179   1.00 20.60 ? 64  PHE A CE1 1 
ATOM   469  C CE2 . PHE A 1 66  ? 2.984   -12.049 5.764   1.00 20.41 ? 64  PHE A CE2 1 
ATOM   470  C CZ  . PHE A 1 66  ? 3.619   -13.155 5.296   1.00 22.34 ? 64  PHE A CZ  1 
ATOM   471  N N   . THR A 1 67  ? -2.531  -12.656 1.913   1.00 15.03 ? 65  THR A N   1 
ATOM   472  C CA  . THR A 1 67  ? -3.913  -12.245 1.914   1.00 15.96 ? 65  THR A CA  1 
ATOM   473  C C   . THR A 1 67  ? -4.162  -11.218 3.021   1.00 14.67 ? 65  THR A C   1 
ATOM   474  O O   . THR A 1 67  ? -3.334  -11.035 3.922   1.00 14.34 ? 65  THR A O   1 
ATOM   475  C CB  . THR A 1 67  ? -4.889  -13.409 2.142   1.00 16.90 ? 65  THR A CB  1 
ATOM   476  O OG1 . THR A 1 67  ? -4.599  -13.991 3.412   1.00 18.16 ? 65  THR A OG1 1 
ATOM   477  C CG2 . THR A 1 67  ? -4.680  -14.502 1.107   1.00 17.34 ? 65  THR A CG2 1 
ATOM   478  N N   . ILE A 1 68  ? -5.284  -10.547 2.984   1.00 15.96 ? 66  ILE A N   1 
ATOM   479  C CA  . ILE A 1 68  ? -5.667  -9.592  4.023   1.00 17.27 ? 66  ILE A CA  1 
ATOM   480  C C   . ILE A 1 68  ? -5.811  -10.363 5.323   1.00 16.43 ? 66  ILE A C   1 
ATOM   481  O O   . ILE A 1 68  ? -5.302  -9.964  6.368   1.00 17.03 ? 66  ILE A O   1 
ATOM   482  C CB  . ILE A 1 68  ? -7.005  -8.883  3.670   1.00 17.07 ? 66  ILE A CB  1 
ATOM   483  C CG1 . ILE A 1 68  ? -6.773  -7.984  2.454   1.00 19.37 ? 66  ILE A CG1 1 
ATOM   484  C CG2 . ILE A 1 68  ? -7.520  -8.035  4.826   1.00 19.82 ? 66  ILE A CG2 1 
ATOM   485  C CD1 . ILE A 1 68  ? -8.033  -7.222  1.966   1.00 19.04 ? 66  ILE A CD1 1 
ATOM   486  N N   . GLU A 1 69  ? -6.493  -11.479 5.246   1.00 16.95 ? 67  GLU A N   1 
ATOM   487  C CA  . GLU A 1 69  ? -6.736  -12.301 6.456   1.00 19.20 ? 67  GLU A CA  1 
ATOM   488  C C   . GLU A 1 69  ? -5.414  -12.683 7.092   1.00 18.89 ? 67  GLU A C   1 
ATOM   489  O O   . GLU A 1 69  ? -5.231  -12.583 8.316   1.00 19.38 ? 67  GLU A O   1 
ATOM   490  C CB  . GLU A 1 69  ? -7.549  -13.559 6.116   1.00 19.75 ? 67  GLU A CB  1 
ATOM   491  C CG  . GLU A 1 69  ? -8.124  -14.201 7.366   1.00 25.99 ? 67  GLU A CG  1 
ATOM   492  C CD  . GLU A 1 69  ? -8.466  -15.656 7.190   1.00 33.51 ? 67  GLU A CD  1 
ATOM   493  O OE1 . GLU A 1 69  ? -8.193  -16.441 8.130   1.00 38.21 ? 67  GLU A OE1 1 
ATOM   494  O OE2 . GLU A 1 69  ? -9.001  -16.010 6.123   1.00 36.92 ? 67  GLU A OE2 1 
ATOM   495  N N   . LYS A 1 70  ? -4.465  -13.129 6.284   1.00 17.21 ? 68  LYS A N   1 
ATOM   496  C CA  . LYS A 1 70  ? -3.158  -13.552 6.822   1.00 18.18 ? 68  LYS A CA  1 
ATOM   497  C C   . LYS A 1 70  ? -2.398  -12.388 7.437   1.00 18.04 ? 68  LYS A C   1 
ATOM   498  O O   . LYS A 1 70  ? -1.792  -12.510 8.487   1.00 18.38 ? 68  LYS A O   1 
ATOM   499  C CB  . LYS A 1 70  ? -2.262  -14.224 5.788   1.00 19.13 ? 68  LYS A CB  1 
ATOM   500  C CG  . LYS A 1 70  ? -0.942  -14.662 6.411   1.00 21.38 ? 68  LYS A CG  1 
ATOM   501  C CD  . LYS A 1 70  ? -0.208  -15.669 5.576   1.00 25.99 ? 68  LYS A CD  1 
ATOM   502  C CE  . LYS A 1 70  ? 1.063   -16.150 6.259   1.00 27.67 ? 68  LYS A CE  1 
ATOM   503  N NZ  . LYS A 1 70  ? 1.861   -16.978 5.315   1.00 30.76 ? 68  LYS A NZ  1 
ATOM   504  N N   . THR A 1 71  ? -2.421  -11.253 6.762   1.00 17.35 ? 69  THR A N   1 
ATOM   505  C CA  . THR A 1 71  ? -1.743  -10.055 7.262   1.00 16.80 ? 69  THR A CA  1 
ATOM   506  C C   . THR A 1 71  ? -2.296  -9.646  8.622   1.00 16.58 ? 69  THR A C   1 
ATOM   507  O O   . THR A 1 71  ? -1.552  -9.378  9.553   1.00 16.79 ? 69  THR A O   1 
ATOM   508  C CB  . THR A 1 71  ? -1.892  -8.878  6.243   1.00 15.29 ? 69  THR A CB  1 
ATOM   509  O OG1 . THR A 1 71  ? -1.371  -9.281  4.972   1.00 16.67 ? 69  THR A OG1 1 
ATOM   510  C CG2 . THR A 1 71  ? -1.170  -7.642  6.679   1.00 15.21 ? 69  THR A CG2 1 
ATOM   511  N N   . ILE A 1 72  ? -3.600  -9.699  8.767   1.00 17.85 ? 70  ILE A N   1 
ATOM   512  C CA  . ILE A 1 72  ? -4.222  -9.357  10.054  1.00 18.98 ? 70  ILE A CA  1 
ATOM   513  C C   . ILE A 1 72  ? -3.750  -10.326 11.143  1.00 19.92 ? 70  ILE A C   1 
ATOM   514  O O   . ILE A 1 72  ? -3.481  -9.935  12.279  1.00 21.11 ? 70  ILE A O   1 
ATOM   515  C CB  . ILE A 1 72  ? -5.743  -9.340  9.961   1.00 18.87 ? 70  ILE A CB  1 
ATOM   516  C CG1 . ILE A 1 72  ? -6.224  -8.146  9.135   1.00 20.35 ? 70  ILE A CG1 1 
ATOM   517  C CG2 . ILE A 1 72  ? -6.338  -9.245  11.376  1.00 19.84 ? 70  ILE A CG2 1 
ATOM   518  C CD1 . ILE A 1 72  ? -7.568  -8.348  8.515   1.00 22.76 ? 70  ILE A CD1 1 
ATOM   519  N N   . ASN A 1 73  ? -3.625  -11.582 10.757  1.00 20.18 ? 71  ASN A N   1 
ATOM   520  C CA  . ASN A 1 73  ? -3.295  -12.670 11.702  1.00 21.72 ? 71  ASN A CA  1 
ATOM   521  C C   . ASN A 1 73  ? -1.846  -12.695 12.150  1.00 22.31 ? 71  ASN A C   1 
ATOM   522  O O   . ASN A 1 73  ? -1.556  -13.096 13.280  1.00 23.98 ? 71  ASN A O   1 
ATOM   523  C CB  . ASN A 1 73  ? -3.606  -14.045 11.102  1.00 22.29 ? 71  ASN A CB  1 
ATOM   524  C CG  . ASN A 1 73  ? -5.082  -14.352 11.076  1.00 25.59 ? 71  ASN A CG  1 
ATOM   525  O OD1 . ASN A 1 73  ? -5.869  -13.699 11.741  1.00 30.21 ? 71  ASN A OD1 1 
ATOM   526  N ND2 . ASN A 1 73  ? -5.461  -15.383 10.316  1.00 29.78 ? 71  ASN A ND2 1 
ATOM   527  N N   . VAL A 1 74  ? -0.937  -12.293 11.275  1.00 21.69 ? 72  VAL A N   1 
ATOM   528  C CA  . VAL A 1 74  ? 0.498   -12.470 11.533  1.00 21.92 ? 72  VAL A CA  1 
ATOM   529  C C   . VAL A 1 74  ? 1.344   -11.223 11.580  1.00 21.67 ? 72  VAL A C   1 
ATOM   530  O O   . VAL A 1 74  ? 2.494   -11.275 12.028  1.00 21.88 ? 72  VAL A O   1 
ATOM   531  C CB  . VAL A 1 74  ? 1.162   -13.413 10.508  1.00 21.93 ? 72  VAL A CB  1 
ATOM   532  C CG1 . VAL A 1 74  ? 0.304   -14.673 10.289  1.00 23.15 ? 72  VAL A CG1 1 
ATOM   533  C CG2 . VAL A 1 74  ? 1.476   -12.695 9.162   1.00 21.35 ? 72  VAL A CG2 1 
ATOM   534  N N   . ILE A 1 75  ? 0.828   -10.082 11.141  1.00 21.48 ? 73  ILE A N   1 
ATOM   535  C CA  . ILE A 1 75  ? 1.755   -8.927  10.973  1.00 22.53 ? 73  ILE A CA  1 
ATOM   536  C C   . ILE A 1 75  ? 2.364   -8.531  12.326  1.00 23.19 ? 73  ILE A C   1 
ATOM   537  O O   . ILE A 1 75  ? 3.502   -8.083  12.399  1.00 23.30 ? 73  ILE A O   1 
ATOM   538  C CB  . ILE A 1 75  ? 1.103   -7.749  10.213  1.00 23.06 ? 73  ILE A CB  1 
ATOM   539  C CG1 . ILE A 1 75  ? 2.195   -6.914  9.521   1.00 24.05 ? 73  ILE A CG1 1 
ATOM   540  C CG2 . ILE A 1 75  ? 0.193   -6.971  11.132  1.00 22.36 ? 73  ILE A CG2 1 
ATOM   541  C CD1 . ILE A 1 75  ? 2.935   -7.668  8.372   1.00 26.41 ? 73  ILE A CD1 1 
ATOM   542  N N   . GLY A 1 76  ? 1.603   -8.799  13.381  1.00 23.87 ? 74  GLY A N   1 
ATOM   543  C CA  . GLY A 1 76  ? 2.021   -8.532  14.782  1.00 24.86 ? 74  GLY A CA  1 
ATOM   544  C C   . GLY A 1 76  ? 3.166   -9.383  15.316  1.00 25.26 ? 74  GLY A C   1 
ATOM   545  O O   . GLY A 1 76  ? 3.765   -9.120  16.387  1.00 25.75 ? 74  GLY A O   1 
ATOM   546  N N   . LYS A 1 77  ? 3.476   -10.429 14.585  1.00 25.60 ? 75  LYS A N   1 
ATOM   547  C CA  . LYS A 1 77  ? 4.568   -11.315 14.980  1.00 26.49 ? 75  LYS A CA  1 
ATOM   548  C C   . LYS A 1 77  ? 5.867   -10.796 14.410  1.00 25.94 ? 75  LYS A C   1 
ATOM   549  O O   . LYS A 1 77  ? 6.926   -11.388 14.580  1.00 26.26 ? 75  LYS A O   1 
ATOM   550  C CB  . LYS A 1 77  ? 4.331   -12.752 14.494  1.00 27.08 ? 75  LYS A CB  1 
ATOM   551  C CG  . LYS A 1 77  ? 3.139   -13.460 15.140  1.00 29.11 ? 75  LYS A CG  1 
ATOM   552  C CD  . LYS A 1 77  ? 2.990   -14.879 14.596  1.00 33.05 ? 75  LYS A CD  1 
ATOM   553  C CE  . LYS A 1 77  ? 1.834   -15.627 15.252  1.00 35.44 ? 75  LYS A CE  1 
ATOM   554  N NZ  . LYS A 1 77  ? 0.553   -14.857 15.211  1.00 37.77 ? 75  LYS A NZ  1 
ATOM   555  N N   . ALA A 1 78  ? 5.770   -9.699  13.678  1.00 24.79 ? 76  ALA A N   1 
ATOM   556  C CA  . ALA A 1 78  ? 6.967   -9.164  13.033  1.00 23.81 ? 76  ALA A CA  1 
ATOM   557  C C   . ALA A 1 78  ? 8.031   -8.862  14.077  1.00 23.01 ? 76  ALA A C   1 
ATOM   558  O O   . ALA A 1 78  ? 7.782   -8.175  15.077  1.00 23.72 ? 76  ALA A O   1 
ATOM   559  C CB  . ALA A 1 78  ? 6.652   -7.948  12.211  1.00 23.66 ? 76  ALA A CB  1 
ATOM   560  N N   . ALA A 1 79  ? 9.221   -9.365  13.789  1.00 22.53 ? 77  ALA A N   1 
ATOM   561  C CA  . ALA A 1 79  ? 10.381  -9.236  14.692  1.00 21.98 ? 77  ALA A CA  1 
ATOM   562  C C   . ALA A 1 79  ? 10.968  -7.821  14.597  1.00 22.13 ? 77  ALA A C   1 
ATOM   563  O O   . ALA A 1 79  ? 10.858  -7.147  13.564  1.00 20.54 ? 77  ALA A O   1 
ATOM   564  C CB  . ALA A 1 79  ? 11.455  -10.293 14.379  1.00 22.51 ? 77  ALA A CB  1 
ATOM   565  N N   . PRO A 1 80  ? 11.633  -7.370  15.652  1.00 22.27 ? 78  PRO A N   1 
ATOM   566  C CA  . PRO A 1 80  ? 12.127  -6.020  15.698  1.00 22.52 ? 78  PRO A CA  1 
ATOM   567  C C   . PRO A 1 80  ? 12.949  -5.633  14.497  1.00 22.55 ? 78  PRO A C   1 
ATOM   568  O O   . PRO A 1 80  ? 12.912  -4.479  14.077  1.00 23.08 ? 78  PRO A O   1 
ATOM   569  C CB  . PRO A 1 80  ? 12.971  -6.014  16.976  1.00 22.20 ? 78  PRO A CB  1 
ATOM   570  C CG  . PRO A 1 80  ? 12.235  -6.934  17.849  1.00 22.49 ? 78  PRO A CG  1 
ATOM   571  C CD  . PRO A 1 80  ? 11.734  -8.032  16.972  1.00 22.78 ? 78  PRO A CD  1 
ATOM   572  N N   . HIS A 1 81  ? 13.677  -6.565  13.922  1.00 22.78 ? 79  HIS A N   1 
ATOM   573  C CA  . HIS A 1 81  ? 14.606  -6.204  12.839  1.00 23.11 ? 79  HIS A CA  1 
ATOM   574  C C   . HIS A 1 81  ? 13.904  -6.011  11.512  1.00 22.37 ? 79  HIS A C   1 
ATOM   575  O O   . HIS A 1 81  ? 14.498  -5.506  10.544  1.00 22.86 ? 79  HIS A O   1 
ATOM   576  C CB  . HIS A 1 81  ? 15.715  -7.238  12.670  1.00 23.89 ? 79  HIS A CB  1 
ATOM   577  C CG  . HIS A 1 81  ? 15.258  -8.513  12.037  1.00 25.42 ? 79  HIS A CG  1 
ATOM   578  N ND1 . HIS A 1 81  ? 14.643  -9.516  12.751  1.00 29.33 ? 79  HIS A ND1 1 
ATOM   579  C CD2 . HIS A 1 81  ? 15.303  -8.940  10.750  1.00 28.15 ? 79  HIS A CD2 1 
ATOM   580  C CE1 . HIS A 1 81  ? 14.336  -10.510 11.935  1.00 30.30 ? 79  HIS A CE1 1 
ATOM   581  N NE2 . HIS A 1 81  ? 14.730  -10.187 10.717  1.00 31.02 ? 79  HIS A NE2 1 
ATOM   582  N N   . GLN A 1 82  ? 12.659  -6.443  11.462  1.00 20.94 ? 80  GLN A N   1 
ATOM   583  C CA  . GLN A 1 82  ? 11.830  -6.320  10.225  1.00 20.68 ? 80  GLN A CA  1 
ATOM   584  C C   . GLN A 1 82  ? 11.195  -4.945  10.161  1.00 20.46 ? 80  GLN A C   1 
ATOM   585  O O   . GLN A 1 82  ? 10.402  -4.557  11.005  1.00 22.08 ? 80  GLN A O   1 
ATOM   586  C CB  . GLN A 1 82  ? 10.752  -7.407  10.170  1.00 21.10 ? 80  GLN A CB  1 
ATOM   587  C CG  . GLN A 1 82  ? 11.339  -8.773  9.866   1.00 24.29 ? 80  GLN A CG  1 
ATOM   588  C CD  . GLN A 1 82  ? 10.375  -9.920  10.091  1.00 27.56 ? 80  GLN A CD  1 
ATOM   589  O OE1 . GLN A 1 82  ? 9.671   -9.971  11.102  1.00 28.73 ? 80  GLN A OE1 1 
ATOM   590  N NE2 . GLN A 1 82  ? 10.384  -10.891 9.176   1.00 30.46 ? 80  GLN A NE2 1 
ATOM   591  N N   . LYS A 1 83  ? 11.563  -4.206  9.127   1.00 17.93 ? 81  LYS A N   1 
ATOM   592  C CA  . LYS A 1 83  ? 11.090  -2.851  8.912   1.00 17.69 ? 81  LYS A CA  1 
ATOM   593  C C   . LYS A 1 83  ? 10.235  -2.889  7.658   1.00 16.84 ? 81  LYS A C   1 
ATOM   594  O O   . LYS A 1 83  ? 10.725  -3.068  6.525   1.00 16.58 ? 81  LYS A O   1 
ATOM   595  C CB  . LYS A 1 83  ? 12.244  -1.876  8.728   1.00 18.79 ? 81  LYS A CB  1 
ATOM   596  C CG  . LYS A 1 83  ? 13.176  -1.779  9.938   1.00 20.50 ? 81  LYS A CG  1 
ATOM   597  C CD  . LYS A 1 83  ? 12.473  -1.667  11.263  1.00 27.19 ? 81  LYS A CD  1 
ATOM   598  C CE  . LYS A 1 83  ? 13.442  -1.139  12.321  1.00 30.13 ? 81  LYS A CE  1 
ATOM   599  N NZ  . LYS A 1 83  ? 14.760  -1.842  12.272  1.00 34.20 ? 81  LYS A NZ  1 
ATOM   600  N N   . ILE A 1 84  ? 8.940   -2.811  7.903   1.00 15.85 ? 82  ILE A N   1 
ATOM   601  C CA  . ILE A 1 84  ? 7.927   -3.248  6.927   1.00 16.75 ? 82  ILE A CA  1 
ATOM   602  C C   . ILE A 1 84  ? 7.311   -2.113  6.160   1.00 15.40 ? 82  ILE A C   1 
ATOM   603  O O   . ILE A 1 84  ? 6.945   -1.075  6.694   1.00 14.96 ? 82  ILE A O   1 
ATOM   604  C CB  . ILE A 1 84  ? 6.831   -4.079  7.626   1.00 15.14 ? 82  ILE A CB  1 
ATOM   605  C CG1 . ILE A 1 84  ? 7.406   -5.384  8.167   1.00 18.59 ? 82  ILE A CG1 1 
ATOM   606  C CG2 . ILE A 1 84  ? 5.685   -4.419  6.673   1.00 17.82 ? 82  ILE A CG2 1 
ATOM   607  C CD1 . ILE A 1 84  ? 6.502   -6.166  9.129   1.00 18.86 ? 82  ILE A CD1 1 
ATOM   608  N N   . PHE A 1 85  ? 7.209   -2.325  4.852   1.00 13.47 ? 83  PHE A N   1 
ATOM   609  C CA  . PHE A 1 85  ? 6.454   -1.455  3.931   1.00 13.72 ? 83  PHE A CA  1 
ATOM   610  C C   . PHE A 1 85  ? 5.280   -2.251  3.396   1.00 13.15 ? 83  PHE A C   1 
ATOM   611  O O   . PHE A 1 85  ? 5.524   -3.260  2.736   1.00 12.49 ? 83  PHE A O   1 
ATOM   612  C CB  . PHE A 1 85  ? 7.399   -1.072  2.762   1.00 14.20 ? 83  PHE A CB  1 
ATOM   613  C CG  . PHE A 1 85  ? 6.841   -0.074  1.737   1.00 13.61 ? 83  PHE A CG  1 
ATOM   614  C CD1 . PHE A 1 85  ? 5.787   0.744   2.031   1.00 13.92 ? 83  PHE A CD1 1 
ATOM   615  C CD2 . PHE A 1 85  ? 7.431   0.045   0.468   1.00 13.42 ? 83  PHE A CD2 1 
ATOM   616  C CE1 . PHE A 1 85  ? 5.319   1.671   1.121   1.00 13.84 ? 83  PHE A CE1 1 
ATOM   617  C CE2 . PHE A 1 85  ? 6.936   0.933   -0.482  1.00 14.01 ? 83  PHE A CE2 1 
ATOM   618  C CZ  . PHE A 1 85  ? 5.903   1.741   -0.149  1.00 14.54 ? 83  PHE A CZ  1 
ATOM   619  N N   . LEU A 1 86  ? 4.061   -1.875  3.774   1.00 12.90 ? 84  LEU A N   1 
ATOM   620  C CA  . LEU A 1 86  ? 2.809   -2.531  3.252   1.00 13.61 ? 84  LEU A CA  1 
ATOM   621  C C   . LEU A 1 86  ? 2.385   -1.895  1.941   1.00 12.50 ? 84  LEU A C   1 
ATOM   622  O O   . LEU A 1 86  ? 2.245   -0.661  1.849   1.00 13.89 ? 84  LEU A O   1 
ATOM   623  C CB  . LEU A 1 86  ? 1.616   -2.464  4.242   1.00 13.96 ? 84  LEU A CB  1 
ATOM   624  C CG  . LEU A 1 86  ? 1.840   -3.076  5.621   1.00 15.35 ? 84  LEU A CG  1 
ATOM   625  C CD1 . LEU A 1 86  ? 0.510   -2.928  6.403   1.00 17.31 ? 84  LEU A CD1 1 
ATOM   626  C CD2 . LEU A 1 86  ? 2.288   -4.484  5.559   1.00 16.64 ? 84  LEU A CD2 1 
ATOM   627  N N   . ILE A 1 87  ? 2.133   -2.743  0.944   1.00 13.72 ? 85  ILE A N   1 
ATOM   628  C CA  . ILE A 1 87  ? 1.606   -2.247  -0.331  1.00 14.35 ? 85  ILE A CA  1 
ATOM   629  C C   . ILE A 1 87  ? 0.284   -2.955  -0.620  1.00 13.83 ? 85  ILE A C   1 
ATOM   630  O O   . ILE A 1 87  ? 0.205   -4.166  -0.616  1.00 14.31 ? 85  ILE A O   1 
ATOM   631  C CB  . ILE A 1 87  ? 2.580   -2.481  -1.463  1.00 16.30 ? 85  ILE A CB  1 
ATOM   632  C CG1 . ILE A 1 87  ? 3.845   -1.653  -1.225  1.00 18.71 ? 85  ILE A CG1 1 
ATOM   633  C CG2 . ILE A 1 87  ? 1.937   -2.031  -2.756  1.00 18.85 ? 85  ILE A CG2 1 
ATOM   634  C CD1 . ILE A 1 87  ? 4.558   -1.253  -2.541  1.00 23.38 ? 85  ILE A CD1 1 
ATOM   635  N N   . CYS A 1 88  ? -0.709  -2.129  -0.889  1.00 12.81 ? 86  CYS A N   1 
ATOM   636  C CA  . CYS A 1 88  ? -2.105  -2.544  -1.045  1.00 14.67 ? 86  CYS A CA  1 
ATOM   637  C C   . CYS A 1 88  ? -2.616  -2.030  -2.370  1.00 12.89 ? 86  CYS A C   1 
ATOM   638  O O   . CYS A 1 88  ? -2.210  -0.977  -2.839  1.00 13.46 ? 86  CYS A O   1 
ATOM   639  C CB  . CYS A 1 88  ? -2.939  -1.960  0.100   1.00 14.08 ? 86  CYS A CB  1 
ATOM   640  S SG  . CYS A 1 88  ? -2.436  -2.536  1.745   1.00 18.85 ? 86  CYS A SG  1 
ATOM   641  N N   . ARG A 1 89  ? -3.515  -2.792  -2.979  1.00 11.87 ? 87  ARG A N   1 
ATOM   642  C CA  . ARG A 1 89  ? -4.006  -2.391  -4.307  1.00 13.59 ? 87  ARG A CA  1 
ATOM   643  C C   . ARG A 1 89  ? -4.941  -1.163  -4.289  1.00 12.92 ? 87  ARG A C   1 
ATOM   644  O O   . ARG A 1 89  ? -4.969  -0.345  -5.231  1.00 13.57 ? 87  ARG A O   1 
ATOM   645  C CB  . ARG A 1 89  ? -4.708  -3.578  -4.990  1.00 13.36 ? 87  ARG A CB  1 
ATOM   646  C CG  . ARG A 1 89  ? -4.926  -3.459  -6.484  1.00 15.06 ? 87  ARG A CG  1 
ATOM   647  C CD  . ARG A 1 89  ? -5.802  -4.584  -6.995  1.00 14.71 ? 87  ARG A CD  1 
ATOM   648  N NE  . ARG A 1 89  ? -5.137  -5.874  -6.928  1.00 15.20 ? 87  ARG A NE  1 
ATOM   649  C CZ  . ARG A 1 89  ? -4.606  -6.513  -7.967  1.00 15.99 ? 87  ARG A CZ  1 
ATOM   650  N NH1 . ARG A 1 89  ? -4.621  -5.968  -9.179  1.00 18.30 ? 87  ARG A NH1 1 
ATOM   651  N NH2 . ARG A 1 89  ? -4.043  -7.673  -7.796  1.00 18.99 ? 87  ARG A NH2 1 
ATOM   652  N N   . THR A 1 90  ? -5.736  -1.080  -3.242  1.00 13.70 ? 88  THR A N   1 
ATOM   653  C CA  . THR A 1 90  ? -6.899  -0.195  -3.151  1.00 14.49 ? 88  THR A CA  1 
ATOM   654  C C   . THR A 1 90  ? -7.147  0.259   -1.716  1.00 13.53 ? 88  THR A C   1 
ATOM   655  O O   . THR A 1 90  ? -6.671  -0.349  -0.768  1.00 14.57 ? 88  THR A O   1 
ATOM   656  C CB  . THR A 1 90  ? -8.204  -0.928  -3.545  1.00 15.21 ? 88  THR A CB  1 
ATOM   657  O OG1 . THR A 1 90  ? -8.447  -1.977  -2.600  1.00 17.23 ? 88  THR A OG1 1 
ATOM   658  C CG2 . THR A 1 90  ? -8.102  -1.468  -4.969  1.00 16.38 ? 88  THR A CG2 1 
ATOM   659  N N   . PRO A 1 91  ? -7.933  1.323   -1.570  1.00 13.57 ? 89  PRO A N   1 
ATOM   660  C CA  . PRO A 1 91  ? -8.290  1.688   -0.193  1.00 14.23 ? 89  PRO A CA  1 
ATOM   661  C C   . PRO A 1 91  ? -9.185  0.692   0.485   1.00 14.35 ? 89  PRO A C   1 
ATOM   662  O O   . PRO A 1 91  ? -9.267  0.645   1.722   1.00 15.63 ? 89  PRO A O   1 
ATOM   663  C CB  . PRO A 1 91  ? -9.070  2.974   -0.362  1.00 14.03 ? 89  PRO A CB  1 
ATOM   664  C CG  . PRO A 1 91  ? -9.128  3.293   -1.795  1.00 16.86 ? 89  PRO A CG  1 
ATOM   665  C CD  . PRO A 1 91  ? -8.502  2.239   -2.581  1.00 12.83 ? 89  PRO A CD  1 
ATOM   666  N N   . GLN A 1 92  ? -9.855  -0.112  -0.299  1.00 13.87 ? 90  GLN A N   1 
ATOM   667  C CA  . GLN A 1 92  ? -10.673 -1.184  0.292   1.00 14.73 ? 90  GLN A CA  1 
ATOM   668  C C   . GLN A 1 92  ? -9.812  -2.127  1.114   1.00 14.47 ? 90  GLN A C   1 
ATOM   669  O O   . GLN A 1 92  ? -10.178 -2.544  2.216   1.00 16.06 ? 90  GLN A O   1 
ATOM   670  C CB  . GLN A 1 92  ? -11.446 -1.930  -0.794  1.00 15.84 ? 90  GLN A CB  1 
ATOM   671  C CG  . GLN A 1 92  ? -12.606 -1.124  -1.307  1.00 15.86 ? 90  GLN A CG  1 
ATOM   672  C CD  . GLN A 1 92  ? -12.186 -0.062  -2.279  1.00 17.55 ? 90  GLN A CD  1 
ATOM   673  O OE1 . GLN A 1 92  ? -11.420 -0.342  -3.195  1.00 19.61 ? 90  GLN A OE1 1 
ATOM   674  N NE2 . GLN A 1 92  ? -12.688 1.168   -2.086  1.00 16.19 ? 90  GLN A NE2 1 
ATOM   675  N N   . THR A 1 93  ? -8.653  -2.478  0.596   1.00 12.84 ? 91  THR A N   1 
ATOM   676  C CA  . THR A 1 93  ? -7.750  -3.370  1.319   1.00 14.26 ? 91  THR A CA  1 
ATOM   677  C C   . THR A 1 93  ? -7.286  -2.695  2.607   1.00 14.61 ? 91  THR A C   1 
ATOM   678  O O   . THR A 1 93  ? -7.280  -3.321  3.676   1.00 14.26 ? 91  THR A O   1 
ATOM   679  C CB  . THR A 1 93  ? -6.552  -3.740  0.446   1.00 14.64 ? 91  THR A CB  1 
ATOM   680  O OG1 . THR A 1 93  ? -6.999  -4.545  -0.672  1.00 17.79 ? 91  THR A OG1 1 
ATOM   681  C CG2 . THR A 1 93  ? -5.507  -4.491  1.231   1.00 16.23 ? 91  THR A CG2 1 
ATOM   682  N N   . VAL A 1 94  ? -6.920  -1.430  2.520   1.00 13.71 ? 92  VAL A N   1 
ATOM   683  C CA  . VAL A 1 94  ? -6.391  -0.737  3.697   1.00 13.98 ? 92  VAL A CA  1 
ATOM   684  C C   . VAL A 1 94  ? -7.485  -0.692  4.760   1.00 15.04 ? 92  VAL A C   1 
ATOM   685  O O   . VAL A 1 94  ? -7.230  -0.887  5.952   1.00 14.74 ? 92  VAL A O   1 
ATOM   686  C CB  . VAL A 1 94  ? -5.900  0.657   3.364   1.00 14.54 ? 92  VAL A CB  1 
ATOM   687  C CG1 . VAL A 1 94  ? -5.368  1.341   4.629   1.00 17.45 ? 92  VAL A CG1 1 
ATOM   688  C CG2 . VAL A 1 94  ? -4.737  0.580   2.345   1.00 14.83 ? 92  VAL A CG2 1 
ATOM   689  N N   . ARG A 1 95  ? -8.704  -0.432  4.329   1.00 14.73 ? 93  ARG A N   1 
ATOM   690  C CA  . ARG A 1 95  ? -9.821  -0.344  5.298   1.00 15.79 ? 93  ARG A CA  1 
ATOM   691  C C   . ARG A 1 95  ? -10.004 -1.648  6.027   1.00 16.75 ? 93  ARG A C   1 
ATOM   692  O O   . ARG A 1 95  ? -10.277 -1.662  7.245   1.00 17.84 ? 93  ARG A O   1 
ATOM   693  C CB  . ARG A 1 95  ? -11.131 0.094   4.628   1.00 16.16 ? 93  ARG A CB  1 
ATOM   694  C CG  . ARG A 1 95  ? -12.362 -0.107  5.524   1.00 16.35 ? 93  ARG A CG  1 
ATOM   695  C CD  . ARG A 1 95  ? -13.531 0.651   4.954   1.00 17.33 ? 93  ARG A CD  1 
ATOM   696  N NE  . ARG A 1 95  ? -14.666 0.537   5.878   1.00 20.45 ? 93  ARG A NE  1 
ATOM   697  C CZ  . ARG A 1 95  ? -15.736 1.313   5.871   1.00 21.39 ? 93  ARG A CZ  1 
ATOM   698  N NH1 . ARG A 1 95  ? -15.898 2.283   4.975   1.00 20.49 ? 93  ARG A NH1 1 
ATOM   699  N NH2 . ARG A 1 95  ? -16.654 1.105   6.793   1.00 23.87 ? 93  ARG A NH2 1 
ATOM   700  N N   . LYS A 1 96  ? -9.837  -2.746  5.331   1.00 16.56 ? 94  LYS A N   1 
ATOM   701  C CA  A LYS A 1 96  ? -9.995  -4.084  5.930   0.50 17.08 ? 94  LYS A CA  1 
ATOM   702  C CA  B LYS A 1 96  ? -9.991  -4.071  5.945   0.50 17.07 ? 94  LYS A CA  1 
ATOM   703  C C   . LYS A 1 96  ? -8.900  -4.277  6.976   1.00 17.36 ? 94  LYS A C   1 
ATOM   704  O O   . LYS A 1 96  ? -9.131  -4.828  8.045   1.00 17.83 ? 94  LYS A O   1 
ATOM   705  C CB  A LYS A 1 96  ? -9.964  -5.215  4.888   0.50 17.87 ? 94  LYS A CB  1 
ATOM   706  C CB  B LYS A 1 96  ? -9.999  -5.183  4.906   0.50 17.86 ? 94  LYS A CB  1 
ATOM   707  C CG  A LYS A 1 96  ? -11.229 -5.335  4.009   0.50 20.65 ? 94  LYS A CG  1 
ATOM   708  C CG  B LYS A 1 96  ? -11.295 -5.180  4.122   0.50 20.48 ? 94  LYS A CG  1 
ATOM   709  C CD  A LYS A 1 96  ? -10.972 -6.339  2.890   0.50 23.66 ? 94  LYS A CD  1 
ATOM   710  C CD  B LYS A 1 96  ? -11.292 -6.227  3.051   0.50 23.38 ? 94  LYS A CD  1 
ATOM   711  C CE  A LYS A 1 96  ? -12.138 -6.555  1.925   0.50 25.37 ? 94  LYS A CE  1 
ATOM   712  C CE  B LYS A 1 96  ? -12.490 -6.043  2.134   0.50 25.20 ? 94  LYS A CE  1 
ATOM   713  N NZ  A LYS A 1 96  ? -11.705 -7.266  0.663   0.50 26.27 ? 94  LYS A NZ  1 
ATOM   714  N NZ  B LYS A 1 96  ? -13.743 -6.303  2.865   0.50 25.58 ? 94  LYS A NZ  1 
ATOM   715  N N   . LEU A 1 97  ? -7.701  -3.807  6.687   1.00 16.26 ? 95  LEU A N   1 
ATOM   716  C CA  . LEU A 1 97  ? -6.585  -3.906  7.663   1.00 17.05 ? 95  LEU A CA  1 
ATOM   717  C C   . LEU A 1 97  ? -6.892  -3.099  8.921   1.00 17.23 ? 95  LEU A C   1 
ATOM   718  O O   . LEU A 1 97  ? -6.659  -3.542  10.062  1.00 18.22 ? 95  LEU A O   1 
ATOM   719  C CB  . LEU A 1 97  ? -5.271  -3.457  7.057   1.00 16.69 ? 95  LEU A CB  1 
ATOM   720  C CG  . LEU A 1 97  ? -4.670  -4.356  5.950   1.00 15.54 ? 95  LEU A CG  1 
ATOM   721  C CD1 . LEU A 1 97  ? -3.327  -3.755  5.432   1.00 16.34 ? 95  LEU A CD1 1 
ATOM   722  C CD2 . LEU A 1 97  ? -4.493  -5.859  6.340   1.00 16.70 ? 95  LEU A CD2 1 
ATOM   723  N N   . VAL A 1 98  ? -7.428  -1.914  8.722   1.00 17.53 ? 96  VAL A N   1 
ATOM   724  C CA  . VAL A 1 98  ? -7.740  -1.037  9.842   1.00 19.57 ? 96  VAL A CA  1 
ATOM   725  C C   . VAL A 1 98  ? -8.843  -1.665  10.689  1.00 19.87 ? 96  VAL A C   1 
ATOM   726  O O   . VAL A 1 98  ? -8.750  -1.740  11.920  1.00 20.77 ? 96  VAL A O   1 
ATOM   727  C CB  . VAL A 1 98  ? -8.094  0.378   9.372   1.00 19.43 ? 96  VAL A CB  1 
ATOM   728  C CG1 . VAL A 1 98  ? -8.735  1.238   10.521  1.00 21.33 ? 96  VAL A CG1 1 
ATOM   729  C CG2 . VAL A 1 98  ? -6.851  1.053   8.790   1.00 18.74 ? 96  VAL A CG2 1 
ATOM   730  N N   . GLU A 1 99  ? -9.886  -2.134  10.033  1.00 20.61 ? 97  GLU A N   1 
ATOM   731  C CA  . GLU A 1 99  ? -11.013 -2.803  10.733  1.00 21.32 ? 97  GLU A CA  1 
ATOM   732  C C   . GLU A 1 99  ? -10.527 -4.038  11.506  1.00 22.62 ? 97  GLU A C   1 
ATOM   733  O O   . GLU A 1 99  ? -11.063 -4.386  12.552  1.00 23.50 ? 97  GLU A O   1 
ATOM   734  C CB  . GLU A 1 99  ? -12.134 -3.178  9.743   1.00 21.78 ? 97  GLU A CB  1 
ATOM   735  C CG  . GLU A 1 99  ? -12.927 -1.978  9.229   1.00 23.03 ? 97  GLU A CG  1 
ATOM   736  C CD  . GLU A 1 99  ? -13.814 -2.284  8.023   1.00 24.56 ? 97  GLU A CD  1 
ATOM   737  O OE1 . GLU A 1 99  ? -13.561 -3.266  7.264   1.00 23.47 ? 97  GLU A OE1 1 
ATOM   738  O OE2 . GLU A 1 99  ? -14.761 -1.503  7.794   1.00 27.26 ? 97  GLU A OE2 1 
ATOM   739  N N   . GLY A 1 100 ? -9.500  -4.694  10.991  1.00 22.59 ? 98  GLY A N   1 
ATOM   740  C CA  . GLY A 1 100 ? -8.950  -5.905  11.609  1.00 23.26 ? 98  GLY A CA  1 
ATOM   741  C C   . GLY A 1 100 ? -8.004  -5.604  12.746  1.00 23.50 ? 98  GLY A C   1 
ATOM   742  O O   . GLY A 1 100 ? -7.346  -6.495  13.298  1.00 25.00 ? 98  GLY A O   1 
ATOM   743  N N   . GLY A 1 101 ? -7.897  -4.324  13.058  1.00 23.48 ? 99  GLY A N   1 
ATOM   744  C CA  . GLY A 1 101 ? -7.153  -3.875  14.234  1.00 24.38 ? 99  GLY A CA  1 
ATOM   745  C C   . GLY A 1 101 ? -5.694  -3.568  14.058  1.00 24.60 ? 99  GLY A C   1 
ATOM   746  O O   . GLY A 1 101 ? -4.956  -3.429  15.021  1.00 26.03 ? 99  GLY A O   1 
ATOM   747  N N   . ILE A 1 102 ? -5.259  -3.452  12.814  1.00 24.34 ? 100 ILE A N   1 
ATOM   748  C CA  . ILE A 1 102 ? -3.862  -3.097  12.534  1.00 24.08 ? 100 ILE A CA  1 
ATOM   749  C C   . ILE A 1 102 ? -3.661  -1.602  12.675  1.00 24.64 ? 100 ILE A C   1 
ATOM   750  O O   . ILE A 1 102 ? -4.394  -0.814  12.127  1.00 24.19 ? 100 ILE A O   1 
ATOM   751  C CB  . ILE A 1 102 ? -3.400  -3.561  11.119  1.00 22.98 ? 100 ILE A CB  1 
ATOM   752  C CG1 . ILE A 1 102 ? -3.559  -5.079  11.002  1.00 23.13 ? 100 ILE A CG1 1 
ATOM   753  C CG2 . ILE A 1 102 ? -1.958  -3.214  10.905  1.00 22.32 ? 100 ILE A CG2 1 
ATOM   754  C CD1 . ILE A 1 102 ? -3.057  -5.807  12.228  1.00 24.46 ? 100 ILE A CD1 1 
ATOM   755  N N   . ASP A 1 103 ? -2.631  -1.251  13.425  1.00 25.30 ? 101 ASP A N   1 
ATOM   756  C CA  . ASP A 1 103 ? -2.330  0.139   13.776  1.00 26.44 ? 101 ASP A CA  1 
ATOM   757  C C   . ASP A 1 103 ? -1.445  0.755   12.689  1.00 25.90 ? 101 ASP A C   1 
ATOM   758  O O   . ASP A 1 103 ? -0.237  0.631   12.688  1.00 27.77 ? 101 ASP A O   1 
ATOM   759  C CB  . ASP A 1 103 ? -1.621  0.142   15.144  1.00 27.04 ? 101 ASP A CB  1 
ATOM   760  C CG  . ASP A 1 103 ? -1.436  1.519   15.748  1.00 31.68 ? 101 ASP A CG  1 
ATOM   761  O OD1 . ASP A 1 103 ? -2.016  2.506   15.258  1.00 36.89 ? 101 ASP A OD1 1 
ATOM   762  O OD2 . ASP A 1 103 ? -0.664  1.595   16.748  1.00 35.90 ? 101 ASP A OD2 1 
ATOM   763  N N   . LEU A 1 104 ? -2.094  1.398   11.744  1.00 24.02 ? 102 LEU A N   1 
ATOM   764  C CA  . LEU A 1 104 ? -1.390  2.134   10.695  1.00 22.84 ? 102 LEU A CA  1 
ATOM   765  C C   . LEU A 1 104 ? -1.306  3.600   11.074  1.00 22.24 ? 102 LEU A C   1 
ATOM   766  O O   . LEU A 1 104 ? -2.270  4.181   11.541  1.00 24.90 ? 102 LEU A O   1 
ATOM   767  C CB  . LEU A 1 104 ? -2.137  2.003   9.374   1.00 21.96 ? 102 LEU A CB  1 
ATOM   768  C CG  . LEU A 1 104 ? -2.399  0.571   8.918   1.00 20.50 ? 102 LEU A CG  1 
ATOM   769  C CD1 . LEU A 1 104 ? -3.097  0.573   7.554   1.00 19.39 ? 102 LEU A CD1 1 
ATOM   770  C CD2 . LEU A 1 104 ? -1.088  -0.252  8.885   1.00 19.50 ? 102 LEU A CD2 1 
ATOM   771  N N   . LYS A 1 105 ? -0.139  4.185   10.869  1.00 21.58 ? 103 LYS A N   1 
ATOM   772  C CA  . LYS A 1 105 ? 0.056   5.586   11.179  1.00 22.22 ? 103 LYS A CA  1 
ATOM   773  C C   . LYS A 1 105 ? -0.096  6.474   9.964   1.00 21.11 ? 103 LYS A C   1 
ATOM   774  O O   . LYS A 1 105 ? -0.634  7.553   10.061  1.00 19.66 ? 103 LYS A O   1 
ATOM   775  C CB  . LYS A 1 105 ? 1.424   5.852   11.806  1.00 22.93 ? 103 LYS A CB  1 
ATOM   776  C CG  . LYS A 1 105 ? 1.724   5.134   13.133  1.00 27.10 ? 103 LYS A CG  1 
ATOM   777  C CD  . LYS A 1 105 ? 0.501   4.579   13.814  1.00 31.16 ? 103 LYS A CD  1 
ATOM   778  C CE  . LYS A 1 105 ? -0.066  5.531   14.836  1.00 34.39 ? 103 LYS A CE  1 
ATOM   779  N NZ  . LYS A 1 105 ? 0.016   4.984   16.222  1.00 35.98 ? 103 LYS A NZ  1 
ATOM   780  N N   . ASP A 1 106 ? 0.446   6.023   8.836   1.00 18.83 ? 104 ASP A N   1 
ATOM   781  C CA  . ASP A 1 106 ? 0.471   6.807   7.607   1.00 18.26 ? 104 ASP A CA  1 
ATOM   782  C C   . ASP A 1 106 ? 0.110   5.922   6.426   1.00 15.77 ? 104 ASP A C   1 
ATOM   783  O O   . ASP A 1 106 ? 0.635   4.825   6.292   1.00 16.26 ? 104 ASP A O   1 
ATOM   784  C CB  . ASP A 1 106 ? 1.867   7.414   7.376   1.00 19.04 ? 104 ASP A CB  1 
ATOM   785  C CG  . ASP A 1 106 ? 2.313   8.330   8.515   1.00 20.16 ? 104 ASP A CG  1 
ATOM   786  O OD1 . ASP A 1 106 ? 1.925   9.512   8.504   1.00 24.10 ? 104 ASP A OD1 1 
ATOM   787  O OD2 . ASP A 1 106 ? 3.075   7.859   9.398   1.00 28.36 ? 104 ASP A OD2 1 
ATOM   788  N N   . VAL A 1 107 ? -0.787  6.447   5.604   1.00 14.29 ? 105 VAL A N   1 
ATOM   789  C CA  . VAL A 1 107 ? -1.205  5.790   4.341   1.00 14.48 ? 105 VAL A CA  1 
ATOM   790  C C   . VAL A 1 107 ? -1.025  6.748   3.200   1.00 15.55 ? 105 VAL A C   1 
ATOM   791  O O   . VAL A 1 107 ? -1.573  7.831   3.194   1.00 15.32 ? 105 VAL A O   1 
ATOM   792  C CB  . VAL A 1 107 ? -2.636  5.283   4.408   1.00 14.40 ? 105 VAL A CB  1 
ATOM   793  C CG1 . VAL A 1 107 ? -3.148  4.872   3.016   1.00 15.13 ? 105 VAL A CG1 1 
ATOM   794  C CG2 . VAL A 1 107 ? -2.743  4.109   5.361   1.00 14.35 ? 105 VAL A CG2 1 
ATOM   795  N N   . ASN A 1 108 ? -0.145  6.334   2.296   1.00 15.22 ? 106 ASN A N   1 
ATOM   796  C CA  . ASN A 1 108 ? 0.226   7.065   1.097   1.00 14.42 ? 106 ASN A CA  1 
ATOM   797  C C   . ASN A 1 108 ? -0.615  6.541   -0.059  1.00 15.11 ? 106 ASN A C   1 
ATOM   798  O O   . ASN A 1 108 ? -0.597  5.354   -0.349  1.00 15.35 ? 106 ASN A O   1 
ATOM   799  C CB  . ASN A 1 108 ? 1.741   6.852   0.850   1.00 14.88 ? 106 ASN A CB  1 
ATOM   800  C CG  . ASN A 1 108 ? 2.178   7.146   -0.535  1.00 15.63 ? 106 ASN A CG  1 
ATOM   801  O OD1 . ASN A 1 108 ? 2.816   6.320   -1.184  1.00 14.62 ? 106 ASN A OD1 1 
ATOM   802  N ND2 . ASN A 1 108 ? 1.902   8.343   -0.994  1.00 15.36 ? 106 ASN A ND2 1 
ATOM   803  N N   . VAL A 1 109 ? -1.343  7.421   -0.688  1.00 14.94 ? 107 VAL A N   1 
ATOM   804  C CA  . VAL A 1 109 ? -2.180  7.122   -1.857  1.00 14.86 ? 107 VAL A CA  1 
ATOM   805  C C   . VAL A 1 109 ? -1.375  7.410   -3.103  1.00 15.19 ? 107 VAL A C   1 
ATOM   806  O O   . VAL A 1 109 ? -0.995  8.547   -3.389  1.00 16.19 ? 107 VAL A O   1 
ATOM   807  C CB  . VAL A 1 109 ? -3.462  7.983   -1.837  1.00 15.05 ? 107 VAL A CB  1 
ATOM   808  C CG1 . VAL A 1 109 ? -4.380  7.617   -2.969  1.00 17.76 ? 107 VAL A CG1 1 
ATOM   809  C CG2 . VAL A 1 109 ? -4.218  7.847   -0.488  1.00 16.01 ? 107 VAL A CG2 1 
ATOM   810  N N   . GLY A 1 110 ? -1.084  6.310   -3.776  1.00 15.23 ? 108 GLY A N   1 
ATOM   811  C CA  . GLY A 1 110 ? -0.410  6.285   -5.084  1.00 17.43 ? 108 GLY A CA  1 
ATOM   812  C C   . GLY A 1 110 ? -1.426  5.937   -6.177  1.00 16.55 ? 108 GLY A C   1 
ATOM   813  O O   . GLY A 1 110 ? -2.594  6.265   -6.074  1.00 21.27 ? 108 GLY A O   1 
ATOM   814  N N   . ASN A 1 111 ? -0.989  5.241   -7.213  1.00 17.80 ? 109 ASN A N   1 
ATOM   815  C CA  . ASN A 1 111 ? -1.770  5.082   -8.432  1.00 16.98 ? 109 ASN A CA  1 
ATOM   816  C C   . ASN A 1 111 ? -3.115  4.452   -8.139  1.00 15.36 ? 109 ASN A C   1 
ATOM   817  O O   . ASN A 1 111 ? -3.188  3.285   -7.680  1.00 15.27 ? 109 ASN A O   1 
ATOM   818  C CB  . ASN A 1 111 ? -1.071  4.218   -9.530  1.00 17.86 ? 109 ASN A CB  1 
ATOM   819  C CG  . ASN A 1 111 ? 0.044   4.934   -10.228 1.00 20.76 ? 109 ASN A CG  1 
ATOM   820  O OD1 . ASN A 1 111 ? 0.203   4.825   -11.451 1.00 29.89 ? 109 ASN A OD1 1 
ATOM   821  N ND2 . ASN A 1 111 ? 0.843   5.637   -9.475  1.00 20.25 ? 109 ASN A ND2 1 
ATOM   822  N N   . MET A 1 112 ? -4.164  5.198   -8.483  1.00 14.36 ? 110 MET A N   1 
ATOM   823  C CA  . MET A 1 112 ? -5.536  4.673   -8.476  1.00 14.13 ? 110 MET A CA  1 
ATOM   824  C C   . MET A 1 112 ? -6.135  5.037   -9.829  1.00 13.21 ? 110 MET A C   1 
ATOM   825  O O   . MET A 1 112 ? -6.510  6.180   -10.084 1.00 15.81 ? 110 MET A O   1 
ATOM   826  C CB  . MET A 1 112 ? -6.348  5.263   -7.326  1.00 14.29 ? 110 MET A CB  1 
ATOM   827  C CG  . MET A 1 112 ? -5.953  4.784   -5.900  1.00 14.63 ? 110 MET A CG  1 
ATOM   828  S SD  . MET A 1 112 ? -7.023  5.427   -4.518  1.00 8.95  ? 110 MET A SD  1 
ATOM   829  C CE  . MET A 1 112 ? -8.645  4.854   -5.114  1.00 17.01 ? 110 MET A CE  1 
ATOM   830  N N   . HIS A 1 113 ? -6.187  4.053   -10.709 1.00 13.83 ? 111 HIS A N   1 
ATOM   831  C CA  . HIS A 1 113 ? -6.492  4.281   -12.126 1.00 14.10 ? 111 HIS A CA  1 
ATOM   832  C C   . HIS A 1 113 ? -7.973  4.424   -12.367 1.00 14.90 ? 111 HIS A C   1 
ATOM   833  O O   . HIS A 1 113 ? -8.832  3.967   -11.620 1.00 15.15 ? 111 HIS A O   1 
ATOM   834  C CB  . HIS A 1 113 ? -5.918  3.156   -12.961 1.00 14.73 ? 111 HIS A CB  1 
ATOM   835  C CG  . HIS A 1 113 ? -4.446  3.268   -13.149 1.00 14.50 ? 111 HIS A CG  1 
ATOM   836  N ND1 . HIS A 1 113 ? -3.899  4.025   -14.155 1.00 19.23 ? 111 HIS A ND1 1 
ATOM   837  C CD2 . HIS A 1 113 ? -3.403  2.770   -12.441 1.00 14.58 ? 111 HIS A CD2 1 
ATOM   838  C CE1 . HIS A 1 113 ? -2.580  3.953   -14.091 1.00 19.80 ? 111 HIS A CE1 1 
ATOM   839  N NE2 . HIS A 1 113 ? -2.247  3.203   -13.058 1.00 18.46 ? 111 HIS A NE2 1 
ATOM   840  N N   . PHE A 1 114 ? -8.236  5.088   -13.468 1.00 15.48 ? 112 PHE A N   1 
ATOM   841  C CA  . PHE A 1 114 ? -9.603  5.306   -13.939 1.00 15.41 ? 112 PHE A CA  1 
ATOM   842  C C   . PHE A 1 114 ? -10.356 4.003   -14.230 1.00 15.87 ? 112 PHE A C   1 
ATOM   843  O O   . PHE A 1 114 ? -9.823  3.063   -14.753 1.00 16.09 ? 112 PHE A O   1 
ATOM   844  C CB  . PHE A 1 114 ? -9.572  6.127   -15.233 1.00 15.58 ? 112 PHE A CB  1 
ATOM   845  C CG  . PHE A 1 114 ? -10.898 6.189   -15.934 1.00 16.61 ? 112 PHE A CG  1 
ATOM   846  C CD1 . PHE A 1 114 ? -11.818 7.162   -15.585 1.00 17.83 ? 112 PHE A CD1 1 
ATOM   847  C CD2 . PHE A 1 114 ? -11.209 5.304   -16.939 1.00 16.26 ? 112 PHE A CD2 1 
ATOM   848  C CE1 . PHE A 1 114 ? -13.037 7.218   -16.223 1.00 21.06 ? 112 PHE A CE1 1 
ATOM   849  C CE2 . PHE A 1 114 ? -12.422 5.363   -17.556 1.00 18.81 ? 112 PHE A CE2 1 
ATOM   850  C CZ  . PHE A 1 114 ? -13.316 6.323   -17.196 1.00 19.21 ? 112 PHE A CZ  1 
ATOM   851  N N   . SER A 1 115 ? -11.625 4.011   -13.847 1.00 15.63 ? 113 SER A N   1 
ATOM   852  C CA  . SER A 1 115 ? -12.636 3.139   -14.462 1.00 17.00 ? 113 SER A CA  1 
ATOM   853  C C   . SER A 1 115 ? -13.901 3.956   -14.500 1.00 18.00 ? 113 SER A C   1 
ATOM   854  O O   . SER A 1 115 ? -13.993 4.994   -13.912 1.00 18.50 ? 113 SER A O   1 
ATOM   855  C CB  . SER A 1 115 ? -12.832 1.821   -13.756 1.00 17.72 ? 113 SER A CB  1 
ATOM   856  O OG  . SER A 1 115 ? -12.977 1.987   -12.358 1.00 18.09 ? 113 SER A OG  1 
ATOM   857  N N   . GLU A 1 116 ? -14.868 3.437   -15.233 1.00 20.71 ? 114 GLU A N   1 
ATOM   858  C CA  . GLU A 1 116 ? -16.076 4.182   -15.539 1.00 22.25 ? 114 GLU A CA  1 
ATOM   859  C C   . GLU A 1 116 ? -16.677 4.778   -14.273 1.00 21.98 ? 114 GLU A C   1 
ATOM   860  O O   . GLU A 1 116 ? -16.854 4.097   -13.255 1.00 21.82 ? 114 GLU A O   1 
ATOM   861  C CB  . GLU A 1 116 ? -17.093 3.284   -16.246 1.00 23.29 ? 114 GLU A CB  1 
ATOM   862  C CG  . GLU A 1 116 ? -18.375 4.015   -16.598 1.00 26.47 ? 114 GLU A CG  1 
ATOM   863  C CD  . GLU A 1 116 ? -19.340 3.179   -17.399 1.00 29.69 ? 114 GLU A CD  1 
ATOM   864  O OE1 . GLU A 1 116 ? -19.288 1.932   -17.279 1.00 33.16 ? 114 GLU A OE1 1 
ATOM   865  O OE2 . GLU A 1 116 ? -20.147 3.778   -18.143 1.00 33.14 ? 114 GLU A OE2 1 
ATOM   866  N N   . GLY A 1 117 ? -16.951 6.065   -14.393 1.00 21.93 ? 115 GLY A N   1 
ATOM   867  C CA  . GLY A 1 117 ? -17.632 6.892   -13.385 1.00 21.77 ? 115 GLY A CA  1 
ATOM   868  C C   . GLY A 1 117 ? -16.745 7.482   -12.317 1.00 22.09 ? 115 GLY A C   1 
ATOM   869  O O   . GLY A 1 117 ? -17.161 8.330   -11.512 1.00 22.93 ? 115 GLY A O   1 
ATOM   870  N N   . LYS A 1 118 ? -15.504 7.042   -12.311 1.00 20.35 ? 116 LYS A N   1 
ATOM   871  C CA  . LYS A 1 118 ? -14.541 7.599   -11.349 1.00 20.40 ? 116 LYS A CA  1 
ATOM   872  C C   . LYS A 1 118 ? -14.122 8.998   -11.722 1.00 21.70 ? 116 LYS A C   1 
ATOM   873  O O   . LYS A 1 118 ? -14.053 9.349   -12.894 1.00 22.05 ? 116 LYS A O   1 
ATOM   874  C CB  . LYS A 1 118 ? -13.321 6.684   -11.227 1.00 18.43 ? 116 LYS A CB  1 
ATOM   875  C CG  . LYS A 1 118 ? -13.667 5.406   -10.542 1.00 18.12 ? 116 LYS A CG  1 
ATOM   876  C CD  . LYS A 1 118 ? -12.474 4.785   -9.785  1.00 17.71 ? 116 LYS A CD  1 
ATOM   877  C CE  . LYS A 1 118 ? -12.817 3.410   -9.240  1.00 17.34 ? 116 LYS A CE  1 
ATOM   878  N NZ  . LYS A 1 118 ? -11.758 2.986   -8.263  1.00 17.45 ? 116 LYS A NZ  1 
ATOM   879  N N   . LYS A 1 119 ? -13.816 9.786   -10.705 1.00 20.75 ? 117 LYS A N   1 
ATOM   880  C CA  . LYS A 1 119 ? -13.427 11.194  -10.857 1.00 22.39 ? 117 LYS A CA  1 
ATOM   881  C C   . LYS A 1 119 ? -11.994 11.413  -10.420 1.00 21.45 ? 117 LYS A C   1 
ATOM   882  O O   . LYS A 1 119 ? -11.537 10.816  -9.456  1.00 20.59 ? 117 LYS A O   1 
ATOM   883  C CB  . LYS A 1 119 ? -14.341 12.079  -10.032 1.00 24.00 ? 117 LYS A CB  1 
ATOM   884  C CG  . LYS A 1 119 ? -15.802 12.093  -10.497 1.00 27.11 ? 117 LYS A CG  1 
ATOM   885  C CD  . LYS A 1 119 ? -16.712 12.846  -9.514  1.00 32.91 ? 117 LYS A CD  1 
ATOM   886  C CE  . LYS A 1 119 ? -16.340 14.328  -9.319  1.00 36.39 ? 117 LYS A CE  1 
ATOM   887  N NZ  . LYS A 1 119 ? -16.884 15.241  -10.380 1.00 38.39 ? 117 LYS A NZ  1 
ATOM   888  N N   . GLN A 1 120 ? -11.309 12.294  -11.134 1.00 21.92 ? 118 GLN A N   1 
ATOM   889  C CA  . GLN A 1 120 ? -9.903  12.592  -10.874 1.00 22.16 ? 118 GLN A CA  1 
ATOM   890  C C   . GLN A 1 120 ? -9.767  13.566  -9.732  1.00 23.20 ? 118 GLN A C   1 
ATOM   891  O O   . GLN A 1 120 ? -10.377 14.654  -9.726  1.00 23.98 ? 118 GLN A O   1 
ATOM   892  C CB  . GLN A 1 120 ? -9.234  13.168  -12.119 1.00 22.93 ? 118 GLN A CB  1 
ATOM   893  C CG  . GLN A 1 120 ? -7.720  13.200  -12.021 1.00 23.97 ? 118 GLN A CG  1 
ATOM   894  C CD  . GLN A 1 120 ? -7.021  13.591  -13.325 1.00 25.58 ? 118 GLN A CD  1 
ATOM   895  O OE1 . GLN A 1 120 ? -7.637  14.150  -14.236 1.00 27.13 ? 118 GLN A OE1 1 
ATOM   896  N NE2 . GLN A 1 120 ? -5.735  13.281  -13.416 1.00 25.85 ? 118 GLN A NE2 1 
ATOM   897  N N   . ILE A 1 121 ? -8.944  13.184  -8.762  1.00 21.61 ? 119 ILE A N   1 
ATOM   898  C CA  . ILE A 1 121 ? -8.667  14.086  -7.630  1.00 21.41 ? 119 ILE A CA  1 
ATOM   899  C C   . ILE A 1 121 ? -7.210  14.483  -7.492  1.00 21.22 ? 119 ILE A C   1 
ATOM   900  O O   . ILE A 1 121 ? -6.863  15.419  -6.746  1.00 23.20 ? 119 ILE A O   1 
ATOM   901  C CB  . ILE A 1 121 ? -9.197  13.560  -6.275  1.00 20.82 ? 119 ILE A CB  1 
ATOM   902  C CG1 . ILE A 1 121 ? -8.585  12.211  -5.903  1.00 20.89 ? 119 ILE A CG1 1 
ATOM   903  C CG2 . ILE A 1 121 ? -10.754 13.613  -6.242  1.00 21.94 ? 119 ILE A CG2 1 
ATOM   904  C CD1 . ILE A 1 121 ? -8.830  11.805  -4.436  1.00 22.65 ? 119 ILE A CD1 1 
ATOM   905  N N   . SER A 1 122 ? -6.375  13.782  -8.236  1.00 21.09 ? 120 SER A N   1 
ATOM   906  C CA  . SER A 1 122 ? -4.957  14.112  -8.329  1.00 21.38 ? 120 SER A CA  1 
ATOM   907  C C   . SER A 1 122 ? -4.434  13.551  -9.643  1.00 21.26 ? 120 SER A C   1 
ATOM   908  O O   . SER A 1 122 ? -5.136  12.822  -10.343 1.00 21.09 ? 120 SER A O   1 
ATOM   909  C CB  . SER A 1 122 ? -4.204  13.569  -7.131  1.00 21.99 ? 120 SER A CB  1 
ATOM   910  O OG  . SER A 1 122 ? -2.898  14.102  -7.069  1.00 25.30 ? 120 SER A OG  1 
ATOM   911  N N   . SER A 1 123 ? -3.205  13.864  -9.994  1.00 21.51 ? 121 SER A N   1 
ATOM   912  C CA  A SER A 1 123 ? -2.724  13.475  -11.315 0.50 21.69 ? 121 SER A CA  1 
ATOM   913  C CA  B SER A 1 123 ? -2.673  13.461  -11.310 0.50 21.65 ? 121 SER A CA  1 
ATOM   914  C C   . SER A 1 123 ? -2.884  11.980  -11.563 1.00 21.54 ? 121 SER A C   1 
ATOM   915  O O   . SER A 1 123 ? -3.225  11.574  -12.668 1.00 22.53 ? 121 SER A O   1 
ATOM   916  C CB  A SER A 1 123 ? -1.275  13.896  -11.515 0.50 21.87 ? 121 SER A CB  1 
ATOM   917  C CB  B SER A 1 123 ? -1.175  13.778  -11.461 0.50 21.86 ? 121 SER A CB  1 
ATOM   918  O OG  A SER A 1 123 ? -1.074  15.174  -10.925 0.50 23.47 ? 121 SER A OG  1 
ATOM   919  O OG  B SER A 1 123 ? -0.659  13.299  -12.698 0.50 23.13 ? 121 SER A OG  1 
ATOM   920  N N   . LYS A 1 124 ? -2.659  11.170  -10.532 1.00 20.80 ? 122 LYS A N   1 
ATOM   921  C CA  . LYS A 1 124 ? -2.647  9.707   -10.679 1.00 20.59 ? 122 LYS A CA  1 
ATOM   922  C C   . LYS A 1 124 ? -3.704  9.014   -9.842  1.00 18.43 ? 122 LYS A C   1 
ATOM   923  O O   . LYS A 1 124 ? -3.639  7.825   -9.656  1.00 19.00 ? 122 LYS A O   1 
ATOM   924  C CB  . LYS A 1 124 ? -1.299  9.150   -10.251 1.00 20.87 ? 122 LYS A CB  1 
ATOM   925  C CG  . LYS A 1 124 ? -0.105  9.761   -10.975 1.00 25.35 ? 122 LYS A CG  1 
ATOM   926  C CD  . LYS A 1 124 ? 0.545   8.822   -11.916 1.00 29.04 ? 122 LYS A CD  1 
ATOM   927  C CE  . LYS A 1 124 ? 1.766   9.479   -12.544 1.00 28.77 ? 122 LYS A CE  1 
ATOM   928  N NZ  . LYS A 1 124 ? 3.079   8.931   -12.018 1.00 31.40 ? 122 LYS A NZ  1 
ATOM   929  N N   . VAL A 1 125 ? -4.651  9.786   -9.341  1.00 17.92 ? 123 VAL A N   1 
ATOM   930  C CA  . VAL A 1 125 ? -5.698  9.256   -8.459  1.00 16.08 ? 123 VAL A CA  1 
ATOM   931  C C   . VAL A 1 125 ? -7.110  9.577   -8.954  1.00 15.96 ? 123 VAL A C   1 
ATOM   932  O O   . VAL A 1 125 ? -7.526  10.737  -9.008  1.00 17.68 ? 123 VAL A O   1 
ATOM   933  C CB  . VAL A 1 125 ? -5.539  9.827   -7.020  1.00 15.76 ? 123 VAL A CB  1 
ATOM   934  C CG1 . VAL A 1 125 ? -6.676  9.359   -6.103  1.00 15.14 ? 123 VAL A CG1 1 
ATOM   935  C CG2 . VAL A 1 125 ? -4.195  9.425   -6.420  1.00 17.02 ? 123 VAL A CG2 1 
ATOM   936  N N   . TYR A 1 126 ? -7.822  8.497   -9.263  1.00 14.39 ? 124 TYR A N   1 
ATOM   937  C CA  . TYR A 1 126 ? -9.243  8.502   -9.588  1.00 15.48 ? 124 TYR A CA  1 
ATOM   938  C C   . TYR A 1 126 ? -10.004 7.709   -8.515  1.00 15.09 ? 124 TYR A C   1 
ATOM   939  O O   . TYR A 1 126 ? -9.630  6.602   -8.106  1.00 16.04 ? 124 TYR A O   1 
ATOM   940  C CB  . TYR A 1 126 ? -9.495  7.878   -10.978 1.00 15.12 ? 124 TYR A CB  1 
ATOM   941  C CG  . TYR A 1 126 ? -8.910  8.627   -12.131 1.00 16.23 ? 124 TYR A CG  1 
ATOM   942  C CD1 . TYR A 1 126 ? -9.708  9.393   -12.955 1.00 17.23 ? 124 TYR A CD1 1 
ATOM   943  C CD2 . TYR A 1 126 ? -7.549  8.605   -12.398 1.00 18.08 ? 124 TYR A CD2 1 
ATOM   944  C CE1 . TYR A 1 126 ? -9.171  10.058  -14.022 1.00 17.27 ? 124 TYR A CE1 1 
ATOM   945  C CE2 . TYR A 1 126 ? -7.006  9.317   -13.474 1.00 18.33 ? 124 TYR A CE2 1 
ATOM   946  C CZ  . TYR A 1 126 ? -7.826  10.045  -14.252 1.00 18.64 ? 124 TYR A CZ  1 
ATOM   947  O OH  . TYR A 1 126 ? -7.339  10.765  -15.348 1.00 24.08 ? 124 TYR A OH  1 
ATOM   948  N N   . VAL A 1 127 ? -11.134 8.290   -8.135  1.00 16.51 ? 125 VAL A N   1 
ATOM   949  C CA  . VAL A 1 127 ? -11.966 7.744   -7.058  1.00 16.61 ? 125 VAL A CA  1 
ATOM   950  C C   . VAL A 1 127 ? -13.427 7.668   -7.420  1.00 17.80 ? 125 VAL A C   1 
ATOM   951  O O   . VAL A 1 127 ? -13.940 8.510   -8.110  1.00 17.69 ? 125 VAL A O   1 
ATOM   952  C CB  . VAL A 1 127 ? -11.832 8.576   -5.757  1.00 16.41 ? 125 VAL A CB  1 
ATOM   953  C CG1 . VAL A 1 127 ? -10.394 8.449   -5.197  1.00 15.80 ? 125 VAL A CG1 1 
ATOM   954  C CG2 . VAL A 1 127 ? -12.247 10.036  -5.993  1.00 18.26 ? 125 VAL A CG2 1 
ATOM   955  N N   . ASP A 1 128 ? -14.087 6.660   -6.873  1.00 17.75 ? 126 ASP A N   1 
ATOM   956  C CA  . ASP A 1 128 ? -15.552 6.666   -6.773  1.00 19.61 ? 126 ASP A CA  1 
ATOM   957  C C   . ASP A 1 128 ? -15.929 7.017   -5.343  1.00 20.95 ? 126 ASP A C   1 
ATOM   958  O O   . ASP A 1 128 ? -15.061 7.235   -4.496  1.00 20.74 ? 126 ASP A O   1 
ATOM   959  C CB  . ASP A 1 128 ? -16.189 5.365   -7.273  1.00 19.81 ? 126 ASP A CB  1 
ATOM   960  C CG  . ASP A 1 128 ? -15.757 4.139   -6.508  1.00 21.01 ? 126 ASP A CG  1 
ATOM   961  O OD1 . ASP A 1 128 ? -15.484 4.258   -5.298  1.00 23.14 ? 126 ASP A OD1 1 
ATOM   962  O OD2 . ASP A 1 128 ? -15.707 3.014   -7.069  1.00 21.34 ? 126 ASP A OD2 1 
ATOM   963  N N   . ASP A 1 129 ? -17.231 7.123   -5.099  1.00 22.46 ? 127 ASP A N   1 
ATOM   964  C CA  . ASP A 1 129 ? -17.702 7.553   -3.782  1.00 23.04 ? 127 ASP A CA  1 
ATOM   965  C C   . ASP A 1 129 ? -17.282 6.543   -2.713  1.00 21.52 ? 127 ASP A C   1 
ATOM   966  O O   . ASP A 1 129 ? -16.899 6.918   -1.611  1.00 21.55 ? 127 ASP A O   1 
ATOM   967  C CB  . ASP A 1 129 ? -19.217 7.834   -3.771  1.00 24.83 ? 127 ASP A CB  1 
ATOM   968  C CG  . ASP A 1 129 ? -19.589 9.180   -4.447  1.00 28.99 ? 127 ASP A CG  1 
ATOM   969  O OD1 . ASP A 1 129 ? -20.804 9.430   -4.625  1.00 36.35 ? 127 ASP A OD1 1 
ATOM   970  O OD2 . ASP A 1 129 ? -18.711 10.013  -4.808  1.00 34.39 ? 127 ASP A OD2 1 
ATOM   971  N N   . GLN A 1 130 ? -17.263 5.270   -3.059  1.00 20.19 ? 128 GLN A N   1 
ATOM   972  C CA  . GLN A 1 130 ? -16.844 4.222   -2.074  1.00 20.23 ? 128 GLN A CA  1 
ATOM   973  C C   . GLN A 1 130 ? -15.384 4.395   -1.724  1.00 19.47 ? 128 GLN A C   1 
ATOM   974  O O   . GLN A 1 130 ? -14.960 4.184   -0.582  1.00 19.10 ? 128 GLN A O   1 
ATOM   975  C CB  . GLN A 1 130 ? -17.040 2.797   -2.578  1.00 20.66 ? 128 GLN A CB  1 
ATOM   976  C CG  . GLN A 1 130 ? -16.727 1.751   -1.526  1.00 21.78 ? 128 GLN A CG  1 
ATOM   977  C CD  . GLN A 1 130 ? -17.804 1.654   -0.469  1.00 22.63 ? 128 GLN A CD  1 
ATOM   978  O OE1 . GLN A 1 130 ? -18.982 1.507   -0.791  1.00 23.78 ? 128 GLN A OE1 1 
ATOM   979  N NE2 . GLN A 1 130 ? -17.409 1.715   0.802   1.00 22.37 ? 128 GLN A NE2 1 
ATOM   980  N N   . ASP A 1 131 ? -14.587 4.790   -2.707  1.00 17.56 ? 129 ASP A N   1 
ATOM   981  C CA  . ASP A 1 131 ? -13.161 4.980   -2.445  1.00 17.24 ? 129 ASP A CA  1 
ATOM   982  C C   . ASP A 1 131 ? -12.997 6.134   -1.455  1.00 17.18 ? 129 ASP A C   1 
ATOM   983  O O   . ASP A 1 131 ? -12.165 6.065   -0.543  1.00 16.19 ? 129 ASP A O   1 
ATOM   984  C CB  . ASP A 1 131 ? -12.378 5.327   -3.717  1.00 16.17 ? 129 ASP A CB  1 
ATOM   985  C CG  . ASP A 1 131 ? -12.275 4.186   -4.685  1.00 17.21 ? 129 ASP A CG  1 
ATOM   986  O OD1 . ASP A 1 131 ? -12.156 3.049   -4.260  1.00 17.30 ? 129 ASP A OD1 1 
ATOM   987  O OD2 . ASP A 1 131 ? -12.287 4.457   -5.909  1.00 19.12 ? 129 ASP A OD2 1 
ATOM   988  N N   . LEU A 1 132 ? -13.755 7.210   -1.678  1.00 17.38 ? 130 LEU A N   1 
ATOM   989  C CA  . LEU A 1 132 ? -13.685 8.395   -0.783  1.00 18.12 ? 130 LEU A CA  1 
ATOM   990  C C   . LEU A 1 132 ? -14.185 8.033   0.597   1.00 18.40 ? 130 LEU A C   1 
ATOM   991  O O   . LEU A 1 132 ? -13.606 8.416   1.591   1.00 18.87 ? 130 LEU A O   1 
ATOM   992  C CB  . LEU A 1 132 ? -14.461 9.579   -1.349  1.00 19.24 ? 130 LEU A CB  1 
ATOM   993  C CG  . LEU A 1 132 ? -13.788 10.280  -2.526  1.00 19.45 ? 130 LEU A CG  1 
ATOM   994  C CD1 . LEU A 1 132 ? -14.709 11.339  -3.155  1.00 22.51 ? 130 LEU A CD1 1 
ATOM   995  C CD2 . LEU A 1 132 ? -12.498 10.916  -2.068  1.00 23.02 ? 130 LEU A CD2 1 
ATOM   996  N N   . THR A 1 133 ? -15.284 7.301   0.640   1.00 18.35 ? 131 THR A N   1 
ATOM   997  C CA  . THR A 1 133 ? -15.817 6.830   1.934   1.00 19.02 ? 131 THR A CA  1 
ATOM   998  C C   . THR A 1 133 ? -14.748 6.076   2.706   1.00 18.23 ? 131 THR A C   1 
ATOM   999  O O   . THR A 1 133 ? -14.541 6.291   3.924   1.00 18.32 ? 131 THR A O   1 
ATOM   1000 C CB  . THR A 1 133 ? -17.038 5.943   1.716   1.00 19.54 ? 131 THR A CB  1 
ATOM   1001 O OG1 . THR A 1 133 ? -18.056 6.751   1.141   1.00 21.37 ? 131 THR A OG1 1 
ATOM   1002 C CG2 . THR A 1 133 ? -17.563 5.356   3.019   1.00 20.64 ? 131 THR A CG2 1 
ATOM   1003 N N   . ASP A 1 134 ? -14.056 5.187   2.012   1.00 18.02 ? 132 ASP A N   1 
ATOM   1004 C CA  . ASP A 1 134 ? -13.105 4.300   2.667   1.00 16.89 ? 132 ASP A CA  1 
ATOM   1005 C C   . ASP A 1 134 ? -11.857 5.048   3.104   1.00 16.26 ? 132 ASP A C   1 
ATOM   1006 O O   . ASP A 1 134 ? -11.304 4.795   4.193   1.00 16.64 ? 132 ASP A O   1 
ATOM   1007 C CB  . ASP A 1 134 ? -12.734 3.140   1.784   1.00 16.55 ? 132 ASP A CB  1 
ATOM   1008 C CG  . ASP A 1 134 ? -13.899 2.203   1.543   1.00 18.80 ? 132 ASP A CG  1 
ATOM   1009 O OD1 . ASP A 1 134 ? -14.931 2.264   2.263   1.00 18.50 ? 132 ASP A OD1 1 
ATOM   1010 O OD2 . ASP A 1 134 ? -13.774 1.385   0.611   1.00 19.66 ? 132 ASP A OD2 1 
ATOM   1011 N N   . LEU A 1 135 ? -11.457 6.019   2.291   1.00 16.49 ? 133 LEU A N   1 
ATOM   1012 C CA  . LEU A 1 135 ? -10.283 6.842   2.630   1.00 16.40 ? 133 LEU A CA  1 
ATOM   1013 C C   . LEU A 1 135 ? -10.625 7.673   3.857   1.00 17.35 ? 133 LEU A C   1 
ATOM   1014 O O   . LEU A 1 135 ? -9.820  7.838   4.780   1.00 16.68 ? 133 LEU A O   1 
ATOM   1015 C CB  . LEU A 1 135 ? -9.839  7.748   1.457   1.00 15.81 ? 133 LEU A CB  1 
ATOM   1016 C CG  . LEU A 1 135 ? -9.148  6.948   0.324   1.00 16.66 ? 133 LEU A CG  1 
ATOM   1017 C CD1 . LEU A 1 135 ? -9.076  7.798   -0.969  1.00 18.03 ? 133 LEU A CD1 1 
ATOM   1018 C CD2 . LEU A 1 135 ? -7.798  6.478   0.762   1.00 16.92 ? 133 LEU A CD2 1 
ATOM   1019 N N   . ARG A 1 136 ? -11.841 8.179   3.871   1.00 17.43 ? 134 ARG A N   1 
ATOM   1020 C CA  . ARG A 1 136 ? -12.294 9.036   4.992   1.00 18.73 ? 134 ARG A CA  1 
ATOM   1021 C C   . ARG A 1 136 ? -12.462 8.245   6.256   1.00 18.22 ? 134 ARG A C   1 
ATOM   1022 O O   . ARG A 1 136 ? -12.189 8.742   7.352   1.00 17.62 ? 134 ARG A O   1 
ATOM   1023 C CB  . ARG A 1 136 ? -13.577 9.762   4.637   1.00 19.62 ? 134 ARG A CB  1 
ATOM   1024 C CG  . ARG A 1 136 ? -13.320 10.890  3.658   1.00 22.05 ? 134 ARG A CG  1 
ATOM   1025 C CD  . ARG A 1 136 ? -14.581 11.417  2.994   1.00 26.50 ? 134 ARG A CD  1 
ATOM   1026 N NE  . ARG A 1 136 ? -14.249 12.495  2.074   1.00 27.99 ? 134 ARG A NE  1 
ATOM   1027 C CZ  . ARG A 1 136 ? -15.008 12.874  1.056   1.00 30.87 ? 134 ARG A CZ  1 
ATOM   1028 N NH1 . ARG A 1 136 ? -16.168 12.274  0.831   1.00 32.21 ? 134 ARG A NH1 1 
ATOM   1029 N NH2 . ARG A 1 136 ? -14.611 13.858  0.275   1.00 32.01 ? 134 ARG A NH2 1 
ATOM   1030 N N   . PHE A 1 137 ? -12.857 6.988   6.110   1.00 17.25 ? 135 PHE A N   1 
ATOM   1031 C CA  . PHE A 1 137 ? -12.985 6.044   7.264   1.00 17.64 ? 135 PHE A CA  1 
ATOM   1032 C C   . PHE A 1 137 ? -11.621 5.852   7.914   1.00 17.70 ? 135 PHE A C   1 
ATOM   1033 O O   . PHE A 1 137 ? -11.446 5.835   9.127   1.00 19.37 ? 135 PHE A O   1 
ATOM   1034 C CB  . PHE A 1 137 ? -13.537 4.680   6.800   1.00 18.16 ? 135 PHE A CB  1 
ATOM   1035 C CG  . PHE A 1 137 ? -13.522 3.625   7.851   1.00 19.66 ? 135 PHE A CG  1 
ATOM   1036 C CD1 . PHE A 1 137 ? -14.620 3.460   8.686   1.00 22.82 ? 135 PHE A CD1 1 
ATOM   1037 C CD2 . PHE A 1 137 ? -12.437 2.796   8.017   1.00 22.33 ? 135 PHE A CD2 1 
ATOM   1038 C CE1 . PHE A 1 137 ? -14.612 2.467   9.660   1.00 23.33 ? 135 PHE A CE1 1 
ATOM   1039 C CE2 . PHE A 1 137 ? -12.425 1.831   8.985   1.00 24.54 ? 135 PHE A CE2 1 
ATOM   1040 C CZ  . PHE A 1 137 ? -13.513 1.671   9.812   1.00 23.58 ? 135 PHE A CZ  1 
ATOM   1041 N N   . ILE A 1 138 ? -10.635 5.701   7.064   1.00 17.25 ? 136 ILE A N   1 
ATOM   1042 C CA  . ILE A 1 138 ? -9.258  5.420   7.493   1.00 18.02 ? 136 ILE A CA  1 
ATOM   1043 C C   . ILE A 1 138 ? -8.764  6.628   8.279   1.00 17.87 ? 136 ILE A C   1 
ATOM   1044 O O   . ILE A 1 138 ? -8.213  6.508   9.375   1.00 17.14 ? 136 ILE A O   1 
ATOM   1045 C CB  . ILE A 1 138 ? -8.348  5.024   6.284   1.00 17.72 ? 136 ILE A CB  1 
ATOM   1046 C CG1 . ILE A 1 138 ? -8.776  3.665   5.754   1.00 17.27 ? 136 ILE A CG1 1 
ATOM   1047 C CG2 . ILE A 1 138 ? -6.868  4.938   6.675   1.00 22.24 ? 136 ILE A CG2 1 
ATOM   1048 C CD1 . ILE A 1 138 ? -8.242  3.466   4.344   1.00 19.47 ? 136 ILE A CD1 1 
ATOM   1049 N N   . LYS A 1 139 ? -9.032  7.808   7.738   1.00 18.00 ? 137 LYS A N   1 
ATOM   1050 C CA  . LYS A 1 139 ? -8.653  9.097   8.379   1.00 20.19 ? 137 LYS A CA  1 
ATOM   1051 C C   . LYS A 1 139 ? -9.300  9.200   9.746   1.00 20.70 ? 137 LYS A C   1 
ATOM   1052 O O   . LYS A 1 139 ? -8.648  9.605   10.712  1.00 21.38 ? 137 LYS A O   1 
ATOM   1053 C CB  . LYS A 1 139 ? -9.018  10.319  7.501   1.00 20.34 ? 137 LYS A CB  1 
ATOM   1054 C CG  . LYS A 1 139 ? -8.214  10.436  6.238   1.00 22.42 ? 137 LYS A CG  1 
ATOM   1055 C CD  . LYS A 1 139 ? -8.669  11.603  5.404   1.00 26.47 ? 137 LYS A CD  1 
ATOM   1056 C CE  . LYS A 1 139 ? -8.588  12.896  6.222   1.00 28.41 ? 137 LYS A CE  1 
ATOM   1057 N NZ  . LYS A 1 139 ? -8.393  14.112  5.354   1.00 32.97 ? 137 LYS A NZ  1 
ATOM   1058 N N   . GLN A 1 140 ? -10.555 8.791   9.820   1.00 21.93 ? 138 GLN A N   1 
ATOM   1059 C CA  . GLN A 1 140 ? -11.371 8.890   11.060  1.00 23.45 ? 138 GLN A CA  1 
ATOM   1060 C C   . GLN A 1 140 ? -10.814 8.024   12.162  1.00 23.40 ? 138 GLN A C   1 
ATOM   1061 O O   . GLN A 1 140 ? -11.112 8.243   13.337  1.00 23.48 ? 138 GLN A O   1 
ATOM   1062 C CB  . GLN A 1 140 ? -12.828 8.480   10.821  1.00 24.57 ? 138 GLN A CB  1 
ATOM   1063 C CG  . GLN A 1 140 ? -13.815 9.607   10.643  1.00 29.89 ? 138 GLN A CG  1 
ATOM   1064 C CD  . GLN A 1 140 ? -15.239 9.157   11.023  1.00 33.04 ? 138 GLN A CD  1 
ATOM   1065 O OE1 . GLN A 1 140 ? -16.003 9.915   11.636  1.00 39.68 ? 138 GLN A OE1 1 
ATOM   1066 N NE2 . GLN A 1 140 ? -15.577 7.897   10.701  1.00 34.96 ? 138 GLN A NE2 1 
ATOM   1067 N N   . ARG A 1 141 ? -10.016 7.042   11.792  1.00 22.42 ? 139 ARG A N   1 
ATOM   1068 C CA  . ARG A 1 141 ? -9.380  6.119   12.753  1.00 23.28 ? 139 ARG A CA  1 
ATOM   1069 C C   . ARG A 1 141 ? -8.023  6.631   13.163  1.00 22.62 ? 139 ARG A C   1 
ATOM   1070 O O   . ARG A 1 141 ? -7.241  5.940   13.809  1.00 24.88 ? 139 ARG A O   1 
ATOM   1071 C CB  . ARG A 1 141 ? -9.260  4.687   12.220  1.00 23.85 ? 139 ARG A CB  1 
ATOM   1072 C CG  . ARG A 1 141 ? -10.599 4.029   11.959  1.00 26.53 ? 139 ARG A CG  1 
ATOM   1073 C CD  . ARG A 1 141 ? -11.395 3.830   13.245  1.00 30.30 ? 139 ARG A CD  1 
ATOM   1074 N NE  . ARG A 1 141 ? -12.526 2.923   13.046  1.00 34.26 ? 139 ARG A NE  1 
ATOM   1075 C CZ  . ARG A 1 141 ? -12.494 1.600   13.221  1.00 35.92 ? 139 ARG A CZ  1 
ATOM   1076 N NH1 . ARG A 1 141 ? -11.386 0.967   13.621  1.00 35.86 ? 139 ARG A NH1 1 
ATOM   1077 N NH2 . ARG A 1 141 ? -13.606 0.906   13.002  1.00 36.81 ? 139 ARG A NH2 1 
ATOM   1078 N N   . GLY A 1 142 ? -7.763  7.862   12.769  1.00 22.23 ? 140 GLY A N   1 
ATOM   1079 C CA  . GLY A 1 142 ? -6.566  8.575   13.193  1.00 21.96 ? 140 GLY A CA  1 
ATOM   1080 C C   . GLY A 1 142 ? -5.344  8.396   12.321  1.00 22.20 ? 140 GLY A C   1 
ATOM   1081 O O   . GLY A 1 142 ? -4.242  8.774   12.678  1.00 22.42 ? 140 GLY A O   1 
ATOM   1082 N N   . VAL A 1 143 ? -5.561  7.796   11.167  1.00 20.99 ? 141 VAL A N   1 
ATOM   1083 C CA  . VAL A 1 143 ? -4.469  7.570   10.209  1.00 21.28 ? 141 VAL A CA  1 
ATOM   1084 C C   . VAL A 1 143 ? -4.242  8.823   9.370   1.00 19.65 ? 141 VAL A C   1 
ATOM   1085 O O   . VAL A 1 143 ? -5.168  9.516   8.966   1.00 20.96 ? 141 VAL A O   1 
ATOM   1086 C CB  . VAL A 1 143 ? -4.809  6.387   9.285   1.00 20.68 ? 141 VAL A CB  1 
ATOM   1087 C CG1 . VAL A 1 143 ? -3.607  5.957   8.399   1.00 22.13 ? 141 VAL A CG1 1 
ATOM   1088 C CG2 . VAL A 1 143 ? -5.295  5.196   10.085  1.00 22.91 ? 141 VAL A CG2 1 
ATOM   1089 N N   . ASN A 1 144 ? -2.962  9.124   9.162   1.00 20.19 ? 142 ASN A N   1 
ATOM   1090 C CA  . ASN A 1 144 ? -2.553  10.221  8.283   1.00 19.61 ? 142 ASN A CA  1 
ATOM   1091 C C   . ASN A 1 144 ? -2.601  9.701   6.857   1.00 19.32 ? 142 ASN A C   1 
ATOM   1092 O O   . ASN A 1 144 ? -1.826  8.861   6.517   1.00 18.89 ? 142 ASN A O   1 
ATOM   1093 C CB  . ASN A 1 144 ? -1.111  10.662  8.584   1.00 20.18 ? 142 ASN A CB  1 
ATOM   1094 C CG  . ASN A 1 144 ? -0.650  11.790  7.707   1.00 23.76 ? 142 ASN A CG  1 
ATOM   1095 O OD1 . ASN A 1 144 ? -1.424  12.693  7.355   1.00 28.65 ? 142 ASN A OD1 1 
ATOM   1096 N ND2 . ASN A 1 144 ? 0.629   11.767  7.348   1.00 28.29 ? 142 ASN A ND2 1 
ATOM   1097 N N   . VAL A 1 145 ? -3.529  10.218  6.074   1.00 18.39 ? 143 VAL A N   1 
ATOM   1098 C CA  . VAL A 1 145 ? -3.732  9.757   4.687   1.00 17.92 ? 143 VAL A CA  1 
ATOM   1099 C C   . VAL A 1 145 ? -3.345  10.890  3.772   1.00 17.99 ? 143 VAL A C   1 
ATOM   1100 O O   . VAL A 1 145 ? -3.815  12.013  3.899   1.00 18.47 ? 143 VAL A O   1 
ATOM   1101 C CB  . VAL A 1 145 ? -5.193  9.318   4.424   1.00 18.21 ? 143 VAL A CB  1 
ATOM   1102 C CG1 . VAL A 1 145 ? -5.372  8.915   2.954   1.00 18.76 ? 143 VAL A CG1 1 
ATOM   1103 C CG2 . VAL A 1 145 ? -5.587  8.195   5.345   1.00 18.18 ? 143 VAL A CG2 1 
ATOM   1104 N N   . PHE A 1 146 ? -2.445  10.619  2.840   1.00 16.76 ? 144 PHE A N   1 
ATOM   1105 C CA  . PHE A 1 146 ? -1.997  11.659  1.924   1.00 16.98 ? 144 PHE A CA  1 
ATOM   1106 C C   . PHE A 1 146 ? -1.689  11.095  0.535   1.00 15.77 ? 144 PHE A C   1 
ATOM   1107 O O   . PHE A 1 146 ? -1.252  9.936   0.408   1.00 16.16 ? 144 PHE A O   1 
ATOM   1108 C CB  . PHE A 1 146 ? -0.754  12.369  2.492   1.00 17.37 ? 144 PHE A CB  1 
ATOM   1109 C CG  . PHE A 1 146 ? 0.426   11.483  2.670   1.00 15.83 ? 144 PHE A CG  1 
ATOM   1110 C CD1 . PHE A 1 146 ? 1.428   11.384  1.712   1.00 18.53 ? 144 PHE A CD1 1 
ATOM   1111 C CD2 . PHE A 1 146 ? 0.565   10.726  3.813   1.00 20.50 ? 144 PHE A CD2 1 
ATOM   1112 C CE1 . PHE A 1 146 ? 2.508   10.550  1.902   1.00 18.68 ? 144 PHE A CE1 1 
ATOM   1113 C CE2 . PHE A 1 146 ? 1.653   9.882   3.993   1.00 20.31 ? 144 PHE A CE2 1 
ATOM   1114 C CZ  . PHE A 1 146 ? 2.614   9.797   3.056   1.00 19.73 ? 144 PHE A CZ  1 
ATOM   1115 N N   . ILE A 1 147 ? -1.924  11.929  -0.467  1.00 15.34 ? 145 ILE A N   1 
ATOM   1116 C CA  . ILE A 1 147 ? -1.585  11.612  -1.849  1.00 15.59 ? 145 ILE A CA  1 
ATOM   1117 C C   . ILE A 1 147 ? -0.176  12.101  -2.154  1.00 15.43 ? 145 ILE A C   1 
ATOM   1118 O O   . ILE A 1 147 ? 0.173   13.262  -1.918  1.00 17.58 ? 145 ILE A O   1 
ATOM   1119 C CB  . ILE A 1 147 ? -2.549  12.274  -2.839  1.00 15.60 ? 145 ILE A CB  1 
ATOM   1120 C CG1 . ILE A 1 147 ? -4.003  11.785  -2.618  1.00 16.65 ? 145 ILE A CG1 1 
ATOM   1121 C CG2 . ILE A 1 147 ? -2.042  12.010  -4.269  1.00 17.20 ? 145 ILE A CG2 1 
ATOM   1122 C CD1 . ILE A 1 147 ? -5.117  12.612  -3.332  1.00 18.01 ? 145 ILE A CD1 1 
ATOM   1123 N N   . GLN A 1 148 ? 0.629   11.193  -2.692  1.00 15.18 ? 146 GLN A N   1 
ATOM   1124 C CA  . GLN A 1 148 ? 2.006   11.532  -3.093  1.00 15.77 ? 146 GLN A CA  1 
ATOM   1125 C C   . GLN A 1 148 ? 2.541   10.433  -4.017  1.00 15.65 ? 146 GLN A C   1 
ATOM   1126 O O   . GLN A 1 148 ? 2.579   9.280   -3.670  1.00 16.22 ? 146 GLN A O   1 
ATOM   1127 C CB  . GLN A 1 148 ? 2.881   11.662  -1.847  1.00 16.38 ? 146 GLN A CB  1 
ATOM   1128 C CG  . GLN A 1 148 ? 4.231   12.361  -2.077  1.00 16.86 ? 146 GLN A CG  1 
ATOM   1129 C CD  . GLN A 1 148 ? 5.142   12.308  -0.847  1.00 17.67 ? 146 GLN A CD  1 
ATOM   1130 O OE1 . GLN A 1 148 ? 5.017   11.428  0.004   1.00 20.51 ? 146 GLN A OE1 1 
ATOM   1131 N NE2 . GLN A 1 148 ? 6.087   13.227  -0.776  1.00 20.70 ? 146 GLN A NE2 1 
ATOM   1132 N N   . ASP A 1 149 ? 2.932   10.807  -5.217  1.00 15.78 ? 147 ASP A N   1 
ATOM   1133 C CA  . ASP A 1 149 ? 3.378   9.828   -6.197  1.00 16.23 ? 147 ASP A CA  1 
ATOM   1134 C C   . ASP A 1 149 ? 4.686   9.175   -5.758  1.00 14.89 ? 147 ASP A C   1 
ATOM   1135 O O   . ASP A 1 149 ? 4.784   7.933   -5.614  1.00 16.25 ? 147 ASP A O   1 
ATOM   1136 C CB  . ASP A 1 149 ? 3.534   10.503  -7.542  1.00 17.32 ? 147 ASP A CB  1 
ATOM   1137 C CG  . ASP A 1 149 ? 3.814   9.544   -8.661  1.00 20.94 ? 147 ASP A CG  1 
ATOM   1138 O OD1 . ASP A 1 149 ? 3.512   8.348   -8.516  1.00 23.72 ? 147 ASP A OD1 1 
ATOM   1139 O OD2 . ASP A 1 149 ? 4.325   10.039  -9.706  1.00 28.74 ? 147 ASP A OD2 1 
ATOM   1140 N N   . VAL A 1 150 ? 5.694   10.022  -5.581  1.00 15.63 ? 148 VAL A N   1 
ATOM   1141 C CA  . VAL A 1 150 ? 7.014   9.560   -5.150  1.00 15.01 ? 148 VAL A CA  1 
ATOM   1142 C C   . VAL A 1 150 ? 7.561   10.517  -4.109  1.00 16.09 ? 148 VAL A C   1 
ATOM   1143 O O   . VAL A 1 150 ? 7.044   11.610  -3.984  1.00 17.02 ? 148 VAL A O   1 
ATOM   1144 C CB  . VAL A 1 150 ? 8.008   9.485   -6.320  1.00 15.42 ? 148 VAL A CB  1 
ATOM   1145 C CG1 . VAL A 1 150 ? 7.596   8.385   -7.279  1.00 18.06 ? 148 VAL A CG1 1 
ATOM   1146 C CG2 . VAL A 1 150 ? 8.046   10.795  -7.036  1.00 17.30 ? 148 VAL A CG2 1 
ATOM   1147 N N   . PRO A 1 151 ? 8.567   10.071  -3.347  1.00 17.82 ? 149 PRO A N   1 
ATOM   1148 C CA  . PRO A 1 151 ? 9.105   10.957  -2.321  1.00 18.40 ? 149 PRO A CA  1 
ATOM   1149 C C   . PRO A 1 151 ? 9.606   12.276  -2.880  1.00 18.87 ? 149 PRO A C   1 
ATOM   1150 O O   . PRO A 1 151 ? 10.112  12.352  -3.986  1.00 19.26 ? 149 PRO A O   1 
ATOM   1151 C CB  . PRO A 1 151 ? 10.228  10.117  -1.721  1.00 18.94 ? 149 PRO A CB  1 
ATOM   1152 C CG  . PRO A 1 151 ? 9.747   8.715   -1.901  1.00 20.03 ? 149 PRO A CG  1 
ATOM   1153 C CD  . PRO A 1 151 ? 9.190   8.752   -3.279  1.00 18.05 ? 149 PRO A CD  1 
ATOM   1154 N N   . GLY A 1 152 ? 9.410   13.303  -2.089  1.00 18.77 ? 150 GLY A N   1 
ATOM   1155 C CA  . GLY A 1 152 ? 9.737   14.676  -2.501  1.00 19.91 ? 150 GLY A CA  1 
ATOM   1156 C C   . GLY A 1 152 ? 8.670   15.463  -3.239  1.00 21.47 ? 150 GLY A C   1 
ATOM   1157 O O   . GLY A 1 152 ? 8.751   16.692  -3.368  1.00 22.28 ? 150 GLY A O   1 
ATOM   1158 N N   . ASP A 1 153 ? 7.674   14.765  -3.761  1.00 21.61 ? 151 ASP A N   1 
ATOM   1159 C CA  . ASP A 1 153 ? 6.508   15.451  -4.345  1.00 23.09 ? 151 ASP A CA  1 
ATOM   1160 C C   . ASP A 1 153 ? 5.740   16.145  -3.243  1.00 23.89 ? 151 ASP A C   1 
ATOM   1161 O O   . ASP A 1 153 ? 5.754   15.739  -2.080  1.00 23.60 ? 151 ASP A O   1 
ATOM   1162 C CB  . ASP A 1 153 ? 5.549   14.464  -5.000  1.00 22.55 ? 151 ASP A CB  1 
ATOM   1163 C CG  . ASP A 1 153 ? 6.003   13.999  -6.345  1.00 24.19 ? 151 ASP A CG  1 
ATOM   1164 O OD1 . ASP A 1 153 ? 7.086   14.411  -6.786  1.00 23.88 ? 151 ASP A OD1 1 
ATOM   1165 O OD2 . ASP A 1 153 ? 5.235   13.217  -6.967  1.00 25.83 ? 151 ASP A OD2 1 
ATOM   1166 N N   . GLN A 1 154 ? 5.039   17.193  -3.635  1.00 25.63 ? 152 GLN A N   1 
ATOM   1167 C CA  . GLN A 1 154 ? 4.135   17.907  -2.722  1.00 27.21 ? 152 GLN A CA  1 
ATOM   1168 C C   . GLN A 1 154 ? 3.079   16.911  -2.290  1.00 27.20 ? 152 GLN A C   1 
ATOM   1169 O O   . GLN A 1 154 ? 2.474   16.252  -3.114  1.00 28.05 ? 152 GLN A O   1 
ATOM   1170 C CB  . GLN A 1 154 ? 3.472   19.088  -3.436  1.00 28.40 ? 152 GLN A CB  1 
ATOM   1171 C CG  . GLN A 1 154 ? 2.516   19.925  -2.634  1.00 31.90 ? 152 GLN A CG  1 
ATOM   1172 C CD  . GLN A 1 154 ? 1.873   20.983  -3.521  1.00 35.22 ? 152 GLN A CD  1 
ATOM   1173 O OE1 . GLN A 1 154 ? 0.678   20.912  -3.829  1.00 38.70 ? 152 GLN A OE1 1 
ATOM   1174 N NE2 . GLN A 1 154 ? 2.679   21.940  -3.986  1.00 37.83 ? 152 GLN A NE2 1 
ATOM   1175 N N   . LYS A 1 155 ? 2.865   16.803  -0.990  1.00 26.66 ? 153 LYS A N   1 
ATOM   1176 C CA  . LYS A 1 155 ? 1.784   15.959  -0.468  1.00 27.03 ? 153 LYS A CA  1 
ATOM   1177 C C   . LYS A 1 155 ? 0.456   16.660  -0.630  1.00 27.41 ? 153 LYS A C   1 
ATOM   1178 O O   . LYS A 1 155 ? 0.343   17.870  -0.430  1.00 28.26 ? 153 LYS A O   1 
ATOM   1179 C CB  . LYS A 1 155 ? 1.988   15.624  1.004   1.00 27.14 ? 153 LYS A CB  1 
ATOM   1180 C CG  . LYS A 1 155 ? 3.303   14.932  1.287   1.00 28.66 ? 153 LYS A CG  1 
ATOM   1181 C CD  . LYS A 1 155 ? 3.312   14.357  2.694   1.00 30.99 ? 153 LYS A CD  1 
ATOM   1182 C CE  . LYS A 1 155 ? 4.541   13.506  2.967   1.00 32.53 ? 153 LYS A CE  1 
ATOM   1183 N NZ  . LYS A 1 155 ? 4.486   12.869  4.325   1.00 36.12 ? 153 LYS A NZ  1 
ATOM   1184 N N   . GLU A 1 156 ? -0.555  15.885  -0.985  1.00 26.80 ? 154 GLU A N   1 
ATOM   1185 C CA  . GLU A 1 156 ? -1.902  16.408  -1.196  1.00 27.29 ? 154 GLU A CA  1 
ATOM   1186 C C   . GLU A 1 156 ? -2.875  15.727  -0.252  1.00 27.75 ? 154 GLU A C   1 
ATOM   1187 O O   . GLU A 1 156 ? -2.740  14.565  0.093   1.00 25.89 ? 154 GLU A O   1 
ATOM   1188 C CB  . GLU A 1 156 ? -2.357  16.219  -2.654  1.00 27.64 ? 154 GLU A CB  1 
ATOM   1189 C CG  . GLU A 1 156 ? -1.371  16.762  -3.695  1.00 28.27 ? 154 GLU A CG  1 
ATOM   1190 C CD  . GLU A 1 156 ? -1.744  16.384  -5.123  1.00 30.27 ? 154 GLU A CD  1 
ATOM   1191 O OE1 . GLU A 1 156 ? -2.945  16.197  -5.398  1.00 32.66 ? 154 GLU A OE1 1 
ATOM   1192 O OE2 . GLU A 1 156 ? -0.839  16.281  -5.982  1.00 30.75 ? 154 GLU A OE2 1 
ATOM   1193 N N   . GLN A 1 157 ? -3.857  16.494  0.177   1.00 28.74 ? 155 GLN A N   1 
ATOM   1194 C CA  . GLN A 1 157 ? -4.860  15.969  1.093   1.00 29.98 ? 155 GLN A CA  1 
ATOM   1195 C C   . GLN A 1 157 ? -6.043  15.422  0.336   1.00 29.87 ? 155 GLN A C   1 
ATOM   1196 O O   . GLN A 1 157 ? -6.326  15.809  -0.796  1.00 29.72 ? 155 GLN A O   1 
ATOM   1197 C CB  . GLN A 1 157 ? -5.335  17.047  2.055   1.00 30.52 ? 155 GLN A CB  1 
ATOM   1198 C CG  . GLN A 1 157 ? -4.195  17.644  2.808   1.00 32.04 ? 155 GLN A CG  1 
ATOM   1199 C CD  . GLN A 1 157 ? -3.579  16.637  3.735   1.00 34.44 ? 155 GLN A CD  1 
ATOM   1200 O OE1 . GLN A 1 157 ? -4.289  15.906  4.433   1.00 38.15 ? 155 GLN A OE1 1 
ATOM   1201 N NE2 . GLN A 1 157 ? -2.252  16.582  3.758   1.00 35.58 ? 155 GLN A NE2 1 
ATOM   1202 N N   . ILE A 1 158 ? -6.734  14.505  0.991   1.00 30.54 ? 156 ILE A N   1 
ATOM   1203 C CA  . ILE A 1 158 ? -7.985  13.978  0.448   1.00 31.35 ? 156 ILE A CA  1 
ATOM   1204 C C   . ILE A 1 158 ? -9.033  15.084  0.598   1.00 32.49 ? 156 ILE A C   1 
ATOM   1205 O O   . ILE A 1 158 ? -9.065  15.738  1.631   1.00 32.40 ? 156 ILE A O   1 
ATOM   1206 C CB  . ILE A 1 158 ? -8.471  12.727  1.186   1.00 31.42 ? 156 ILE A CB  1 
ATOM   1207 C CG1 . ILE A 1 158 ? -7.382  11.663  1.210   1.00 30.79 ? 156 ILE A CG1 1 
ATOM   1208 C CG2 . ILE A 1 158 ? -9.649  12.157  0.488   1.00 32.09 ? 156 ILE A CG2 1 
ATOM   1209 C CD1 . ILE A 1 158 ? -7.040  11.165  -0.166  1.00 29.55 ? 156 ILE A CD1 1 
ATOM   1210 N N   . PRO A 1 159 ? -9.882  15.300  -0.425  1.00 33.13 ? 157 PRO A N   1 
ATOM   1211 C CA  . PRO A 1 159 ? -10.826 16.439  -0.384  1.00 33.51 ? 157 PRO A CA  1 
ATOM   1212 C C   . PRO A 1 159 ? -11.809 16.339  0.772   1.00 33.70 ? 157 PRO A C   1 
ATOM   1213 O O   . PRO A 1 159 ? -11.988 15.251  1.321   1.00 34.06 ? 157 PRO A O   1 
ATOM   1214 C CB  . PRO A 1 159 ? -11.580 16.339  -1.712  1.00 33.68 ? 157 PRO A CB  1 
ATOM   1215 C CG  . PRO A 1 159 ? -10.748 15.418  -2.579  1.00 33.73 ? 157 PRO A CG  1 
ATOM   1216 C CD  . PRO A 1 159 ? -9.983  14.526  -1.675  1.00 33.17 ? 157 PRO A CD  1 
HETATM 1217 O O   . HOH B 2 .   ? 5.488   -1.481  -12.959 1.00 14.20 ? 167 HOH A O   1 
HETATM 1218 O O   . HOH B 2 .   ? -1.337  11.796  -7.872  1.00 19.27 ? 168 HOH A O   1 
HETATM 1219 O O   . HOH B 2 .   ? 7.685   -4.771  -9.787  1.00 14.80 ? 169 HOH A O   1 
HETATM 1220 O O   . HOH B 2 .   ? -5.972  5.840   -15.259 1.00 17.62 ? 170 HOH A O   1 
HETATM 1221 O O   . HOH B 2 .   ? -6.124  -15.401 -7.278  1.00 21.02 ? 171 HOH A O   1 
HETATM 1222 O O   . HOH B 2 .   ? -4.743  -5.255  -2.185  1.00 16.32 ? 172 HOH A O   1 
HETATM 1223 O O   . HOH B 2 .   ? -10.425 0.912   -16.437 1.00 19.57 ? 173 HOH A O   1 
HETATM 1224 O O   . HOH B 2 .   ? -15.033 -0.879  1.382   1.00 27.23 ? 174 HOH A O   1 
HETATM 1225 O O   . HOH B 2 .   ? -1.613  -15.506 2.370   1.00 20.52 ? 175 HOH A O   1 
HETATM 1226 O O   . HOH B 2 .   ? -12.952 0.338   -7.758  1.00 24.81 ? 176 HOH A O   1 
HETATM 1227 O O   . HOH B 2 .   ? 2.599   13.488  -6.371  1.00 19.37 ? 177 HOH A O   1 
HETATM 1228 O O   . HOH B 2 .   ? -9.155  3.992   -8.889  1.00 13.89 ? 178 HOH A O   1 
HETATM 1229 O O   . HOH B 2 .   ? -13.154 -2.344  2.691   1.00 27.20 ? 179 HOH A O   1 
HETATM 1230 O O   . HOH B 2 .   ? 4.389   1.267   -5.299  1.00 18.52 ? 180 HOH A O   1 
HETATM 1231 O O   . HOH B 2 .   ? 4.462   -10.036 -10.174 1.00 23.77 ? 181 HOH A O   1 
HETATM 1232 O O   . HOH B 2 .   ? -14.376 1.390   -5.378  1.00 23.20 ? 182 HOH A O   1 
HETATM 1233 O O   . HOH B 2 .   ? -0.163  -10.514 -2.360  1.00 19.86 ? 183 HOH A O   1 
HETATM 1234 O O   . HOH B 2 .   ? 12.720  -1.866  -12.110 1.00 23.40 ? 184 HOH A O   1 
HETATM 1235 O O   . HOH B 2 .   ? -0.258  9.766   -6.257  1.00 20.95 ? 185 HOH A O   1 
HETATM 1236 O O   . HOH B 2 .   ? -10.530 1.845   -11.026 1.00 18.84 ? 186 HOH A O   1 
HETATM 1237 O O   . HOH B 2 .   ? -3.735  -9.209  -10.237 1.00 21.80 ? 187 HOH A O   1 
HETATM 1238 O O   . HOH B 2 .   ? 1.464   7.496   -7.624  1.00 28.52 ? 188 HOH A O   1 
HETATM 1239 O O   . HOH B 2 .   ? 5.107   -14.849 0.471   1.00 21.42 ? 189 HOH A O   1 
HETATM 1240 O O   . HOH B 2 .   ? -18.694 10.469  11.000  1.00 48.52 ? 190 HOH A O   1 
HETATM 1241 O O   . HOH B 2 .   ? 5.350   12.798  -9.648  1.00 30.55 ? 191 HOH A O   1 
HETATM 1242 O O   . HOH B 2 .   ? 9.797   14.088  -6.057  1.00 25.25 ? 192 HOH A O   1 
HETATM 1243 O O   . HOH B 2 .   ? -10.029 2.226   -19.056 1.00 21.55 ? 193 HOH A O   1 
HETATM 1244 O O   . HOH B 2 .   ? -8.263  1.825   -7.264  1.00 19.09 ? 194 HOH A O   1 
HETATM 1245 O O   . HOH B 2 .   ? -0.127  -19.804 -9.712  1.00 21.87 ? 195 HOH A O   1 
HETATM 1246 O O   . HOH B 2 .   ? -10.740 -9.785  1.601   1.00 41.03 ? 196 HOH A O   1 
HETATM 1247 O O   . HOH B 2 .   ? 1.051   2.466   7.653   1.00 20.93 ? 197 HOH A O   1 
HETATM 1248 O O   . HOH B 2 .   ? -10.353 1.296   -5.670  1.00 19.69 ? 198 HOH A O   1 
HETATM 1249 O O   . HOH B 2 .   ? -4.500  19.204  -1.350  1.00 39.37 ? 199 HOH A O   1 
HETATM 1250 O O   . HOH B 2 .   ? -3.234  6.298   -11.909 1.00 28.88 ? 200 HOH A O   1 
HETATM 1251 O O   . HOH B 2 .   ? -12.386 13.353  -13.713 1.00 29.53 ? 201 HOH A O   1 
HETATM 1252 O O   . HOH B 2 .   ? 12.331  -12.266 -4.304  1.00 20.81 ? 202 HOH A O   1 
HETATM 1253 O O   . HOH B 2 .   ? -6.757  -0.554  13.451  1.00 27.97 ? 203 HOH A O   1 
HETATM 1254 O O   . HOH B 2 .   ? 7.415   -13.395 16.274  1.00 34.21 ? 204 HOH A O   1 
HETATM 1255 O O   . HOH B 2 .   ? 17.233  4.797   -3.886  1.00 32.14 ? 205 HOH A O   1 
HETATM 1256 O O   . HOH B 2 .   ? 15.062  -0.170  -2.866  1.00 22.54 ? 206 HOH A O   1 
HETATM 1257 O O   . HOH B 2 .   ? -2.667  -19.564 -12.355 1.00 23.45 ? 207 HOH A O   1 
HETATM 1258 O O   . HOH B 2 .   ? -1.230  -9.459  13.874  1.00 27.90 ? 208 HOH A O   1 
HETATM 1259 O O   . HOH B 2 .   ? -7.217  -8.018  -1.670  1.00 32.41 ? 209 HOH A O   1 
HETATM 1260 O O   . HOH B 2 .   ? -5.032  12.457  7.117   1.00 31.49 ? 210 HOH A O   1 
HETATM 1261 O O   . HOH B 2 .   ? -8.437  -15.257 0.154   1.00 30.62 ? 211 HOH A O   1 
HETATM 1262 O O   . HOH B 2 .   ? 2.354   3.118   9.971   1.00 25.91 ? 212 HOH A O   1 
HETATM 1263 O O   . HOH B 2 .   ? -16.371 7.398   5.696   1.00 27.64 ? 213 HOH A O   1 
HETATM 1264 O O   . HOH B 2 .   ? -14.482 0.815   -16.819 1.00 24.00 ? 214 HOH A O   1 
HETATM 1265 O O   . HOH B 2 .   ? 15.865  0.034   2.273   1.00 26.75 ? 215 HOH A O   1 
HETATM 1266 O O   . HOH B 2 .   ? 3.709   5.228   8.958   1.00 29.40 ? 216 HOH A O   1 
HETATM 1267 O O   . HOH B 2 .   ? -5.827  13.802  3.749   1.00 27.03 ? 217 HOH A O   1 
HETATM 1268 O O   . HOH B 2 .   ? -15.634 2.204   -11.818 1.00 24.28 ? 218 HOH A O   1 
HETATM 1269 O O   . HOH B 2 .   ? 5.556   -6.857  15.853  1.00 32.83 ? 219 HOH A O   1 
HETATM 1270 O O   . HOH B 2 .   ? -6.915  -8.673  -4.848  1.00 27.95 ? 220 HOH A O   1 
HETATM 1271 O O   . HOH B 2 .   ? -8.273  -12.378 2.993   1.00 25.27 ? 221 HOH A O   1 
HETATM 1272 O O   . HOH B 2 .   ? 14.788  -8.848  15.534  1.00 24.67 ? 222 HOH A O   1 
HETATM 1273 O O   . HOH B 2 .   ? 10.521  -14.091 -8.596  1.00 21.47 ? 223 HOH A O   1 
HETATM 1274 O O   . HOH B 2 .   ? 8.391   13.818  -9.151  1.00 37.44 ? 224 HOH A O   1 
HETATM 1275 O O   . HOH B 2 .   ? 8.698   -5.946  16.478  1.00 30.61 ? 225 HOH A O   1 
HETATM 1276 O O   . HOH B 2 .   ? -8.374  2.948   15.168  1.00 40.13 ? 226 HOH A O   1 
HETATM 1277 O O   . HOH B 2 .   ? -5.811  -16.304 3.817   1.00 29.94 ? 227 HOH A O   1 
HETATM 1278 O O   . HOH B 2 .   ? -8.723  0.225   -9.608  1.00 24.08 ? 228 HOH A O   1 
HETATM 1279 O O   . HOH B 2 .   ? 16.186  -0.668  -0.533  1.00 29.61 ? 229 HOH A O   1 
HETATM 1280 O O   . HOH B 2 .   ? -19.345 -0.493  -2.901  1.00 23.21 ? 230 HOH A O   1 
HETATM 1281 O O   . HOH B 2 .   ? -11.060 -6.845  8.291   1.00 24.11 ? 231 HOH A O   1 
HETATM 1282 O O   . HOH B 2 .   ? 15.765  -1.949  -12.938 1.00 28.58 ? 232 HOH A O   1 
HETATM 1283 O O   . HOH B 2 .   ? 18.827  0.889   -10.712 1.00 27.37 ? 233 HOH A O   1 
HETATM 1284 O O   . HOH B 2 .   ? -7.664  -2.336  -9.017  1.00 25.45 ? 234 HOH A O   1 
HETATM 1285 O O   . HOH B 2 .   ? 16.115  -9.931  -1.574  1.00 34.93 ? 235 HOH A O   1 
HETATM 1286 O O   . HOH B 2 .   ? -13.530 5.330   11.228  1.00 33.21 ? 236 HOH A O   1 
HETATM 1287 O O   . HOH B 2 .   ? 17.616  -5.533  10.314  1.00 47.25 ? 237 HOH A O   1 
HETATM 1288 O O   . HOH B 2 .   ? 12.181  -12.190 0.386   1.00 31.56 ? 238 HOH A O   1 
HETATM 1289 O O   . HOH B 2 .   ? 2.306   1.414   12.552  1.00 43.75 ? 239 HOH A O   1 
HETATM 1290 O O   . HOH B 2 .   ? -7.484  -12.638 10.010  1.00 35.87 ? 240 HOH A O   1 
HETATM 1291 O O   . HOH B 2 .   ? 2.078   12.499  -10.769 1.00 46.47 ? 241 HOH A O   1 
HETATM 1292 O O   . HOH B 2 .   ? -5.441  -7.298  14.955  1.00 41.58 ? 242 HOH A O   1 
HETATM 1293 O O   . HOH B 2 .   ? 2.006   13.890  6.008   1.00 45.76 ? 243 HOH A O   1 
HETATM 1294 O O   . HOH B 2 .   ? 6.606   11.046  2.343   1.00 31.44 ? 244 HOH A O   1 
HETATM 1295 O O   . HOH B 2 .   ? -0.663  -19.158 -3.288  1.00 33.24 ? 245 HOH A O   1 
HETATM 1296 O O   . HOH B 2 .   ? 14.741  -5.936  -11.774 1.00 32.03 ? 246 HOH A O   1 
HETATM 1297 O O   . HOH B 2 .   ? -17.070 7.560   -16.625 1.00 31.41 ? 247 HOH A O   1 
HETATM 1298 O O   . HOH B 2 .   ? 11.396  16.333  -5.825  1.00 25.52 ? 248 HOH A O   1 
HETATM 1299 O O   . HOH B 2 .   ? 1.566   -16.232 -1.222  1.00 32.46 ? 249 HOH A O   1 
HETATM 1300 O O   . HOH B 2 .   ? 13.453  -10.973 -1.972  1.00 25.06 ? 250 HOH A O   1 
HETATM 1301 O O   . HOH B 2 .   ? -3.951  -20.859 -3.743  1.00 40.21 ? 251 HOH A O   1 
HETATM 1302 O O   . HOH B 2 .   ? -4.808  10.525  -16.218 1.00 34.99 ? 252 HOH A O   1 
HETATM 1303 O O   . HOH B 2 .   ? 0.311   15.424  4.503   1.00 38.58 ? 253 HOH A O   1 
HETATM 1304 O O   . HOH B 2 .   ? -3.687  3.738   13.797  1.00 41.45 ? 254 HOH A O   1 
HETATM 1305 O O   . HOH B 2 .   ? -1.919  14.308  5.517   1.00 40.51 ? 255 HOH A O   1 
HETATM 1306 O O   . HOH B 2 .   ? -8.761  -15.207 -7.199  1.00 34.30 ? 256 HOH A O   1 
HETATM 1307 O O   . HOH B 2 .   ? -11.225 -1.784  -7.501  1.00 39.39 ? 257 HOH A O   1 
HETATM 1308 O O   . HOH B 2 .   ? -14.077 -0.931  -9.880  1.00 41.52 ? 258 HOH A O   1 
HETATM 1309 O O   . HOH B 2 .   ? -1.046  15.806  -8.449  1.00 32.07 ? 259 HOH A O   1 
HETATM 1310 O O   . HOH B 2 .   ? -18.306 9.018   -0.612  1.00 28.67 ? 260 HOH A O   1 
HETATM 1311 O O   . HOH B 2 .   ? 2.753   -21.331 -10.547 1.00 45.93 ? 261 HOH A O   1 
HETATM 1312 O O   . HOH B 2 .   ? -5.316  16.358  -4.874  1.00 39.63 ? 262 HOH A O   1 
HETATM 1313 O O   . HOH B 2 .   ? -10.890 -8.968  6.618   1.00 37.79 ? 263 HOH A O   1 
HETATM 1314 O O   . HOH B 2 .   ? 13.720  10.146  -1.762  1.00 28.62 ? 264 HOH A O   1 
HETATM 1315 O O   . HOH B 2 .   ? 9.513   -13.671 8.383   1.00 38.84 ? 265 HOH A O   1 
HETATM 1316 O O   . HOH B 2 .   ? -17.794 4.820   -10.820 1.00 45.03 ? 266 HOH A O   1 
HETATM 1317 O O   . HOH B 2 .   ? -19.138 9.353   8.154   1.00 50.27 ? 267 HOH A O   1 
HETATM 1318 O O   . HOH B 2 .   ? 1.285   -16.570 2.309   1.00 35.33 ? 268 HOH A O   1 
HETATM 1319 O O   . HOH B 2 .   ? 1.814   15.753  -5.358  1.00 29.32 ? 269 HOH A O   1 
HETATM 1320 O O   . HOH B 2 .   ? -19.192 1.484   3.264   1.00 35.49 ? 270 HOH A O   1 
HETATM 1321 O O   . HOH B 2 .   ? -5.065  -10.067 14.635  1.00 43.77 ? 271 HOH A O   1 
HETATM 1322 O O   . HOH B 2 .   ? -4.207  13.272  9.983   1.00 42.10 ? 272 HOH A O   1 
HETATM 1323 O O   . HOH B 2 .   ? -19.184 4.674   -5.125  1.00 32.40 ? 273 HOH A O   1 
HETATM 1324 O O   . HOH B 2 .   ? -19.001 7.261   -7.440  1.00 36.94 ? 274 HOH A O   1 
HETATM 1325 O O   . HOH B 2 .   ? 10.797  5.876   7.572   1.00 30.21 ? 275 HOH A O   1 
HETATM 1326 O O   . HOH B 2 .   ? -20.788 2.896   -3.535  1.00 46.72 ? 276 HOH A O   1 
HETATM 1327 O O   . HOH B 2 .   ? 12.845  -11.545 4.183   1.00 32.24 ? 277 HOH A O   1 
HETATM 1328 O O   . HOH B 2 .   ? 17.416  2.634   -5.816  1.00 36.06 ? 278 HOH A O   1 
HETATM 1329 O O   . HOH B 2 .   ? -2.615  -17.421 -0.072  1.00 47.26 ? 279 HOH A O   1 
HETATM 1330 O O   . HOH B 2 .   ? -16.912 -0.891  3.495   1.00 36.87 ? 280 HOH A O   1 
HETATM 1331 O O   . HOH B 2 .   ? -16.502 -0.432  9.508   1.00 46.46 ? 281 HOH A O   1 
HETATM 1332 O O   . HOH B 2 .   ? -14.494 -3.165  4.831   1.00 31.58 ? 282 HOH A O   1 
HETATM 1333 O O   . HOH B 2 .   ? -6.332  11.310  10.820  1.00 34.82 ? 283 HOH A O   1 
HETATM 1334 O O   . HOH B 2 .   ? -3.765  7.544   -14.551 1.00 34.61 ? 284 HOH A O   1 
HETATM 1335 O O   . HOH B 2 .   ? 10.316  -7.291  -12.396 1.00 31.48 ? 285 HOH A O   1 
HETATM 1336 O O   . HOH B 2 .   ? -1.342  8.827   12.412  1.00 35.41 ? 286 HOH A O   1 
HETATM 1337 O O   . HOH B 2 .   ? 12.538  -4.698  -11.356 1.00 34.32 ? 287 HOH A O   1 
HETATM 1338 O O   . HOH B 2 .   ? 4.223   18.541  0.874   1.00 33.65 ? 288 HOH A O   1 
HETATM 1339 O O   . HOH B 2 .   ? -9.256  12.608  -16.557 1.00 41.78 ? 289 HOH A O   1 
HETATM 1340 O O   . HOH B 2 .   ? -9.392  -5.786  -0.915  1.00 40.29 ? 290 HOH A O   1 
HETATM 1341 O O   . HOH B 2 .   ? 20.401  -8.369  -4.964  1.00 42.85 ? 291 HOH A O   1 
HETATM 1342 O O   . HOH B 2 .   ? -15.984 9.834   -14.741 1.00 43.25 ? 292 HOH A O   1 
HETATM 1343 O O   . HOH B 2 .   ? -12.656 10.664  -14.820 1.00 35.35 ? 293 HOH A O   1 
HETATM 1344 O O   . HOH B 2 .   ? 11.092  -8.022  -14.780 1.00 36.31 ? 294 HOH A O   1 
HETATM 1345 O O   . HOH B 2 .   ? -9.233  16.781  3.794   1.00 47.31 ? 295 HOH A O   1 
HETATM 1346 O O   . HOH B 2 .   ? 5.037   -16.910 5.961   1.00 52.72 ? 296 HOH A O   1 
HETATM 1347 O O   . HOH B 2 .   ? -3.141  -17.362 3.448   1.00 35.44 ? 297 HOH A O   1 
HETATM 1348 O O   . HOH B 2 .   ? -17.089 -0.557  -16.650 1.00 49.58 ? 298 HOH A O   1 
HETATM 1349 O O   . HOH B 2 .   ? -7.972  -4.639  -3.756  1.00 35.93 ? 299 HOH A O   1 
HETATM 1350 O O   . HOH B 2 .   ? -10.646 -10.371 4.115   1.00 31.94 ? 300 HOH A O   1 
HETATM 1351 O O   . HOH B 2 .   ? 16.442  -9.686  1.111   1.00 40.40 ? 301 HOH A O   1 
HETATM 1352 O O   . HOH B 2 .   ? 16.184  -1.314  6.462   1.00 34.76 ? 302 HOH A O   1 
HETATM 1353 O O   . HOH B 2 .   ? -13.591 -5.756  7.939   1.00 35.96 ? 303 HOH A O   1 
HETATM 1354 O O   . HOH B 2 .   ? -19.562 5.306   -9.218  1.00 44.42 ? 304 HOH A O   1 
HETATM 1355 O O   . HOH B 2 .   ? -16.698 -2.405  5.579   1.00 41.41 ? 305 HOH A O   1 
HETATM 1356 O O   . HOH B 2 .   ? -5.038  1.989   11.623  1.00 35.67 ? 306 HOH A O   1 
HETATM 1357 O O   . HOH B 2 .   ? -19.482 8.533   -17.158 1.00 51.88 ? 307 HOH A O   1 
HETATM 1358 O O   . HOH B 2 .   ? -15.809 10.611  -6.976  1.00 38.57 ? 308 HOH A O   1 
HETATM 1359 O O   . HOH B 2 .   ? 17.589  0.398   -3.868  1.00 22.94 ? 309 HOH A O   1 
HETATM 1360 O O   . HOH B 2 .   ? 4.239   -5.261  13.637  1.00 32.81 ? 310 HOH A O   1 
HETATM 1361 O O   . HOH B 2 .   ? -18.946 3.413   5.621   1.00 45.28 ? 311 HOH A O   1 
HETATM 1362 O O   . HOH B 2 .   ? -11.472 16.647  5.269   1.00 41.32 ? 312 HOH A O   1 
HETATM 1363 O O   . HOH B 2 .   ? -0.831  7.187   -15.032 1.00 43.96 ? 313 HOH A O   1 
HETATM 1364 O O   . HOH B 2 .   ? -14.960 13.102  -6.327  1.00 45.39 ? 314 HOH A O   1 
HETATM 1365 O O   . HOH B 2 .   ? 17.192  -11.701 4.866   1.00 37.19 ? 315 HOH A O   1 
HETATM 1366 O O   . HOH B 2 .   ? -0.011  9.768   -15.516 1.00 47.41 ? 316 HOH A O   1 
HETATM 1367 O O   . HOH B 2 .   ? 18.359  1.262   -0.823  1.00 28.71 ? 317 HOH A O   1 
HETATM 1368 O O   . HOH B 2 .   ? -16.663 -1.681  -2.476  1.00 32.38 ? 318 HOH A O   1 
HETATM 1369 O O   . HOH B 2 .   ? -15.197 -1.016  -4.181  1.00 30.85 ? 319 HOH A O   1 
HETATM 1370 O O   . HOH B 2 .   ? 15.609  6.295   -3.961  1.00 33.33 ? 320 HOH A O   1 
HETATM 1371 O O   . HOH B 2 .   ? -3.080  -16.689 8.614   1.00 39.84 ? 321 HOH A O   1 
HETATM 1372 O O   . HOH B 2 .   ? 11.629  10.280  -5.314  1.00 37.85 ? 322 HOH A O   1 
HETATM 1373 O O   . HOH B 2 .   ? 0.936   13.183  -8.462  1.00 26.04 ? 323 HOH A O   1 
HETATM 1374 O O   . HOH B 2 .   ? -12.454 11.475  7.722   1.00 30.08 ? 324 HOH A O   1 
HETATM 1375 O O   . HOH B 2 .   ? -11.620 -2.629  -4.563  1.00 25.49 ? 325 HOH A O   1 
HETATM 1376 O O   . HOH B 2 .   ? 8.042   6.344   6.914   1.00 44.48 ? 326 HOH A O   1 
HETATM 1377 O O   . HOH B 2 .   ? -17.766 10.090  2.003   1.00 40.55 ? 327 HOH A O   1 
HETATM 1378 O O   . HOH B 2 .   ? -12.964 -2.172  13.785  1.00 43.79 ? 328 HOH A O   1 
HETATM 1379 O O   . HOH B 2 .   ? -1.316  -20.324 -5.692  1.00 33.44 ? 329 HOH A O   1 
HETATM 1380 O O   . HOH B 2 .   ? 14.124  -8.811  5.102   1.00 47.73 ? 330 HOH A O   1 
HETATM 1381 O O   . HOH B 2 .   ? -3.108  9.970   -14.532 1.00 33.35 ? 331 HOH A O   1 
HETATM 1382 O O   . HOH B 2 .   ? 7.844   -14.518 -0.258  1.00 39.67 ? 332 HOH A O   1 
HETATM 1383 O O   . HOH B 2 .   ? -17.462 9.761   4.626   1.00 48.28 ? 333 HOH A O   1 
HETATM 1384 O O   . HOH B 2 .   ? 3.917   -13.625 -13.801 1.00 37.02 ? 334 HOH A O   1 
HETATM 1385 O O   . HOH B 2 .   ? -6.720  -17.888 -6.861  1.00 45.88 ? 335 HOH A O   1 
HETATM 1386 O O   . HOH B 2 .   ? 0.824   24.575  -4.957  1.00 47.46 ? 336 HOH A O   1 
HETATM 1387 O O   . HOH B 2 .   ? 9.938   -13.650 -3.980  1.00 29.06 ? 337 HOH A O   1 
# 
